data_8VQR
#
_entry.id   8VQR
#
_cell.length_a   80.961
_cell.length_b   118.107
_cell.length_c   112.233
_cell.angle_alpha   90.00
_cell.angle_beta   92.89
_cell.angle_gamma   90.00
#
_symmetry.space_group_name_H-M   'P 1 21 1'
#
loop_
_entity.id
_entity.type
_entity.pdbx_description
1 polymer 'Angiotensin-converting enzyme,Processed angiotensin-converting enzyme 2'
2 polymer 'Spike protein S1'
3 branched alpha-L-fucopyranose-(1-6)-2-acetamido-2-deoxy-beta-D-glucopyranose
4 branched beta-D-mannopyranose-(1-4)-beta-D-mannopyranose-(1-4)-2-acetamido-2-deoxy-beta-D-glucopyranose-(1-4)-[alpha-L-fucopyranose-(1-6)]2-acetamido-2-deoxy-beta-D-glucopyranose
5 branched 2-acetamido-2-deoxy-beta-D-glucopyranose-(1-4)-2-acetamido-2-deoxy-beta-D-glucopyranose
6 branched alpha-D-mannopyranose-(1-3)-beta-D-mannopyranose-(1-4)-2-acetamido-2-deoxy-beta-D-glucopyranose-(1-4)-2-acetamido-2-deoxy-beta-D-glucopyranose
7 branched alpha-D-mannopyranose-(1-3)-beta-D-mannopyranose-(1-4)-2-acetamido-2-deoxy-beta-D-glucopyranose-(1-4)-[alpha-L-fucopyranose-(1-6)]2-acetamido-2-deoxy-beta-D-glucopyranose
8 branched beta-D-mannopyranose-(1-4)-2-acetamido-2-deoxy-beta-D-glucopyranose-(1-4)-2-acetamido-2-deoxy-beta-D-glucopyranose
9 non-polymer 'ZINC ION'
10 non-polymer 'CHLORIDE ION'
11 non-polymer 2-acetamido-2-deoxy-beta-D-glucopyranose
12 non-polymer 1,2-ETHANEDIOL
13 water water
#
loop_
_entity_poly.entity_id
_entity_poly.type
_entity_poly.pdbx_seq_one_letter_code
_entity_poly.pdbx_strand_id
1 'polypeptide(L)'
;STEDLVNTFLEKFNYEAEELSYQSSLASWNYNTNITEENVQNMNNAGDKWSAFLKEQSKLAKTYPLEEIQDSTVKRQLQA
LQQNGSSVLSEDKSKRLNTILNTMSTIYSTGKVCNPDNPQECLLLEPGLNEIMANSLDYNERLWAWESWRSEVGKQLRPL
YEEYVVLKNEMARANHYEDYGDYWRGDYEVNGVDGYDYSRGQLIEDVEHTFEEIKPLYEHLHAYVRAKLMNAYPSYISPI
GCLPAHLLGDMWGRFWTNLYSLTVPFGQKPNIDVTDAMVDQAWDAQRIFKEAEKFFVSVGLPNMTQGFWENSMLTEPSDS
WKVVCHPTAWDLGRGDFRIKMCTKVTMDDFLTAHHEMGHIQYDMAYAAQPFLLRNGANEGFHEAVGEIMSLSAATPKHLK
SIGLLSPDFQEDNETEINFLLKQALTIVGTLPFTYMLEKWRWMVFKGEIPKDQWMKKWWEMKREIVGVVEPVPHDETYCD
PASLFHVSNDYSFIRYYTRTLYQFQFQEALCQAAKHEGPLHKCDISNSTEAGQKLFNMLRLGKSEPWTLALENVVGAKNM
NVRPLLNYFEPLFTWLKDQNKNSFVGWSTDWSPYADHHHHHH
;
A,B
2 'polypeptide(L)'
;RVVPSGDVVRFPNITNLCPFGEVFNATKFPSVYAWERKKISNCVADYSVLYNSTFFSTFKCYGVSATKLNDLCFSNVYAD
SFVVKGDDVRQIAPGQTGVIADYNYKLPDDFMGCVLAWNTRNIDATSTGNYNYKYRLFRKSNLKPFERDISTEIYQAGST
PCNGVEGFNCYFPLQSYGFQPTNGVGYQPYRVVVLSFELLNAPATVCGPKLSTDLIKSGENLYFQGHHHHHH
;
E,F
#
# COMPACT_ATOMS: atom_id res chain seq x y z
N THR A 2 22.60 -8.94 -46.62
CA THR A 2 23.29 -9.71 -45.59
C THR A 2 22.36 -9.98 -44.41
N GLU A 3 21.49 -9.00 -44.13
CA GLU A 3 20.51 -9.20 -43.07
C GLU A 3 19.47 -10.24 -43.45
N ASP A 4 19.18 -10.37 -44.75
CA ASP A 4 18.29 -11.42 -45.25
C ASP A 4 18.97 -12.78 -45.30
N LEU A 5 20.31 -12.83 -45.32
CA LEU A 5 21.00 -14.11 -45.31
C LEU A 5 20.84 -14.82 -43.97
N VAL A 6 20.92 -14.07 -42.88
CA VAL A 6 20.75 -14.68 -41.56
C VAL A 6 19.35 -15.24 -41.39
N ASN A 7 18.36 -14.59 -42.02
CA ASN A 7 16.98 -15.08 -41.94
C ASN A 7 16.85 -16.46 -42.57
N THR A 8 17.42 -16.65 -43.76
CA THR A 8 17.35 -17.96 -44.40
C THR A 8 18.23 -18.98 -43.68
N PHE A 9 19.30 -18.53 -43.01
CA PHE A 9 20.14 -19.45 -42.26
C PHE A 9 19.42 -19.97 -41.03
N LEU A 10 18.81 -19.05 -40.26
CA LEU A 10 18.09 -19.46 -39.06
C LEU A 10 16.84 -20.26 -39.40
N GLU A 11 16.21 -19.98 -40.55
CA GLU A 11 15.03 -20.74 -40.94
C GLU A 11 15.34 -22.20 -41.24
N LYS A 12 16.58 -22.51 -41.60
CA LYS A 12 17.00 -23.91 -41.68
C LYS A 12 17.46 -24.44 -40.33
N PHE A 13 18.14 -23.61 -39.53
CA PHE A 13 18.55 -24.05 -38.20
C PHE A 13 17.33 -24.37 -37.34
N ASN A 14 16.29 -23.54 -37.42
CA ASN A 14 15.12 -23.75 -36.56
C ASN A 14 14.42 -25.05 -36.86
N TYR A 15 14.40 -25.48 -38.13
CA TYR A 15 13.69 -26.69 -38.50
C TYR A 15 14.57 -27.93 -38.41
N GLU A 16 15.88 -27.79 -38.67
CA GLU A 16 16.78 -28.92 -38.44
C GLU A 16 17.06 -29.14 -36.96
N ALA A 17 16.97 -28.09 -36.15
CA ALA A 17 17.07 -28.26 -34.70
C ALA A 17 15.87 -29.01 -34.16
N GLU A 18 14.67 -28.70 -34.66
CA GLU A 18 13.48 -29.43 -34.24
C GLU A 18 13.66 -30.92 -34.40
N GLU A 19 14.36 -31.35 -35.46
CA GLU A 19 14.56 -32.76 -35.70
C GLU A 19 15.55 -33.35 -34.71
N LEU A 20 16.76 -32.78 -34.64
CA LEU A 20 17.81 -33.38 -33.82
C LEU A 20 17.53 -33.19 -32.33
N SER A 21 16.92 -32.07 -31.94
CA SER A 21 16.63 -31.84 -30.52
C SER A 21 15.52 -32.77 -30.04
N TYR A 22 14.49 -32.99 -30.87
CA TYR A 22 13.40 -33.87 -30.45
C TYR A 22 13.85 -35.33 -30.41
N GLN A 23 14.73 -35.74 -31.33
CA GLN A 23 15.22 -37.11 -31.32
C GLN A 23 16.17 -37.35 -30.15
N SER A 24 17.02 -36.37 -29.86
CA SER A 24 17.90 -36.48 -28.69
C SER A 24 17.11 -36.42 -27.39
N SER A 25 15.99 -35.70 -27.38
CA SER A 25 15.16 -35.63 -26.19
C SER A 25 14.32 -36.90 -26.02
N LEU A 26 13.81 -37.46 -27.12
CA LEU A 26 13.07 -38.72 -27.03
C LEU A 26 13.99 -39.85 -26.59
N ALA A 27 15.23 -39.88 -27.09
CA ALA A 27 16.17 -40.92 -26.69
C ALA A 27 16.61 -40.72 -25.24
N SER A 28 16.77 -39.46 -24.82
CA SER A 28 17.14 -39.19 -23.43
C SER A 28 16.05 -39.62 -22.46
N TRP A 29 14.78 -39.53 -22.88
CA TRP A 29 13.68 -39.95 -22.03
C TRP A 29 13.70 -41.45 -21.79
N ASN A 30 14.01 -42.23 -22.83
CA ASN A 30 14.01 -43.69 -22.68
C ASN A 30 15.07 -44.16 -21.71
N TYR A 31 16.20 -43.45 -21.60
CA TYR A 31 17.20 -43.83 -20.61
C TYR A 31 16.70 -43.52 -19.20
N ASN A 32 16.11 -42.35 -19.01
CA ASN A 32 15.59 -42.00 -17.70
C ASN A 32 14.35 -42.81 -17.34
N THR A 33 13.69 -43.43 -18.31
CA THR A 33 12.63 -44.38 -18.03
C THR A 33 13.08 -45.83 -18.13
N ASN A 34 14.35 -46.08 -18.46
CA ASN A 34 14.87 -47.43 -18.54
C ASN A 34 16.41 -47.30 -18.57
N ILE A 35 17.05 -47.59 -17.44
CA ILE A 35 18.52 -47.54 -17.38
C ILE A 35 19.04 -48.88 -17.88
N THR A 36 19.40 -48.92 -19.17
CA THR A 36 20.00 -50.10 -19.76
C THR A 36 20.99 -49.63 -20.82
N GLU A 37 22.13 -50.33 -20.91
CA GLU A 37 23.15 -49.99 -21.89
C GLU A 37 22.59 -49.90 -23.30
N GLU A 38 21.54 -50.66 -23.59
CA GLU A 38 20.81 -50.49 -24.85
C GLU A 38 20.33 -49.05 -25.00
N ASN A 39 19.67 -48.51 -23.98
CA ASN A 39 19.19 -47.14 -24.05
C ASN A 39 20.27 -46.10 -23.78
N VAL A 40 21.27 -46.44 -22.96
CA VAL A 40 22.35 -45.49 -22.69
C VAL A 40 23.10 -45.14 -23.96
N GLN A 41 23.32 -46.13 -24.83
CA GLN A 41 24.03 -45.87 -26.08
C GLN A 41 23.15 -45.11 -27.06
N ASN A 42 21.87 -45.50 -27.17
CA ASN A 42 20.97 -44.80 -28.07
C ASN A 42 20.78 -43.34 -27.65
N MET A 43 20.65 -43.09 -26.34
CA MET A 43 20.54 -41.73 -25.84
C MET A 43 21.77 -40.90 -26.20
N ASN A 44 22.96 -41.47 -25.95
CA ASN A 44 24.19 -40.73 -26.21
C ASN A 44 24.37 -40.46 -27.70
N ASN A 45 24.03 -41.44 -28.55
CA ASN A 45 24.18 -41.26 -29.99
C ASN A 45 23.35 -40.09 -30.51
N ALA A 46 22.06 -40.08 -30.18
CA ALA A 46 21.19 -38.97 -30.59
C ALA A 46 21.67 -37.65 -30.02
N GLY A 47 22.19 -37.67 -28.78
CA GLY A 47 22.75 -36.46 -28.21
C GLY A 47 24.02 -36.02 -28.89
N ASP A 48 24.83 -36.97 -29.37
CA ASP A 48 26.05 -36.63 -30.08
C ASP A 48 25.75 -35.93 -31.40
N LYS A 49 24.74 -36.41 -32.12
CA LYS A 49 24.32 -35.77 -33.37
C LYS A 49 23.92 -34.32 -33.12
N TRP A 50 23.05 -34.11 -32.12
CA TRP A 50 22.61 -32.77 -31.78
C TRP A 50 23.76 -31.89 -31.32
N SER A 51 24.77 -32.48 -30.67
CA SER A 51 25.95 -31.71 -30.28
C SER A 51 26.78 -31.31 -31.49
N ALA A 52 27.10 -32.27 -32.36
CA ALA A 52 27.88 -31.96 -33.55
C ALA A 52 27.17 -30.95 -34.44
N PHE A 53 25.84 -30.98 -34.46
CA PHE A 53 25.08 -29.95 -35.18
C PHE A 53 25.39 -28.56 -34.64
N LEU A 54 25.36 -28.40 -33.33
CA LEU A 54 25.65 -27.10 -32.72
C LEU A 54 27.08 -26.65 -33.00
N LYS A 55 28.01 -27.58 -33.16
CA LYS A 55 29.39 -27.23 -33.52
C LYS A 55 29.43 -26.51 -34.86
N GLU A 56 28.91 -27.14 -35.91
CA GLU A 56 28.97 -26.55 -37.24
C GLU A 56 28.12 -25.29 -37.33
N GLN A 57 26.90 -25.33 -36.79
CA GLN A 57 25.99 -24.20 -36.93
C GLN A 57 26.51 -22.97 -36.19
N SER A 58 27.22 -23.17 -35.07
CA SER A 58 27.77 -22.02 -34.35
C SER A 58 28.93 -21.40 -35.11
N LYS A 59 29.77 -22.22 -35.74
CA LYS A 59 30.84 -21.67 -36.57
C LYS A 59 30.28 -20.91 -37.76
N LEU A 60 29.27 -21.48 -38.42
CA LEU A 60 28.61 -20.79 -39.52
C LEU A 60 27.92 -19.51 -39.04
N ALA A 61 27.36 -19.53 -37.83
CA ALA A 61 26.67 -18.35 -37.32
C ALA A 61 27.62 -17.19 -37.09
N LYS A 62 28.86 -17.47 -36.66
CA LYS A 62 29.81 -16.39 -36.44
C LYS A 62 30.23 -15.70 -37.74
N THR A 63 30.12 -16.39 -38.87
CA THR A 63 30.51 -15.79 -40.15
C THR A 63 29.65 -14.59 -40.50
N TYR A 64 28.42 -14.56 -39.99
CA TYR A 64 27.55 -13.41 -40.24
C TYR A 64 27.82 -12.35 -39.18
N PRO A 65 27.93 -11.07 -39.56
CA PRO A 65 28.19 -10.03 -38.56
C PRO A 65 26.96 -9.74 -37.72
N LEU A 66 27.15 -9.75 -36.39
CA LEU A 66 26.03 -9.50 -35.48
C LEU A 66 25.54 -8.05 -35.57
N GLU A 67 26.45 -7.09 -35.68
CA GLU A 67 26.07 -5.68 -35.71
C GLU A 67 25.41 -5.26 -37.02
N GLU A 68 25.56 -6.04 -38.09
CA GLU A 68 24.92 -5.69 -39.35
C GLU A 68 23.44 -6.07 -39.40
N ILE A 69 22.88 -6.53 -38.28
CA ILE A 69 21.47 -6.89 -38.19
C ILE A 69 20.72 -5.78 -37.46
N GLN A 70 19.50 -5.50 -37.91
CA GLN A 70 18.65 -4.46 -37.32
C GLN A 70 17.53 -5.05 -36.47
N ASP A 71 16.83 -6.05 -37.00
CA ASP A 71 15.75 -6.69 -36.27
C ASP A 71 16.27 -7.22 -34.93
N SER A 72 15.74 -6.69 -33.83
CA SER A 72 16.18 -7.10 -32.51
C SER A 72 16.00 -8.59 -32.30
N THR A 73 14.79 -9.10 -32.61
CA THR A 73 14.52 -10.52 -32.42
C THR A 73 15.44 -11.39 -33.26
N VAL A 74 15.75 -10.95 -34.48
CA VAL A 74 16.67 -11.71 -35.33
C VAL A 74 18.09 -11.60 -34.81
N LYS A 75 18.52 -10.40 -34.41
CA LYS A 75 19.85 -10.22 -33.86
C LYS A 75 20.06 -11.09 -32.63
N ARG A 76 19.05 -11.18 -31.76
CA ARG A 76 19.16 -12.02 -30.57
C ARG A 76 19.29 -13.50 -30.92
N GLN A 77 18.66 -13.94 -32.01
CA GLN A 77 18.74 -15.34 -32.39
C GLN A 77 20.14 -15.73 -32.83
N LEU A 78 20.74 -14.96 -33.74
CA LEU A 78 22.08 -15.27 -34.23
C LEU A 78 23.10 -15.21 -33.10
N GLN A 79 22.94 -14.27 -32.17
CA GLN A 79 23.87 -14.14 -31.04
C GLN A 79 23.94 -15.43 -30.23
N ALA A 80 22.77 -16.00 -29.88
CA ALA A 80 22.76 -17.22 -29.08
C ALA A 80 23.53 -18.34 -29.76
N LEU A 81 23.37 -18.49 -31.08
CA LEU A 81 24.11 -19.51 -31.81
C LEU A 81 25.60 -19.21 -31.82
N GLN A 82 25.97 -17.95 -32.07
CA GLN A 82 27.39 -17.59 -32.10
C GLN A 82 28.03 -17.76 -30.72
N GLN A 83 27.34 -17.33 -29.66
CA GLN A 83 27.87 -17.47 -28.32
C GLN A 83 28.00 -18.94 -27.89
N ASN A 84 27.40 -19.85 -28.64
CA ASN A 84 27.48 -21.28 -28.31
C ASN A 84 28.75 -21.92 -28.85
N GLY A 85 29.60 -21.18 -29.55
CA GLY A 85 30.82 -21.72 -30.10
C GLY A 85 32.05 -21.44 -29.24
N SER A 86 32.41 -22.39 -28.38
CA SER A 86 33.60 -22.30 -27.56
C SER A 86 34.66 -23.30 -28.00
N SER A 87 34.71 -23.58 -29.31
CA SER A 87 35.62 -24.57 -29.88
C SER A 87 36.97 -23.96 -30.20
N VAL A 88 37.73 -23.68 -29.12
CA VAL A 88 39.06 -23.11 -29.26
C VAL A 88 39.98 -23.81 -28.26
N LEU A 89 40.35 -25.04 -28.58
CA LEU A 89 41.24 -25.84 -27.74
C LEU A 89 41.81 -26.96 -28.61
N SER A 90 42.81 -27.65 -28.06
CA SER A 90 43.40 -28.78 -28.75
C SER A 90 42.47 -29.99 -28.64
N GLU A 91 42.43 -30.80 -29.70
CA GLU A 91 41.60 -32.00 -29.66
C GLU A 91 42.04 -32.94 -28.53
N ASP A 92 43.32 -32.89 -28.15
CA ASP A 92 43.83 -33.74 -27.08
C ASP A 92 43.54 -33.14 -25.71
N LYS A 93 43.71 -31.82 -25.58
CA LYS A 93 43.48 -31.18 -24.28
C LYS A 93 42.00 -31.13 -23.93
N SER A 94 41.13 -30.90 -24.92
CA SER A 94 39.70 -30.98 -24.67
C SER A 94 39.29 -32.42 -24.33
N LYS A 95 39.93 -33.40 -24.97
CA LYS A 95 39.70 -34.80 -24.63
C LYS A 95 40.11 -35.09 -23.19
N ARG A 96 41.16 -34.44 -22.72
CA ARG A 96 41.59 -34.62 -21.33
C ARG A 96 40.67 -33.88 -20.38
N LEU A 97 40.25 -32.66 -20.76
CA LEU A 97 39.29 -31.92 -19.95
C LEU A 97 38.00 -32.71 -19.78
N ASN A 98 37.51 -33.31 -20.86
CA ASN A 98 36.34 -34.17 -20.76
C ASN A 98 36.63 -35.41 -19.93
N THR A 99 37.88 -35.88 -19.94
CA THR A 99 38.26 -36.99 -19.08
C THR A 99 38.31 -36.55 -17.62
N ILE A 100 38.82 -35.33 -17.36
CA ILE A 100 38.83 -34.80 -16.01
C ILE A 100 37.42 -34.62 -15.49
N LEU A 101 36.55 -34.00 -16.31
CA LEU A 101 35.17 -33.78 -15.90
C LEU A 101 34.44 -35.09 -15.63
N ASN A 102 34.79 -36.15 -16.37
CA ASN A 102 34.17 -37.45 -16.13
C ASN A 102 34.77 -38.14 -14.91
N THR A 103 36.07 -37.96 -14.68
CA THR A 103 36.69 -38.59 -13.52
C THR A 103 36.17 -38.00 -12.22
N MET A 104 36.05 -36.68 -12.15
CA MET A 104 35.51 -36.04 -10.96
C MET A 104 34.06 -36.45 -10.72
N SER A 105 33.28 -36.58 -11.79
CA SER A 105 31.89 -37.02 -11.65
C SER A 105 31.81 -38.45 -11.13
N THR A 106 32.71 -39.32 -11.61
CA THR A 106 32.66 -40.71 -11.17
C THR A 106 33.15 -40.86 -9.74
N ILE A 107 34.20 -40.13 -9.37
CA ILE A 107 34.69 -40.18 -7.99
C ILE A 107 33.61 -39.68 -7.02
N TYR A 108 32.91 -38.61 -7.39
CA TYR A 108 31.88 -38.05 -6.52
C TYR A 108 30.70 -39.00 -6.39
N SER A 109 30.33 -39.68 -7.49
CA SER A 109 29.15 -40.54 -7.48
C SER A 109 29.45 -41.94 -6.94
N THR A 110 30.70 -42.40 -7.03
CA THR A 110 31.07 -43.72 -6.56
C THR A 110 31.89 -43.70 -5.27
N GLY A 111 32.27 -42.52 -4.77
CA GLY A 111 33.06 -42.41 -3.56
C GLY A 111 32.42 -43.09 -2.37
N LYS A 112 33.18 -43.98 -1.72
CA LYS A 112 32.68 -44.73 -0.58
C LYS A 112 33.65 -44.57 0.59
N VAL A 113 33.09 -44.45 1.80
CA VAL A 113 33.87 -44.45 3.03
C VAL A 113 33.36 -45.58 3.92
N CYS A 114 34.28 -46.20 4.65
CA CYS A 114 33.98 -47.33 5.51
C CYS A 114 34.14 -46.95 6.97
N ASN A 115 33.23 -47.44 7.80
CA ASN A 115 33.27 -47.16 9.24
C ASN A 115 34.51 -47.79 9.85
N PRO A 116 35.40 -47.01 10.48
CA PRO A 116 36.60 -47.62 11.08
C PRO A 116 36.31 -48.60 12.19
N ASP A 117 35.17 -48.45 12.88
CA ASP A 117 34.81 -49.39 13.93
C ASP A 117 34.35 -50.72 13.33
N ASN A 118 33.50 -50.66 12.30
CA ASN A 118 32.99 -51.85 11.62
C ASN A 118 33.26 -51.67 10.13
N PRO A 119 34.38 -52.20 9.63
CA PRO A 119 34.67 -52.08 8.19
C PRO A 119 33.67 -52.79 7.28
N GLN A 120 32.74 -53.57 7.84
CA GLN A 120 31.70 -54.18 7.02
C GLN A 120 30.79 -53.13 6.41
N GLU A 121 30.51 -52.07 7.16
CA GLU A 121 29.64 -50.99 6.69
C GLU A 121 30.48 -49.95 5.96
N CYS A 122 30.46 -50.00 4.63
CA CYS A 122 31.06 -48.97 3.81
C CYS A 122 29.93 -48.17 3.17
N LEU A 123 29.96 -46.85 3.37
CA LEU A 123 28.87 -45.97 2.97
C LEU A 123 29.35 -45.02 1.87
N LEU A 124 28.54 -44.90 0.82
CA LEU A 124 28.72 -43.86 -0.17
C LEU A 124 27.93 -42.63 0.28
N LEU A 125 27.97 -41.57 -0.52
CA LEU A 125 27.30 -40.34 -0.12
C LEU A 125 25.80 -40.55 0.03
N GLU A 126 25.10 -40.80 -1.09
CA GLU A 126 23.66 -41.03 -1.03
C GLU A 126 23.37 -42.48 -1.39
N PRO A 127 22.72 -43.24 -0.51
CA PRO A 127 22.33 -42.89 0.85
C PRO A 127 23.45 -43.32 1.81
N GLY A 128 23.39 -42.93 3.08
CA GLY A 128 24.45 -43.28 4.01
C GLY A 128 25.01 -42.06 4.70
N LEU A 129 26.04 -41.45 4.11
CA LEU A 129 26.62 -40.26 4.72
C LEU A 129 25.60 -39.14 4.83
N ASN A 130 24.69 -39.05 3.86
CA ASN A 130 23.63 -38.03 3.95
C ASN A 130 22.64 -38.35 5.05
N GLU A 131 22.39 -39.65 5.30
CA GLU A 131 21.53 -40.03 6.41
C GLU A 131 22.19 -39.71 7.75
N ILE A 132 23.51 -39.80 7.82
CA ILE A 132 24.22 -39.46 9.05
C ILE A 132 24.18 -37.96 9.28
N MET A 133 24.48 -37.17 8.24
CA MET A 133 24.55 -35.73 8.38
C MET A 133 23.18 -35.10 8.64
N ALA A 134 22.10 -35.82 8.34
CA ALA A 134 20.76 -35.26 8.45
C ALA A 134 19.98 -35.76 9.67
N ASN A 135 20.37 -36.90 10.23
CA ASN A 135 19.62 -37.48 11.34
C ASN A 135 20.45 -37.72 12.60
N SER A 136 21.75 -37.98 12.47
CA SER A 136 22.56 -38.31 13.64
C SER A 136 22.76 -37.08 14.51
N LEU A 137 22.71 -37.30 15.83
CA LEU A 137 22.96 -36.25 16.82
C LEU A 137 24.27 -36.48 17.58
N ASP A 138 25.15 -37.33 17.04
CA ASP A 138 26.42 -37.64 17.67
C ASP A 138 27.50 -36.78 17.04
N TYR A 139 28.17 -35.98 17.86
CA TYR A 139 29.19 -35.06 17.35
C TYR A 139 30.28 -35.82 16.60
N ASN A 140 30.77 -36.92 17.18
CA ASN A 140 31.87 -37.66 16.57
C ASN A 140 31.42 -38.40 15.31
N GLU A 141 30.22 -39.00 15.34
CA GLU A 141 29.71 -39.70 14.17
C GLU A 141 29.56 -38.75 12.99
N ARG A 142 28.98 -37.57 13.23
CA ARG A 142 28.86 -36.58 12.17
C ARG A 142 30.24 -36.07 11.73
N LEU A 143 31.15 -35.87 12.69
CA LEU A 143 32.49 -35.43 12.34
C LEU A 143 33.21 -36.46 11.46
N TRP A 144 32.99 -37.75 11.72
CA TRP A 144 33.60 -38.78 10.90
C TRP A 144 33.12 -38.70 9.46
N ALA A 145 31.81 -38.73 9.25
CA ALA A 145 31.25 -38.66 7.90
C ALA A 145 31.67 -37.38 7.19
N TRP A 146 31.64 -36.26 7.90
CA TRP A 146 32.04 -34.98 7.32
C TRP A 146 33.50 -35.00 6.90
N GLU A 147 34.38 -35.48 7.79
CA GLU A 147 35.81 -35.48 7.48
C GLU A 147 36.16 -36.56 6.47
N SER A 148 35.50 -37.72 6.53
CA SER A 148 35.81 -38.81 5.62
C SER A 148 35.55 -38.40 4.17
N TRP A 149 34.38 -37.80 3.91
CA TRP A 149 34.05 -37.41 2.54
C TRP A 149 35.05 -36.43 1.96
N ARG A 150 35.68 -35.62 2.81
CA ARG A 150 36.66 -34.64 2.35
C ARG A 150 38.09 -35.16 2.41
N SER A 151 38.37 -36.17 3.22
CA SER A 151 39.71 -36.74 3.29
C SER A 151 39.91 -37.89 2.32
N GLU A 152 38.84 -38.59 1.94
CA GLU A 152 38.94 -39.67 0.97
C GLU A 152 38.67 -39.15 -0.43
N VAL A 153 37.38 -39.02 -0.78
CA VAL A 153 37.01 -38.55 -2.11
C VAL A 153 37.40 -37.09 -2.32
N GLY A 154 37.48 -36.31 -1.24
CA GLY A 154 37.85 -34.91 -1.38
C GLY A 154 39.27 -34.72 -1.87
N LYS A 155 40.21 -35.50 -1.32
CA LYS A 155 41.60 -35.39 -1.74
C LYS A 155 41.82 -35.91 -3.15
N GLN A 156 41.08 -36.96 -3.54
CA GLN A 156 41.21 -37.49 -4.89
C GLN A 156 40.85 -36.44 -5.94
N LEU A 157 39.92 -35.55 -5.61
CA LEU A 157 39.50 -34.51 -6.53
C LEU A 157 40.42 -33.30 -6.52
N ARG A 158 41.36 -33.23 -5.59
CA ARG A 158 42.26 -32.07 -5.53
C ARG A 158 43.13 -31.94 -6.77
N PRO A 159 43.90 -32.94 -7.20
CA PRO A 159 44.69 -32.76 -8.42
C PRO A 159 43.85 -32.58 -9.66
N LEU A 160 42.70 -33.27 -9.73
CA LEU A 160 41.82 -33.13 -10.89
C LEU A 160 41.28 -31.71 -11.00
N TYR A 161 40.89 -31.12 -9.87
CA TYR A 161 40.34 -29.77 -9.90
C TYR A 161 41.40 -28.74 -10.24
N GLU A 162 42.67 -29.02 -9.90
CA GLU A 162 43.75 -28.11 -10.27
C GLU A 162 43.91 -28.03 -11.78
N GLU A 163 44.00 -29.19 -12.43
CA GLU A 163 44.06 -29.21 -13.90
C GLU A 163 42.74 -28.80 -14.52
N TYR A 164 41.63 -29.01 -13.81
CA TYR A 164 40.33 -28.55 -14.29
C TYR A 164 40.30 -27.04 -14.43
N VAL A 165 40.92 -26.32 -13.50
CA VAL A 165 40.94 -24.87 -13.56
C VAL A 165 41.80 -24.39 -14.72
N VAL A 166 42.95 -25.04 -14.93
CA VAL A 166 43.88 -24.61 -15.97
C VAL A 166 43.23 -24.74 -17.35
N LEU A 167 42.61 -25.88 -17.63
CA LEU A 167 42.03 -26.10 -18.95
C LEU A 167 40.79 -25.24 -19.17
N LYS A 168 39.98 -25.05 -18.13
CA LYS A 168 38.78 -24.22 -18.27
C LYS A 168 39.13 -22.76 -18.49
N ASN A 169 40.14 -22.25 -17.79
CA ASN A 169 40.54 -20.86 -17.99
C ASN A 169 41.16 -20.66 -19.37
N GLU A 170 41.92 -21.64 -19.86
CA GLU A 170 42.46 -21.54 -21.21
C GLU A 170 41.35 -21.50 -22.25
N MET A 171 40.30 -22.30 -22.06
CA MET A 171 39.17 -22.27 -22.98
C MET A 171 38.46 -20.92 -22.94
N ALA A 172 38.24 -20.38 -21.75
CA ALA A 172 37.51 -19.13 -21.61
C ALA A 172 38.29 -17.95 -22.21
N ARG A 173 39.59 -17.85 -21.86
CA ARG A 173 40.39 -16.73 -22.32
C ARG A 173 40.50 -16.69 -23.84
N ALA A 174 40.38 -17.84 -24.49
CA ALA A 174 40.39 -17.88 -25.96
C ALA A 174 39.10 -17.33 -26.57
N ASN A 175 38.01 -17.26 -25.79
CA ASN A 175 36.75 -16.69 -26.26
C ASN A 175 36.56 -15.25 -25.80
N HIS A 176 37.64 -14.52 -25.60
CA HIS A 176 37.62 -13.13 -25.15
C HIS A 176 37.01 -12.98 -23.76
N TYR A 177 37.09 -14.03 -22.95
CA TYR A 177 36.64 -13.99 -21.57
C TYR A 177 37.82 -13.79 -20.64
N GLU A 178 37.55 -13.16 -19.50
CA GLU A 178 38.60 -12.96 -18.50
C GLU A 178 39.02 -14.29 -17.87
N ASP A 179 38.04 -15.06 -17.40
CA ASP A 179 38.29 -16.37 -16.82
C ASP A 179 37.02 -17.20 -16.99
N TYR A 180 37.08 -18.45 -16.50
CA TYR A 180 35.89 -19.30 -16.54
C TYR A 180 34.77 -18.71 -15.69
N GLY A 181 35.11 -17.97 -14.63
CA GLY A 181 34.10 -17.27 -13.87
C GLY A 181 33.42 -16.19 -14.68
N ASP A 182 34.19 -15.47 -15.49
CA ASP A 182 33.60 -14.49 -16.40
C ASP A 182 32.72 -15.18 -17.44
N TYR A 183 33.04 -16.42 -17.79
CA TYR A 183 32.22 -17.18 -18.73
C TYR A 183 30.82 -17.43 -18.15
N TRP A 184 30.78 -18.01 -16.95
CA TRP A 184 29.50 -18.29 -16.30
C TRP A 184 28.68 -17.02 -16.10
N ARG A 185 29.35 -15.92 -15.75
CA ARG A 185 28.66 -14.65 -15.50
C ARG A 185 28.00 -14.07 -16.73
N GLY A 186 28.33 -14.58 -17.93
CA GLY A 186 27.71 -14.09 -19.15
C GLY A 186 26.23 -14.38 -19.29
N ASP A 187 25.69 -15.27 -18.46
CA ASP A 187 24.26 -15.59 -18.55
C ASP A 187 23.39 -14.42 -18.11
N TYR A 188 23.97 -13.43 -17.42
CA TYR A 188 23.26 -12.23 -17.03
C TYR A 188 23.65 -11.02 -17.87
N GLU A 189 24.61 -11.16 -18.78
CA GLU A 189 25.09 -10.04 -19.56
C GLU A 189 24.06 -9.65 -20.62
N VAL A 190 23.70 -8.37 -20.63
CA VAL A 190 22.80 -7.80 -21.63
C VAL A 190 23.57 -6.68 -22.33
N ASN A 191 24.15 -7.01 -23.48
CA ASN A 191 24.90 -6.05 -24.30
C ASN A 191 24.00 -5.58 -25.44
N GLY A 192 23.50 -4.36 -25.32
CA GLY A 192 22.50 -3.81 -26.21
C GLY A 192 21.21 -3.52 -25.47
N VAL A 193 20.26 -2.97 -26.23
CA VAL A 193 19.01 -2.43 -25.71
C VAL A 193 19.33 -1.38 -24.66
N ASP A 194 19.06 -0.12 -24.98
CA ASP A 194 19.39 0.97 -24.06
C ASP A 194 18.45 0.97 -22.86
N GLY A 195 19.01 1.25 -21.69
CA GLY A 195 18.25 1.25 -20.46
C GLY A 195 18.04 -0.10 -19.82
N TYR A 196 18.36 -1.19 -20.52
CA TYR A 196 18.19 -2.54 -19.99
C TYR A 196 19.48 -3.36 -20.01
N ASP A 197 20.63 -2.69 -20.04
CA ASP A 197 21.90 -3.39 -20.13
C ASP A 197 22.28 -4.01 -18.78
N TYR A 198 23.31 -4.85 -18.81
CA TYR A 198 23.85 -5.49 -17.63
C TYR A 198 25.20 -6.09 -18.00
N SER A 199 26.17 -6.00 -17.10
CA SER A 199 27.53 -6.40 -17.39
C SER A 199 27.90 -7.65 -16.59
N ARG A 200 28.97 -8.31 -17.03
CA ARG A 200 29.48 -9.48 -16.33
C ARG A 200 30.13 -9.15 -15.00
N GLY A 201 30.27 -7.87 -14.67
CA GLY A 201 30.80 -7.46 -13.39
C GLY A 201 29.74 -6.83 -12.51
N GLN A 202 28.68 -6.31 -13.16
CA GLN A 202 27.57 -5.74 -12.41
C GLN A 202 26.89 -6.78 -11.53
N LEU A 203 26.90 -8.05 -11.94
CA LEU A 203 26.34 -9.10 -11.11
C LEU A 203 27.09 -9.23 -9.79
N ILE A 204 28.43 -9.20 -9.84
CA ILE A 204 29.22 -9.26 -8.63
C ILE A 204 28.86 -8.13 -7.68
N GLU A 205 28.70 -6.92 -8.22
CA GLU A 205 28.34 -5.78 -7.38
C GLU A 205 26.94 -5.94 -6.79
N ASP A 206 25.98 -6.38 -7.62
CA ASP A 206 24.59 -6.47 -7.16
C ASP A 206 24.40 -7.64 -6.18
N VAL A 207 25.12 -8.74 -6.40
CA VAL A 207 25.01 -9.88 -5.47
C VAL A 207 25.55 -9.49 -4.11
N GLU A 208 26.71 -8.83 -4.06
CA GLU A 208 27.28 -8.40 -2.79
C GLU A 208 26.42 -7.31 -2.14
N HIS A 209 25.82 -6.44 -2.94
CA HIS A 209 24.94 -5.40 -2.39
C HIS A 209 23.70 -6.02 -1.75
N THR A 210 23.03 -6.91 -2.48
CA THR A 210 21.85 -7.55 -1.93
C THR A 210 22.18 -8.42 -0.72
N PHE A 211 23.37 -9.03 -0.71
CA PHE A 211 23.77 -9.86 0.42
C PHE A 211 24.02 -9.04 1.68
N GLU A 212 24.43 -7.78 1.53
CA GLU A 212 24.64 -6.93 2.70
C GLU A 212 23.35 -6.69 3.46
N GLU A 213 22.22 -6.63 2.78
CA GLU A 213 20.94 -6.46 3.45
C GLU A 213 20.42 -7.75 4.05
N ILE A 214 20.96 -8.90 3.64
CA ILE A 214 20.59 -10.17 4.25
C ILE A 214 21.40 -10.47 5.51
N LYS A 215 22.56 -9.83 5.68
CA LYS A 215 23.38 -10.03 6.88
C LYS A 215 22.62 -9.89 8.19
N PRO A 216 21.81 -8.84 8.41
CA PRO A 216 21.09 -8.76 9.70
C PRO A 216 20.15 -9.93 9.94
N LEU A 217 19.38 -10.33 8.93
CA LEU A 217 18.48 -11.46 9.10
C LEU A 217 19.25 -12.76 9.33
N TYR A 218 20.34 -12.97 8.59
CA TYR A 218 21.11 -14.20 8.76
C TYR A 218 21.84 -14.21 10.09
N GLU A 219 22.33 -13.06 10.55
CA GLU A 219 23.04 -13.00 11.82
C GLU A 219 22.13 -13.43 12.97
N HIS A 220 20.85 -13.05 12.92
CA HIS A 220 19.93 -13.43 13.97
C HIS A 220 19.46 -14.88 13.84
N LEU A 221 19.31 -15.38 12.62
CA LEU A 221 19.05 -16.80 12.44
C LEU A 221 20.23 -17.63 12.93
N HIS A 222 21.45 -17.15 12.67
CA HIS A 222 22.65 -17.82 13.16
C HIS A 222 22.68 -17.83 14.68
N ALA A 223 22.39 -16.68 15.30
CA ALA A 223 22.41 -16.60 16.76
C ALA A 223 21.36 -17.50 17.38
N TYR A 224 20.15 -17.53 16.81
CA TYR A 224 19.09 -18.39 17.33
C TYR A 224 19.47 -19.87 17.17
N VAL A 225 19.97 -20.25 16.00
CA VAL A 225 20.36 -21.63 15.76
C VAL A 225 21.50 -22.04 16.68
N ARG A 226 22.50 -21.17 16.85
CA ARG A 226 23.65 -21.50 17.70
C ARG A 226 23.19 -21.77 19.13
N ALA A 227 22.32 -20.92 19.66
CA ALA A 227 21.83 -21.12 21.02
C ALA A 227 21.08 -22.45 21.16
N LYS A 228 20.24 -22.77 20.17
CA LYS A 228 19.53 -24.04 20.20
C LYS A 228 20.48 -25.22 20.03
N LEU A 229 21.53 -25.05 19.20
CA LEU A 229 22.48 -26.14 19.00
C LEU A 229 23.40 -26.34 20.20
N MET A 230 23.57 -25.33 21.05
CA MET A 230 24.36 -25.52 22.26
C MET A 230 23.69 -26.50 23.22
N ASN A 231 22.35 -26.51 23.24
CA ASN A 231 21.64 -27.48 24.05
C ASN A 231 21.69 -28.88 23.45
N ALA A 232 21.79 -28.97 22.11
CA ALA A 232 21.84 -30.27 21.47
C ALA A 232 23.23 -30.88 21.54
N TYR A 233 24.27 -30.07 21.36
CA TYR A 233 25.66 -30.52 21.45
C TYR A 233 26.38 -29.72 22.54
N PRO A 234 26.09 -30.00 23.81
CA PRO A 234 26.70 -29.22 24.89
C PRO A 234 28.21 -29.42 24.94
N SER A 235 28.91 -28.36 25.30
CA SER A 235 30.37 -28.29 25.44
C SER A 235 31.12 -28.38 24.13
N TYR A 236 30.42 -28.42 22.99
CA TYR A 236 31.07 -28.46 21.68
C TYR A 236 30.99 -27.15 20.92
N ILE A 237 30.07 -26.27 21.26
CA ILE A 237 29.85 -25.02 20.54
C ILE A 237 30.04 -23.85 21.51
N SER A 238 30.70 -22.81 21.03
CA SER A 238 30.90 -21.57 21.78
C SER A 238 29.75 -20.61 21.52
N PRO A 239 29.30 -19.88 22.54
CA PRO A 239 28.20 -18.93 22.32
C PRO A 239 28.60 -17.72 21.49
N ILE A 240 29.89 -17.52 21.23
CA ILE A 240 30.36 -16.40 20.42
C ILE A 240 31.10 -16.82 19.17
N GLY A 241 31.36 -18.11 18.97
CA GLY A 241 32.09 -18.60 17.82
C GLY A 241 31.17 -19.05 16.69
N CYS A 242 31.80 -19.50 15.61
CA CYS A 242 31.07 -19.99 14.46
C CYS A 242 30.48 -21.37 14.75
N LEU A 243 29.60 -21.82 13.85
CA LEU A 243 29.01 -23.14 13.98
C LEU A 243 29.90 -24.17 13.31
N PRO A 244 30.22 -25.28 13.99
CA PRO A 244 30.98 -26.35 13.32
C PRO A 244 30.23 -26.87 12.10
N ALA A 245 30.99 -27.17 11.04
CA ALA A 245 30.38 -27.49 9.76
C ALA A 245 29.58 -28.79 9.79
N HIS A 246 30.00 -29.77 10.59
CA HIS A 246 29.34 -31.06 10.60
C HIS A 246 28.05 -31.08 11.43
N LEU A 247 27.60 -29.94 11.94
CA LEU A 247 26.40 -29.86 12.76
C LEU A 247 25.28 -29.07 12.08
N LEU A 248 25.36 -28.89 10.76
CA LEU A 248 24.48 -27.98 10.06
C LEU A 248 23.31 -28.66 9.34
N GLY A 249 23.21 -29.99 9.39
CA GLY A 249 22.08 -30.71 8.86
C GLY A 249 22.36 -31.48 7.58
N ASP A 250 23.43 -31.16 6.86
CA ASP A 250 23.83 -31.93 5.69
C ASP A 250 25.35 -32.00 5.62
N MET A 251 25.85 -32.54 4.51
CA MET A 251 27.28 -32.78 4.37
C MET A 251 28.08 -31.47 4.31
N TRP A 252 27.47 -30.38 3.84
CA TRP A 252 28.17 -29.13 3.62
C TRP A 252 27.61 -27.96 4.39
N GLY A 253 26.39 -28.05 4.90
CA GLY A 253 25.72 -26.90 5.47
C GLY A 253 24.98 -26.06 4.45
N ARG A 254 24.77 -26.59 3.24
CA ARG A 254 24.06 -25.85 2.21
C ARG A 254 22.64 -25.51 2.63
N PHE A 255 22.01 -26.38 3.42
CA PHE A 255 20.66 -26.16 3.91
C PHE A 255 20.62 -26.49 5.39
N TRP A 256 19.92 -25.65 6.15
CA TRP A 256 19.67 -25.90 7.57
C TRP A 256 18.31 -26.54 7.81
N THR A 257 17.74 -27.20 6.79
CA THR A 257 16.39 -27.75 6.90
C THR A 257 16.30 -28.80 7.99
N ASN A 258 17.29 -29.69 8.07
CA ASN A 258 17.25 -30.79 9.03
C ASN A 258 17.50 -30.35 10.46
N LEU A 259 17.78 -29.07 10.70
CA LEU A 259 17.94 -28.54 12.04
C LEU A 259 16.61 -28.12 12.67
N TYR A 260 15.50 -28.29 11.95
CA TYR A 260 14.20 -27.85 12.48
C TYR A 260 13.83 -28.60 13.75
N SER A 261 14.13 -29.90 13.80
CA SER A 261 13.83 -30.68 15.01
C SER A 261 14.60 -30.16 16.22
N LEU A 262 15.78 -29.57 15.99
CA LEU A 262 16.58 -29.04 17.08
C LEU A 262 16.34 -27.56 17.33
N THR A 263 15.74 -26.85 16.38
CA THR A 263 15.56 -25.40 16.47
C THR A 263 14.10 -24.98 16.33
N VAL A 264 13.16 -25.91 16.52
CA VAL A 264 11.75 -25.56 16.35
C VAL A 264 11.36 -24.53 17.40
N PRO A 265 10.72 -23.41 17.03
CA PRO A 265 10.38 -22.38 18.02
C PRO A 265 9.36 -22.86 19.05
N PHE A 266 8.23 -23.35 18.58
CA PHE A 266 7.14 -23.81 19.45
C PHE A 266 6.80 -25.24 19.04
N GLY A 267 7.52 -26.20 19.63
CA GLY A 267 7.38 -27.59 19.25
C GLY A 267 6.09 -28.24 19.70
N GLN A 268 5.37 -27.61 20.63
CA GLN A 268 4.14 -28.23 21.13
C GLN A 268 3.00 -28.11 20.13
N LYS A 269 3.02 -27.11 19.26
CA LYS A 269 1.99 -27.01 18.24
C LYS A 269 2.15 -28.12 17.21
N PRO A 270 1.05 -28.68 16.70
CA PRO A 270 1.15 -29.71 15.66
C PRO A 270 1.63 -29.15 14.33
N ASN A 271 2.21 -30.04 13.53
CA ASN A 271 2.80 -29.66 12.25
C ASN A 271 1.73 -29.75 11.18
N ILE A 272 1.75 -28.79 10.24
CA ILE A 272 0.79 -28.78 9.15
C ILE A 272 1.05 -29.86 8.11
N ASP A 273 2.19 -30.56 8.17
CA ASP A 273 2.48 -31.62 7.22
C ASP A 273 1.69 -32.86 7.62
N VAL A 274 0.44 -32.89 7.15
CA VAL A 274 -0.52 -33.96 7.49
C VAL A 274 -0.30 -35.15 6.56
N THR A 275 0.92 -35.28 6.02
CA THR A 275 1.26 -36.35 5.09
C THR A 275 0.72 -37.69 5.53
N ASP A 276 0.90 -38.05 6.80
CA ASP A 276 0.43 -39.34 7.29
C ASP A 276 -1.08 -39.48 7.14
N ALA A 277 -1.84 -38.53 7.72
CA ALA A 277 -3.29 -38.58 7.58
C ALA A 277 -3.74 -38.25 6.17
N MET A 278 -2.97 -37.44 5.44
CA MET A 278 -3.28 -37.14 4.04
C MET A 278 -3.01 -38.33 3.12
N VAL A 279 -2.19 -39.29 3.54
CA VAL A 279 -2.04 -40.52 2.77
C VAL A 279 -3.35 -41.31 2.80
N ASP A 280 -4.05 -41.29 3.94
CA ASP A 280 -5.33 -41.95 4.05
C ASP A 280 -6.32 -41.39 3.04
N GLN A 281 -6.18 -40.11 2.70
CA GLN A 281 -6.96 -39.46 1.65
C GLN A 281 -6.34 -39.76 0.30
N ALA A 282 -5.82 -40.97 0.15
CA ALA A 282 -5.14 -41.47 -1.04
C ALA A 282 -5.50 -40.82 -2.37
N TRP A 283 -6.80 -40.71 -2.67
CA TRP A 283 -7.23 -40.10 -3.94
C TRP A 283 -6.54 -40.95 -5.01
N ASP A 284 -5.81 -40.35 -5.95
CA ASP A 284 -4.88 -41.09 -6.79
C ASP A 284 -3.83 -40.12 -7.32
N ALA A 285 -2.86 -40.64 -8.06
CA ALA A 285 -1.85 -39.76 -8.66
C ALA A 285 -2.48 -38.80 -9.65
N GLN A 286 -3.52 -39.24 -10.36
CA GLN A 286 -4.23 -38.38 -11.29
C GLN A 286 -4.94 -37.24 -10.56
N ARG A 287 -5.42 -37.50 -9.35
CA ARG A 287 -6.09 -36.46 -8.57
C ARG A 287 -5.09 -35.42 -8.08
N ILE A 288 -3.87 -35.86 -7.74
CA ILE A 288 -2.83 -34.93 -7.29
C ILE A 288 -2.48 -33.95 -8.40
N PHE A 289 -2.24 -34.46 -9.61
CA PHE A 289 -1.85 -33.60 -10.72
C PHE A 289 -3.04 -32.87 -11.34
N LYS A 290 -4.23 -33.46 -11.28
CA LYS A 290 -5.41 -32.73 -11.71
C LYS A 290 -5.70 -31.58 -10.77
N GLU A 291 -5.38 -31.73 -9.49
CA GLU A 291 -5.46 -30.61 -8.56
C GLU A 291 -4.44 -29.53 -8.91
N ALA A 292 -3.21 -29.94 -9.26
CA ALA A 292 -2.23 -28.99 -9.74
C ALA A 292 -2.68 -28.31 -11.01
N GLU A 293 -3.36 -29.05 -11.90
CA GLU A 293 -3.91 -28.46 -13.11
C GLU A 293 -4.92 -27.38 -12.78
N LYS A 294 -5.89 -27.68 -11.91
CA LYS A 294 -6.89 -26.68 -11.57
C LYS A 294 -6.29 -25.45 -10.91
N PHE A 295 -5.16 -25.59 -10.21
CA PHE A 295 -4.48 -24.42 -9.65
C PHE A 295 -4.11 -23.43 -10.76
N PHE A 296 -3.40 -23.91 -11.79
CA PHE A 296 -3.01 -23.03 -12.88
C PHE A 296 -4.22 -22.60 -13.72
N VAL A 297 -5.22 -23.48 -13.85
CA VAL A 297 -6.42 -23.11 -14.60
C VAL A 297 -7.17 -21.99 -13.91
N SER A 298 -7.27 -22.05 -12.58
CA SER A 298 -7.97 -21.00 -11.83
C SER A 298 -7.28 -19.65 -12.02
N VAL A 299 -5.95 -19.66 -12.12
CA VAL A 299 -5.20 -18.41 -12.31
C VAL A 299 -5.26 -17.91 -13.75
N GLY A 300 -5.77 -18.72 -14.68
CA GLY A 300 -5.91 -18.31 -16.06
C GLY A 300 -4.94 -18.96 -17.03
N LEU A 301 -4.22 -19.99 -16.62
CA LEU A 301 -3.27 -20.69 -17.46
C LEU A 301 -3.90 -21.92 -18.08
N PRO A 302 -3.37 -22.42 -19.19
CA PRO A 302 -4.03 -23.51 -19.91
C PRO A 302 -3.93 -24.83 -19.16
N ASN A 303 -4.79 -25.76 -19.56
CA ASN A 303 -4.74 -27.11 -19.03
C ASN A 303 -3.48 -27.83 -19.52
N MET A 304 -3.18 -28.95 -18.88
CA MET A 304 -2.05 -29.77 -19.30
C MET A 304 -2.39 -30.48 -20.60
N THR A 305 -1.38 -30.67 -21.44
CA THR A 305 -1.58 -31.29 -22.75
C THR A 305 -1.98 -32.75 -22.60
N GLN A 306 -2.62 -33.28 -23.65
CA GLN A 306 -2.98 -34.69 -23.68
C GLN A 306 -1.74 -35.57 -23.62
N GLY A 307 -0.64 -35.13 -24.23
CA GLY A 307 0.61 -35.86 -24.13
C GLY A 307 1.09 -36.02 -22.70
N PHE A 308 0.78 -35.04 -21.84
CA PHE A 308 1.10 -35.15 -20.43
C PHE A 308 0.39 -36.34 -19.79
N TRP A 309 -0.90 -36.49 -20.06
CA TRP A 309 -1.64 -37.62 -19.48
C TRP A 309 -1.39 -38.94 -20.20
N GLU A 310 -0.71 -38.94 -21.35
CA GLU A 310 -0.44 -40.16 -22.08
C GLU A 310 1.02 -40.59 -22.04
N ASN A 311 1.96 -39.66 -22.00
CA ASN A 311 3.38 -39.96 -22.18
C ASN A 311 4.23 -39.66 -20.95
N SER A 312 3.63 -39.39 -19.80
CA SER A 312 4.37 -38.97 -18.63
C SER A 312 4.37 -40.04 -17.55
N MET A 313 5.39 -39.98 -16.69
CA MET A 313 5.53 -40.89 -15.56
C MET A 313 4.89 -40.22 -14.35
N LEU A 314 3.67 -40.66 -14.02
CA LEU A 314 2.93 -40.09 -12.90
C LEU A 314 2.90 -41.00 -11.68
N THR A 315 3.55 -42.16 -11.73
CA THR A 315 3.59 -43.08 -10.60
C THR A 315 4.88 -43.90 -10.64
N GLU A 316 4.74 -45.22 -10.65
CA GLU A 316 5.86 -46.14 -10.79
C GLU A 316 5.31 -47.43 -11.36
N PRO A 317 5.59 -47.75 -12.62
CA PRO A 317 5.01 -48.95 -13.24
C PRO A 317 5.78 -50.22 -12.89
N SER A 318 5.04 -51.25 -12.47
CA SER A 318 5.57 -52.57 -12.16
C SER A 318 6.91 -52.58 -11.42
N ASP A 319 7.69 -53.64 -11.64
CA ASP A 319 9.01 -53.79 -11.06
C ASP A 319 10.08 -54.15 -12.07
N SER A 320 9.72 -54.70 -13.22
CA SER A 320 10.66 -55.13 -14.25
C SER A 320 11.16 -53.97 -15.09
N TRP A 321 10.86 -52.74 -14.70
CA TRP A 321 11.18 -51.53 -15.46
C TRP A 321 11.95 -50.58 -14.55
N LYS A 322 13.22 -50.34 -14.89
CA LYS A 322 14.04 -49.38 -14.15
C LYS A 322 13.59 -47.95 -14.41
N VAL A 323 13.76 -47.09 -13.40
CA VAL A 323 13.31 -45.71 -13.47
C VAL A 323 14.19 -44.84 -12.58
N VAL A 324 14.64 -43.67 -13.10
CA VAL A 324 15.38 -42.71 -12.29
C VAL A 324 14.38 -41.86 -11.50
N CYS A 325 14.71 -41.57 -10.25
CA CYS A 325 13.76 -41.01 -9.33
C CYS A 325 13.87 -39.49 -9.12
N HIS A 326 14.77 -38.79 -9.81
CA HIS A 326 14.79 -37.34 -9.66
C HIS A 326 13.57 -36.69 -10.30
N PRO A 327 12.94 -35.72 -9.63
CA PRO A 327 11.77 -35.04 -10.21
C PRO A 327 12.22 -34.09 -11.32
N THR A 328 11.67 -34.26 -12.51
CA THR A 328 12.01 -33.43 -13.65
C THR A 328 10.79 -33.15 -14.50
N ALA A 329 10.73 -31.94 -15.05
CA ALA A 329 9.76 -31.56 -16.06
C ALA A 329 10.45 -31.54 -17.42
N TRP A 330 9.79 -32.07 -18.44
CA TRP A 330 10.40 -32.28 -19.74
C TRP A 330 9.68 -31.46 -20.81
N ASP A 331 10.44 -30.67 -21.54
CA ASP A 331 9.98 -29.94 -22.73
C ASP A 331 10.84 -30.45 -23.89
N LEU A 332 10.45 -31.59 -24.45
CA LEU A 332 11.24 -32.24 -25.50
C LEU A 332 11.17 -31.50 -26.82
N GLY A 333 10.14 -30.69 -27.03
CA GLY A 333 9.93 -30.01 -28.29
C GLY A 333 8.79 -30.63 -29.08
N ARG A 334 8.38 -29.90 -30.13
CA ARG A 334 7.25 -30.28 -30.97
C ARG A 334 5.98 -30.52 -30.16
N GLY A 335 5.78 -29.74 -29.11
CA GLY A 335 4.59 -29.84 -28.29
C GLY A 335 4.57 -30.97 -27.29
N ASP A 336 5.70 -31.64 -27.08
CA ASP A 336 5.78 -32.81 -26.20
C ASP A 336 6.14 -32.33 -24.80
N PHE A 337 5.18 -32.39 -23.87
CA PHE A 337 5.39 -31.97 -22.49
C PHE A 337 5.02 -33.11 -21.55
N ARG A 338 5.97 -33.53 -20.72
CA ARG A 338 5.76 -34.57 -19.71
C ARG A 338 6.55 -34.24 -18.46
N ILE A 339 6.23 -34.98 -17.38
CA ILE A 339 6.94 -34.88 -16.10
C ILE A 339 7.27 -36.28 -15.63
N LYS A 340 8.51 -36.49 -15.22
CA LYS A 340 8.96 -37.75 -14.63
C LYS A 340 9.42 -37.49 -13.20
N MET A 341 8.80 -38.17 -12.24
CA MET A 341 9.13 -37.96 -10.83
C MET A 341 8.64 -39.16 -10.03
N CYS A 342 9.53 -39.72 -9.19
CA CYS A 342 9.13 -40.84 -8.33
C CYS A 342 8.34 -40.32 -7.14
N THR A 343 7.02 -40.32 -7.32
CA THR A 343 6.08 -39.77 -6.34
C THR A 343 5.12 -40.86 -5.87
N LYS A 344 4.83 -40.87 -4.57
CA LYS A 344 3.81 -41.70 -3.96
C LYS A 344 2.66 -40.77 -3.55
N VAL A 345 1.78 -41.24 -2.68
CA VAL A 345 0.68 -40.40 -2.25
C VAL A 345 1.10 -39.68 -0.98
N THR A 346 2.16 -38.88 -1.08
CA THR A 346 2.65 -38.11 0.04
C THR A 346 2.22 -36.66 -0.13
N MET A 347 2.75 -35.77 0.72
CA MET A 347 2.42 -34.37 0.65
C MET A 347 3.56 -33.46 0.22
N ASP A 348 4.81 -33.80 0.56
CA ASP A 348 5.94 -32.99 0.14
C ASP A 348 6.14 -33.02 -1.37
N ASP A 349 5.78 -34.12 -2.02
CA ASP A 349 5.83 -34.19 -3.48
C ASP A 349 4.68 -33.43 -4.11
N PHE A 350 3.55 -33.33 -3.40
CA PHE A 350 2.43 -32.51 -3.86
C PHE A 350 2.85 -31.07 -4.07
N LEU A 351 3.75 -30.56 -3.21
CA LEU A 351 4.29 -29.23 -3.43
C LEU A 351 5.25 -29.22 -4.61
N THR A 352 6.11 -30.25 -4.71
CA THR A 352 7.01 -30.35 -5.85
C THR A 352 6.25 -30.58 -7.14
N ALA A 353 5.08 -31.23 -7.08
CA ALA A 353 4.26 -31.40 -8.27
C ALA A 353 3.83 -30.05 -8.83
N HIS A 354 3.43 -29.13 -7.96
CA HIS A 354 3.17 -27.76 -8.41
C HIS A 354 4.45 -27.09 -8.92
N HIS A 355 5.60 -27.43 -8.33
CA HIS A 355 6.86 -26.85 -8.76
C HIS A 355 7.20 -27.30 -10.18
N GLU A 356 7.19 -28.62 -10.43
CA GLU A 356 7.55 -29.13 -11.74
C GLU A 356 6.53 -28.73 -12.79
N MET A 357 5.24 -28.69 -12.42
CA MET A 357 4.23 -28.23 -13.37
C MET A 357 4.38 -26.74 -13.66
N GLY A 358 4.96 -25.98 -12.73
CA GLY A 358 5.30 -24.60 -13.04
C GLY A 358 6.35 -24.50 -14.14
N HIS A 359 7.32 -25.42 -14.13
CA HIS A 359 8.30 -25.47 -15.21
C HIS A 359 7.62 -25.76 -16.55
N ILE A 360 6.59 -26.60 -16.54
CA ILE A 360 5.90 -26.95 -17.78
C ILE A 360 5.10 -25.77 -18.30
N GLN A 361 4.42 -25.04 -17.40
CA GLN A 361 3.68 -23.85 -17.82
C GLN A 361 4.62 -22.83 -18.46
N TYR A 362 5.81 -22.66 -17.91
CA TYR A 362 6.80 -21.79 -18.53
C TYR A 362 7.20 -22.31 -19.90
N ASP A 363 7.45 -23.63 -20.00
CA ASP A 363 7.84 -24.21 -21.27
C ASP A 363 6.73 -24.11 -22.30
N MET A 364 5.47 -24.25 -21.86
CA MET A 364 4.35 -24.14 -22.79
C MET A 364 4.21 -22.73 -23.35
N ALA A 365 4.44 -21.71 -22.51
CA ALA A 365 4.12 -20.34 -22.89
C ALA A 365 5.05 -19.82 -23.98
N TYR A 366 6.36 -20.04 -23.83
CA TYR A 366 7.33 -19.52 -24.80
C TYR A 366 7.53 -20.44 -25.99
N ALA A 367 6.64 -21.41 -26.21
CA ALA A 367 6.76 -22.28 -27.36
C ALA A 367 6.51 -21.54 -28.67
N ALA A 368 5.83 -20.39 -28.63
CA ALA A 368 5.61 -19.62 -29.85
C ALA A 368 6.87 -18.94 -30.33
N GLN A 369 7.80 -18.62 -29.41
CA GLN A 369 9.05 -18.00 -29.78
C GLN A 369 9.85 -18.92 -30.71
N PRO A 370 10.75 -18.36 -31.51
CA PRO A 370 11.63 -19.19 -32.34
C PRO A 370 12.48 -20.13 -31.49
N PHE A 371 13.10 -21.10 -32.15
CA PHE A 371 13.77 -22.18 -31.45
C PHE A 371 14.85 -21.66 -30.51
N LEU A 372 15.70 -20.76 -30.99
CA LEU A 372 16.81 -20.27 -30.18
C LEU A 372 16.36 -19.44 -28.98
N LEU A 373 15.08 -19.07 -28.91
CA LEU A 373 14.58 -18.19 -27.86
C LEU A 373 13.66 -18.91 -26.88
N ARG A 374 13.68 -20.24 -26.87
CA ARG A 374 12.81 -21.03 -25.99
C ARG A 374 13.58 -21.41 -24.73
N ASN A 375 13.68 -20.45 -23.81
CA ASN A 375 14.36 -20.65 -22.54
C ASN A 375 13.94 -19.54 -21.60
N GLY A 376 14.14 -19.77 -20.30
CA GLY A 376 13.88 -18.73 -19.33
C GLY A 376 14.73 -17.51 -19.57
N ALA A 377 14.29 -16.39 -18.99
CA ALA A 377 14.99 -15.12 -19.19
C ALA A 377 16.45 -15.22 -18.78
N ASN A 378 16.72 -15.88 -17.65
CA ASN A 378 18.08 -16.22 -17.26
C ASN A 378 18.03 -17.59 -16.57
N GLU A 379 19.17 -18.01 -16.00
CA GLU A 379 19.24 -19.31 -15.36
C GLU A 379 18.33 -19.39 -14.13
N GLY A 380 18.15 -18.28 -13.42
CA GLY A 380 17.33 -18.25 -12.22
C GLY A 380 15.84 -18.10 -12.46
N PHE A 381 15.41 -17.84 -13.70
CA PHE A 381 14.00 -17.57 -13.93
C PHE A 381 13.13 -18.82 -13.80
N HIS A 382 13.61 -19.97 -14.28
CA HIS A 382 12.79 -21.18 -14.22
C HIS A 382 12.56 -21.64 -12.78
N GLU A 383 13.62 -21.73 -11.98
CA GLU A 383 13.45 -22.19 -10.60
C GLU A 383 12.60 -21.22 -9.79
N ALA A 384 12.69 -19.92 -10.06
CA ALA A 384 11.85 -18.96 -9.35
C ALA A 384 10.37 -19.16 -9.72
N VAL A 385 10.09 -19.49 -10.97
CA VAL A 385 8.71 -19.72 -11.39
C VAL A 385 8.13 -20.94 -10.68
N GLY A 386 8.90 -22.03 -10.63
CA GLY A 386 8.41 -23.23 -9.98
C GLY A 386 8.28 -23.11 -8.47
N GLU A 387 9.10 -22.26 -7.85
CA GLU A 387 9.10 -22.17 -6.39
C GLU A 387 7.86 -21.44 -5.89
N ILE A 388 7.38 -20.44 -6.62
CA ILE A 388 6.19 -19.71 -6.19
C ILE A 388 4.93 -20.56 -6.26
N MET A 389 4.93 -21.62 -7.07
CA MET A 389 3.77 -22.51 -7.11
C MET A 389 3.65 -23.30 -5.81
N SER A 390 4.71 -23.99 -5.40
CA SER A 390 4.72 -24.66 -4.11
C SER A 390 4.63 -23.68 -2.96
N LEU A 391 5.00 -22.41 -3.19
CA LEU A 391 4.90 -21.40 -2.14
C LEU A 391 3.44 -21.05 -1.87
N SER A 392 2.61 -21.00 -2.91
CA SER A 392 1.20 -20.70 -2.74
C SER A 392 0.40 -21.93 -2.33
N ALA A 393 0.78 -23.10 -2.85
CA ALA A 393 0.06 -24.34 -2.58
C ALA A 393 0.33 -24.91 -1.19
N ALA A 394 1.16 -24.24 -0.38
CA ALA A 394 1.47 -24.70 0.97
C ALA A 394 0.73 -23.90 2.05
N THR A 395 0.07 -22.82 1.68
CA THR A 395 -0.66 -22.02 2.66
C THR A 395 -1.85 -22.81 3.19
N PRO A 396 -2.21 -22.60 4.46
CA PRO A 396 -3.38 -23.30 5.02
C PRO A 396 -4.68 -22.97 4.30
N LYS A 397 -4.80 -21.77 3.74
CA LYS A 397 -6.04 -21.38 3.07
C LYS A 397 -6.31 -22.28 1.87
N HIS A 398 -5.31 -22.51 1.03
CA HIS A 398 -5.48 -23.41 -0.10
C HIS A 398 -5.76 -24.83 0.38
N LEU A 399 -5.01 -25.29 1.39
CA LEU A 399 -5.21 -26.65 1.90
C LEU A 399 -6.60 -26.82 2.52
N LYS A 400 -7.15 -25.77 3.11
CA LYS A 400 -8.51 -25.83 3.62
C LYS A 400 -9.52 -25.98 2.49
N SER A 401 -9.39 -25.13 1.47
CA SER A 401 -10.37 -25.10 0.38
C SER A 401 -10.33 -26.35 -0.48
N ILE A 402 -9.17 -26.99 -0.60
CA ILE A 402 -9.08 -28.22 -1.39
C ILE A 402 -9.82 -29.38 -0.71
N GLY A 403 -10.00 -29.30 0.60
CA GLY A 403 -10.55 -30.40 1.36
C GLY A 403 -9.52 -31.29 2.01
N LEU A 404 -8.26 -30.84 2.07
CA LEU A 404 -7.18 -31.62 2.65
C LEU A 404 -6.95 -31.31 4.13
N LEU A 405 -6.99 -30.04 4.51
CA LEU A 405 -6.87 -29.63 5.90
C LEU A 405 -8.23 -29.47 6.57
N SER A 406 -8.23 -29.63 7.88
CA SER A 406 -9.47 -29.49 8.65
C SER A 406 -10.08 -28.11 8.39
N PRO A 407 -11.40 -28.03 8.23
CA PRO A 407 -12.03 -26.72 7.98
C PRO A 407 -11.87 -25.73 9.12
N ASP A 408 -11.60 -26.20 10.34
CA ASP A 408 -11.39 -25.32 11.48
C ASP A 408 -9.97 -25.40 12.03
N PHE A 409 -8.97 -25.09 11.21
CA PHE A 409 -7.59 -25.07 11.68
C PHE A 409 -7.32 -23.79 12.44
N GLN A 410 -6.53 -23.89 13.51
CA GLN A 410 -6.24 -22.76 14.39
C GLN A 410 -4.88 -22.19 14.01
N GLU A 411 -4.87 -20.97 13.48
CA GLU A 411 -3.66 -20.30 13.03
C GLU A 411 -3.22 -19.29 14.09
N ASP A 412 -2.56 -19.78 15.14
CA ASP A 412 -1.99 -18.90 16.14
C ASP A 412 -0.80 -18.14 15.55
N ASN A 413 -0.35 -17.12 16.29
CA ASN A 413 0.88 -16.45 15.92
C ASN A 413 2.12 -17.30 16.18
N GLU A 414 1.98 -18.38 16.95
CA GLU A 414 3.10 -19.28 17.19
C GLU A 414 3.28 -20.27 16.04
N THR A 415 2.16 -20.77 15.49
CA THR A 415 2.26 -21.65 14.32
C THR A 415 2.75 -20.90 13.09
N GLU A 416 2.60 -19.57 13.07
CA GLU A 416 3.17 -18.76 11.99
C GLU A 416 4.69 -18.74 12.07
N ILE A 417 5.23 -18.63 13.29
CA ILE A 417 6.68 -18.60 13.46
C ILE A 417 7.29 -19.96 13.13
N ASN A 418 6.65 -21.04 13.56
CA ASN A 418 7.15 -22.39 13.27
C ASN A 418 7.32 -22.60 11.76
N PHE A 419 6.34 -22.17 10.97
CA PHE A 419 6.43 -22.34 9.52
C PHE A 419 7.52 -21.45 8.92
N LEU A 420 7.55 -20.18 9.33
CA LEU A 420 8.56 -19.26 8.80
C LEU A 420 9.96 -19.69 9.20
N LEU A 421 10.13 -20.17 10.42
CA LEU A 421 11.44 -20.65 10.85
C LEU A 421 11.91 -21.81 10.00
N LYS A 422 11.00 -22.74 9.69
CA LYS A 422 11.34 -23.85 8.80
C LYS A 422 11.72 -23.34 7.42
N GLN A 423 11.02 -22.31 6.93
CA GLN A 423 11.36 -21.72 5.64
C GLN A 423 12.72 -21.02 5.70
N ALA A 424 13.00 -20.30 6.78
CA ALA A 424 14.25 -19.55 6.88
C ALA A 424 15.46 -20.48 6.94
N LEU A 425 15.32 -21.64 7.58
CA LEU A 425 16.43 -22.58 7.65
C LEU A 425 16.84 -23.08 6.26
N THR A 426 15.89 -23.13 5.33
CA THR A 426 16.13 -23.57 3.97
C THR A 426 16.40 -22.42 3.01
N ILE A 427 15.60 -21.36 3.10
CA ILE A 427 15.68 -20.27 2.11
C ILE A 427 16.79 -19.30 2.46
N VAL A 428 16.85 -18.86 3.72
CA VAL A 428 17.84 -17.87 4.12
C VAL A 428 19.18 -18.49 4.50
N GLY A 429 19.18 -19.73 5.01
CA GLY A 429 20.42 -20.37 5.40
C GLY A 429 21.33 -20.66 4.24
N THR A 430 20.76 -20.84 3.04
CA THR A 430 21.54 -21.19 1.86
C THR A 430 22.10 -19.98 1.14
N LEU A 431 21.63 -18.76 1.46
CA LEU A 431 22.13 -17.59 0.74
C LEU A 431 23.59 -17.29 1.05
N PRO A 432 24.04 -17.22 2.31
CA PRO A 432 25.48 -17.05 2.54
C PRO A 432 26.32 -18.21 2.03
N PHE A 433 25.81 -19.43 2.12
CA PHE A 433 26.55 -20.58 1.60
C PHE A 433 26.72 -20.47 0.08
N THR A 434 25.67 -20.05 -0.63
CA THR A 434 25.73 -19.97 -2.08
C THR A 434 26.67 -18.86 -2.54
N TYR A 435 26.50 -17.66 -1.98
CA TYR A 435 27.35 -16.54 -2.38
C TYR A 435 28.82 -16.80 -2.07
N MET A 436 29.10 -17.27 -0.86
CA MET A 436 30.50 -17.52 -0.48
C MET A 436 31.14 -18.58 -1.36
N LEU A 437 30.37 -19.59 -1.77
CA LEU A 437 30.93 -20.63 -2.63
C LEU A 437 31.30 -20.07 -3.99
N GLU A 438 30.40 -19.30 -4.60
CA GLU A 438 30.71 -18.69 -5.90
C GLU A 438 31.78 -17.62 -5.77
N LYS A 439 31.79 -16.88 -4.66
CA LYS A 439 32.83 -15.89 -4.44
C LYS A 439 34.21 -16.54 -4.40
N TRP A 440 34.29 -17.76 -3.86
CA TRP A 440 35.56 -18.48 -3.84
C TRP A 440 35.95 -18.96 -5.23
N ARG A 441 34.99 -19.53 -5.96
CA ARG A 441 35.28 -20.03 -7.31
C ARG A 441 35.57 -18.88 -8.28
N TRP A 442 34.88 -17.74 -8.10
CA TRP A 442 35.17 -16.58 -8.93
C TRP A 442 36.61 -16.11 -8.75
N MET A 443 37.06 -16.00 -7.51
CA MET A 443 38.42 -15.54 -7.26
C MET A 443 39.47 -16.55 -7.70
N VAL A 444 39.15 -17.85 -7.62
CA VAL A 444 40.10 -18.87 -8.07
C VAL A 444 40.28 -18.79 -9.59
N PHE A 445 39.18 -18.69 -10.32
CA PHE A 445 39.26 -18.58 -11.77
C PHE A 445 39.97 -17.29 -12.19
N LYS A 446 39.72 -16.20 -11.46
CA LYS A 446 40.38 -14.92 -11.73
C LYS A 446 41.85 -14.94 -11.37
N GLY A 447 42.36 -16.02 -10.77
CA GLY A 447 43.75 -16.08 -10.37
C GLY A 447 44.08 -15.30 -9.13
N GLU A 448 43.10 -15.02 -8.29
CA GLU A 448 43.33 -14.28 -7.05
C GLU A 448 43.61 -15.18 -5.85
N ILE A 449 43.45 -16.49 -5.99
CA ILE A 449 43.72 -17.43 -4.90
C ILE A 449 44.85 -18.35 -5.33
N PRO A 450 46.04 -18.23 -4.75
CA PRO A 450 47.13 -19.14 -5.10
C PRO A 450 46.78 -20.58 -4.73
N LYS A 451 47.40 -21.52 -5.45
CA LYS A 451 47.10 -22.93 -5.22
C LYS A 451 47.46 -23.36 -3.81
N ASP A 452 48.52 -22.77 -3.23
CA ASP A 452 48.92 -23.07 -1.87
C ASP A 452 48.10 -22.31 -0.83
N GLN A 453 46.99 -21.70 -1.22
CA GLN A 453 46.10 -21.01 -0.29
C GLN A 453 44.63 -21.27 -0.62
N TRP A 454 44.33 -22.34 -1.37
CA TRP A 454 42.95 -22.67 -1.69
C TRP A 454 42.14 -22.95 -0.43
N MET A 455 42.55 -23.96 0.34
CA MET A 455 41.80 -24.32 1.54
C MET A 455 41.95 -23.26 2.63
N LYS A 456 43.06 -22.53 2.65
CA LYS A 456 43.21 -21.45 3.61
C LYS A 456 42.22 -20.33 3.35
N LYS A 457 42.05 -19.95 2.07
CA LYS A 457 41.10 -18.91 1.73
C LYS A 457 39.66 -19.42 1.77
N TRP A 458 39.46 -20.70 1.48
CA TRP A 458 38.12 -21.28 1.53
C TRP A 458 37.53 -21.19 2.93
N TRP A 459 38.30 -21.64 3.93
CA TRP A 459 37.82 -21.61 5.31
C TRP A 459 37.91 -20.23 5.96
N GLU A 460 38.80 -19.36 5.48
CA GLU A 460 38.78 -17.98 5.95
C GLU A 460 37.48 -17.28 5.55
N MET A 461 36.91 -17.65 4.41
CA MET A 461 35.65 -17.08 3.97
C MET A 461 34.45 -17.77 4.62
N LYS A 462 34.58 -19.07 4.93
CA LYS A 462 33.51 -19.77 5.64
C LYS A 462 33.27 -19.15 7.01
N ARG A 463 34.34 -18.79 7.71
CA ARG A 463 34.19 -18.22 9.05
C ARG A 463 33.66 -16.79 8.99
N GLU A 464 34.03 -16.03 7.96
CA GLU A 464 33.62 -14.64 7.89
C GLU A 464 32.24 -14.49 7.28
N ILE A 465 32.03 -15.07 6.09
CA ILE A 465 30.77 -14.86 5.38
C ILE A 465 29.67 -15.75 5.95
N VAL A 466 29.89 -17.06 5.98
CA VAL A 466 28.86 -17.99 6.42
C VAL A 466 28.81 -18.12 7.94
N GLY A 467 29.90 -17.82 8.63
CA GLY A 467 29.92 -18.05 10.07
C GLY A 467 30.02 -19.52 10.42
N VAL A 468 30.79 -20.28 9.65
CA VAL A 468 30.95 -21.72 9.85
C VAL A 468 32.44 -22.02 9.93
N VAL A 469 32.84 -22.73 10.97
CA VAL A 469 34.24 -23.06 11.23
C VAL A 469 34.46 -24.54 10.96
N GLU A 470 35.62 -24.89 10.44
CA GLU A 470 35.93 -26.29 10.20
C GLU A 470 36.14 -27.01 11.53
N PRO A 471 35.70 -28.25 11.66
CA PRO A 471 35.91 -28.99 12.91
C PRO A 471 37.34 -29.48 13.09
N VAL A 472 37.98 -29.86 11.99
CA VAL A 472 39.39 -30.27 12.00
C VAL A 472 40.14 -29.50 10.93
N PRO A 473 41.40 -29.15 11.15
CA PRO A 473 42.12 -28.34 10.16
C PRO A 473 42.38 -29.14 8.89
N HIS A 474 42.26 -28.44 7.75
CA HIS A 474 42.48 -29.04 6.43
C HIS A 474 43.62 -28.30 5.76
N ASP A 475 44.67 -29.04 5.37
CA ASP A 475 45.77 -28.47 4.63
C ASP A 475 45.42 -28.43 3.14
N GLU A 476 46.39 -28.12 2.29
CA GLU A 476 46.15 -27.99 0.86
C GLU A 476 45.99 -29.33 0.15
N THR A 477 46.08 -30.45 0.87
CA THR A 477 45.79 -31.74 0.26
C THR A 477 44.29 -31.96 0.09
N TYR A 478 43.47 -31.31 0.91
CA TYR A 478 42.03 -31.39 0.79
C TYR A 478 41.54 -30.52 -0.37
N CYS A 479 40.29 -30.74 -0.76
CA CYS A 479 39.60 -29.95 -1.78
C CYS A 479 38.10 -30.01 -1.43
N ASP A 480 37.77 -29.40 -0.30
CA ASP A 480 36.38 -29.44 0.18
C ASP A 480 35.36 -28.86 -0.79
N PRO A 481 35.63 -27.79 -1.54
CA PRO A 481 34.67 -27.37 -2.58
C PRO A 481 34.27 -28.49 -3.52
N ALA A 482 35.24 -29.26 -4.01
CA ALA A 482 34.94 -30.37 -4.92
C ALA A 482 34.13 -31.46 -4.26
N SER A 483 34.04 -31.49 -2.92
CA SER A 483 33.20 -32.47 -2.24
C SER A 483 31.71 -32.16 -2.38
N LEU A 484 31.35 -31.13 -3.15
CA LEU A 484 29.97 -30.81 -3.46
C LEU A 484 29.70 -31.11 -4.93
N PHE A 485 28.47 -31.54 -5.23
CA PHE A 485 28.12 -31.96 -6.58
C PHE A 485 28.36 -30.84 -7.59
N HIS A 486 27.80 -29.66 -7.33
CA HIS A 486 27.83 -28.59 -8.32
C HIS A 486 29.25 -28.13 -8.63
N VAL A 487 30.17 -28.29 -7.69
CA VAL A 487 31.55 -27.83 -7.91
C VAL A 487 32.32 -28.83 -8.75
N SER A 488 32.29 -30.11 -8.36
CA SER A 488 33.06 -31.13 -9.07
C SER A 488 32.42 -31.55 -10.40
N ASN A 489 31.13 -31.28 -10.59
CA ASN A 489 30.44 -31.63 -11.83
C ASN A 489 30.28 -30.44 -12.77
N ASP A 490 30.98 -29.33 -12.50
CA ASP A 490 31.06 -28.19 -13.41
C ASP A 490 29.69 -27.57 -13.68
N TYR A 491 29.17 -26.93 -12.62
CA TYR A 491 27.92 -26.20 -12.71
C TYR A 491 28.06 -24.87 -11.98
N SER A 492 27.59 -23.79 -12.60
CA SER A 492 27.54 -22.51 -11.91
C SER A 492 26.58 -22.61 -10.73
N PHE A 493 26.87 -21.85 -9.68
CA PHE A 493 26.13 -21.96 -8.43
C PHE A 493 25.40 -20.69 -8.04
N ILE A 494 25.71 -19.55 -8.64
CA ILE A 494 25.06 -18.29 -8.28
C ILE A 494 23.58 -18.27 -8.67
N ARG A 495 23.14 -19.21 -9.52
CA ARG A 495 21.74 -19.25 -9.92
C ARG A 495 20.82 -19.48 -8.73
N TYR A 496 21.29 -20.20 -7.70
CA TYR A 496 20.45 -20.46 -6.54
C TYR A 496 20.28 -19.23 -5.68
N TYR A 497 21.22 -18.30 -5.72
CA TYR A 497 21.07 -17.03 -5.02
C TYR A 497 20.13 -16.10 -5.77
N THR A 498 20.32 -15.97 -7.09
CA THR A 498 19.51 -15.05 -7.87
C THR A 498 18.05 -15.47 -7.91
N ARG A 499 17.78 -16.76 -8.14
CA ARG A 499 16.40 -17.22 -8.21
C ARG A 499 15.69 -17.02 -6.88
N THR A 500 16.42 -17.12 -5.77
CA THR A 500 15.80 -16.97 -4.45
C THR A 500 15.29 -15.55 -4.25
N LEU A 501 16.03 -14.55 -4.72
CA LEU A 501 15.52 -13.18 -4.67
C LEU A 501 14.43 -12.97 -5.71
N TYR A 502 14.57 -13.57 -6.89
CA TYR A 502 13.56 -13.43 -7.94
C TYR A 502 12.22 -13.99 -7.47
N GLN A 503 12.23 -15.16 -6.85
CA GLN A 503 10.98 -15.85 -6.53
C GLN A 503 10.12 -15.04 -5.56
N PHE A 504 10.75 -14.27 -4.66
CA PHE A 504 9.97 -13.44 -3.75
C PHE A 504 9.53 -12.13 -4.42
N GLN A 505 10.31 -11.63 -5.37
CA GLN A 505 9.85 -10.51 -6.18
C GLN A 505 8.63 -10.91 -6.99
N PHE A 506 8.64 -12.12 -7.58
CA PHE A 506 7.49 -12.60 -8.31
C PHE A 506 6.28 -12.76 -7.40
N GLN A 507 6.46 -13.42 -6.26
CA GLN A 507 5.34 -13.65 -5.36
C GLN A 507 4.76 -12.34 -4.84
N GLU A 508 5.62 -11.38 -4.49
CA GLU A 508 5.13 -10.07 -4.08
C GLU A 508 4.34 -9.40 -5.20
N ALA A 509 4.83 -9.50 -6.43
CA ALA A 509 4.13 -8.87 -7.55
C ALA A 509 2.80 -9.58 -7.83
N LEU A 510 2.80 -10.91 -7.82
CA LEU A 510 1.56 -11.64 -8.10
C LEU A 510 0.54 -11.49 -6.99
N CYS A 511 1.00 -11.38 -5.74
CA CYS A 511 0.07 -11.19 -4.63
C CYS A 511 -0.47 -9.76 -4.56
N GLN A 512 0.34 -8.78 -4.99
CA GLN A 512 -0.19 -7.42 -5.12
C GLN A 512 -1.16 -7.32 -6.29
N ALA A 513 -0.88 -8.03 -7.38
CA ALA A 513 -1.84 -8.10 -8.48
C ALA A 513 -3.10 -8.82 -8.05
N ALA A 514 -2.99 -9.81 -7.16
CA ALA A 514 -4.14 -10.47 -6.57
C ALA A 514 -4.74 -9.68 -5.41
N LYS A 515 -4.15 -8.54 -5.07
CA LYS A 515 -4.61 -7.69 -3.96
C LYS A 515 -4.72 -8.48 -2.65
N HIS A 516 -3.67 -9.25 -2.36
CA HIS A 516 -3.61 -9.98 -1.10
C HIS A 516 -3.61 -9.00 0.07
N GLU A 517 -4.24 -9.42 1.17
CA GLU A 517 -4.50 -8.53 2.30
C GLU A 517 -3.45 -8.65 3.40
N GLY A 518 -3.27 -9.85 3.95
CA GLY A 518 -2.42 -10.03 5.11
C GLY A 518 -0.95 -10.13 4.75
N PRO A 519 -0.18 -10.87 5.55
CA PRO A 519 1.25 -11.01 5.28
C PRO A 519 1.51 -11.76 4.00
N LEU A 520 2.73 -11.59 3.48
CA LEU A 520 3.07 -12.20 2.19
C LEU A 520 3.15 -13.72 2.28
N HIS A 521 3.59 -14.26 3.42
CA HIS A 521 3.71 -15.70 3.55
C HIS A 521 2.37 -16.42 3.62
N LYS A 522 1.27 -15.69 3.79
CA LYS A 522 -0.07 -16.26 3.80
C LYS A 522 -0.77 -16.12 2.45
N CYS A 523 -0.07 -15.73 1.41
CA CYS A 523 -0.69 -15.44 0.12
C CYS A 523 -0.86 -16.69 -0.72
N ASP A 524 -2.00 -16.77 -1.41
CA ASP A 524 -2.30 -17.85 -2.34
C ASP A 524 -2.96 -17.21 -3.55
N ILE A 525 -2.29 -17.29 -4.70
CA ILE A 525 -2.75 -16.60 -5.91
C ILE A 525 -3.79 -17.43 -6.66
N SER A 526 -4.43 -18.37 -5.98
CA SER A 526 -5.50 -19.14 -6.59
C SER A 526 -6.69 -18.25 -6.94
N ASN A 527 -7.39 -18.62 -8.01
CA ASN A 527 -8.57 -17.91 -8.51
C ASN A 527 -8.27 -16.47 -8.92
N SER A 528 -7.00 -16.14 -9.17
CA SER A 528 -6.62 -14.76 -9.47
C SER A 528 -6.19 -14.69 -10.93
N THR A 529 -7.14 -14.44 -11.82
CA THR A 529 -6.83 -14.29 -13.24
C THR A 529 -5.96 -13.06 -13.49
N GLU A 530 -6.08 -12.04 -12.64
CA GLU A 530 -5.26 -10.85 -12.79
C GLU A 530 -3.78 -11.15 -12.51
N ALA A 531 -3.52 -11.97 -11.50
CA ALA A 531 -2.13 -12.35 -11.22
C ALA A 531 -1.56 -13.26 -12.29
N GLY A 532 -2.40 -14.09 -12.91
CA GLY A 532 -1.90 -14.96 -13.98
C GLY A 532 -1.55 -14.20 -15.23
N GLN A 533 -2.33 -13.17 -15.57
CA GLN A 533 -2.03 -12.36 -16.75
C GLN A 533 -0.70 -11.64 -16.60
N LYS A 534 -0.41 -11.14 -15.39
CA LYS A 534 0.89 -10.51 -15.16
C LYS A 534 2.02 -11.53 -15.24
N LEU A 535 1.81 -12.72 -14.69
CA LEU A 535 2.83 -13.76 -14.78
C LEU A 535 2.99 -14.26 -16.21
N PHE A 536 1.87 -14.44 -16.93
CA PHE A 536 1.94 -14.96 -18.29
C PHE A 536 2.69 -14.02 -19.22
N ASN A 537 2.58 -12.70 -19.00
CA ASN A 537 3.32 -11.75 -19.82
C ASN A 537 4.83 -11.94 -19.71
N MET A 538 5.29 -12.61 -18.65
CA MET A 538 6.71 -12.94 -18.51
C MET A 538 7.04 -14.33 -19.05
N LEU A 539 6.14 -15.31 -18.87
CA LEU A 539 6.43 -16.65 -19.35
C LEU A 539 6.49 -16.71 -20.86
N ARG A 540 5.66 -15.93 -21.55
CA ARG A 540 5.60 -16.02 -23.01
C ARG A 540 6.81 -15.40 -23.68
N LEU A 541 7.58 -14.56 -22.97
CA LEU A 541 8.72 -13.89 -23.59
C LEU A 541 9.85 -14.87 -23.90
N GLY A 542 10.06 -15.85 -23.04
CA GLY A 542 11.22 -16.69 -23.22
C GLY A 542 12.49 -15.86 -23.05
N LYS A 543 13.53 -16.24 -23.77
CA LYS A 543 14.76 -15.48 -23.77
C LYS A 543 14.80 -14.40 -24.86
N SER A 544 13.65 -14.10 -25.47
CA SER A 544 13.56 -13.09 -26.52
C SER A 544 13.96 -11.73 -25.96
N GLU A 545 13.12 -11.16 -25.11
CA GLU A 545 13.46 -9.91 -24.46
C GLU A 545 14.51 -10.17 -23.39
N PRO A 546 15.34 -9.18 -23.06
CA PRO A 546 16.36 -9.38 -22.03
C PRO A 546 15.72 -9.70 -20.68
N TRP A 547 16.52 -10.31 -19.81
CA TRP A 547 16.01 -10.73 -18.52
C TRP A 547 15.58 -9.56 -17.66
N THR A 548 16.21 -8.39 -17.85
CA THR A 548 15.82 -7.20 -17.11
C THR A 548 14.41 -6.76 -17.49
N LEU A 549 14.05 -6.87 -18.78
CA LEU A 549 12.72 -6.47 -19.21
C LEU A 549 11.66 -7.49 -18.78
N ALA A 550 11.96 -8.78 -18.95
CA ALA A 550 11.01 -9.81 -18.52
C ALA A 550 10.76 -9.73 -17.02
N LEU A 551 11.80 -9.42 -16.25
CA LEU A 551 11.62 -9.19 -14.82
C LEU A 551 10.76 -7.95 -14.58
N GLU A 552 10.96 -6.91 -15.39
CA GLU A 552 10.19 -5.68 -15.23
C GLU A 552 8.71 -5.87 -15.55
N ASN A 553 8.39 -6.80 -16.44
CA ASN A 553 6.99 -6.99 -16.84
C ASN A 553 6.13 -7.50 -15.68
N VAL A 554 6.73 -8.16 -14.70
CA VAL A 554 6.01 -8.73 -13.57
C VAL A 554 6.25 -7.93 -12.29
N VAL A 555 7.52 -7.73 -11.93
CA VAL A 555 7.81 -7.07 -10.66
C VAL A 555 7.99 -5.55 -10.81
N GLY A 556 8.40 -5.08 -11.97
CA GLY A 556 8.60 -3.65 -12.18
C GLY A 556 10.00 -3.14 -11.94
N ALA A 557 11.00 -4.03 -11.94
CA ALA A 557 12.38 -3.62 -11.70
C ALA A 557 13.28 -4.24 -12.77
N LYS A 558 14.42 -3.58 -12.98
CA LYS A 558 15.40 -4.02 -13.97
C LYS A 558 16.59 -4.74 -13.34
N ASN A 559 16.47 -5.16 -12.08
CA ASN A 559 17.56 -5.79 -11.37
C ASN A 559 17.00 -6.54 -10.17
N MET A 560 17.87 -7.25 -9.47
CA MET A 560 17.47 -7.99 -8.28
C MET A 560 16.97 -7.04 -7.21
N ASN A 561 16.18 -7.59 -6.27
CA ASN A 561 15.62 -6.77 -5.20
C ASN A 561 15.53 -7.64 -3.95
N VAL A 562 16.16 -7.19 -2.86
CA VAL A 562 16.13 -7.93 -1.61
C VAL A 562 14.89 -7.64 -0.77
N ARG A 563 14.22 -6.51 -1.00
CA ARG A 563 13.07 -6.15 -0.18
C ARG A 563 11.97 -7.19 -0.16
N PRO A 564 11.55 -7.78 -1.29
CA PRO A 564 10.52 -8.84 -1.21
C PRO A 564 10.93 -10.03 -0.37
N LEU A 565 12.21 -10.44 -0.43
CA LEU A 565 12.66 -11.55 0.40
C LEU A 565 12.65 -11.16 1.88
N LEU A 566 13.12 -9.95 2.21
CA LEU A 566 13.17 -9.54 3.61
C LEU A 566 11.78 -9.30 4.18
N ASN A 567 10.84 -8.83 3.35
CA ASN A 567 9.47 -8.63 3.84
C ASN A 567 8.78 -9.96 4.10
N TYR A 568 9.12 -11.01 3.36
CA TYR A 568 8.52 -12.31 3.58
C TYR A 568 8.85 -12.84 4.98
N PHE A 569 10.08 -12.62 5.43
CA PHE A 569 10.55 -13.13 6.71
C PHE A 569 10.50 -12.08 7.82
N GLU A 570 9.81 -10.98 7.61
CA GLU A 570 9.74 -9.90 8.58
C GLU A 570 9.03 -10.30 9.88
N PRO A 571 7.92 -11.05 9.84
CA PRO A 571 7.35 -11.55 11.09
C PRO A 571 8.31 -12.41 11.90
N LEU A 572 9.14 -13.19 11.22
CA LEU A 572 10.16 -13.98 11.91
C LEU A 572 11.35 -13.12 12.32
N PHE A 573 11.70 -12.11 11.52
CA PHE A 573 12.88 -11.30 11.83
C PHE A 573 12.71 -10.54 13.13
N THR A 574 11.52 -9.97 13.36
CA THR A 574 11.28 -9.26 14.63
C THR A 574 11.26 -10.23 15.80
N TRP A 575 10.74 -11.45 15.59
CA TRP A 575 10.73 -12.44 16.65
C TRP A 575 12.14 -12.92 16.97
N LEU A 576 13.00 -13.02 15.96
CA LEU A 576 14.38 -13.44 16.20
C LEU A 576 15.17 -12.36 16.94
N LYS A 577 14.91 -11.08 16.65
CA LYS A 577 15.62 -10.00 17.32
C LYS A 577 15.33 -9.99 18.81
N ASP A 578 14.09 -10.33 19.20
CA ASP A 578 13.74 -10.39 20.62
C ASP A 578 14.29 -11.64 21.28
N GLN A 579 14.32 -12.76 20.56
CA GLN A 579 14.85 -13.99 21.13
C GLN A 579 16.36 -13.91 21.38
N ASN A 580 17.07 -13.03 20.67
CA ASN A 580 18.51 -12.91 20.78
C ASN A 580 18.96 -11.74 21.65
N LYS A 581 18.03 -11.09 22.36
CA LYS A 581 18.41 -9.94 23.18
C LYS A 581 19.36 -10.33 24.31
N ASN A 582 19.29 -11.58 24.77
CA ASN A 582 20.21 -12.10 25.77
C ASN A 582 21.25 -13.04 25.17
N SER A 583 21.37 -13.08 23.85
CA SER A 583 22.37 -13.88 23.17
C SER A 583 23.43 -12.94 22.57
N PHE A 584 24.24 -13.48 21.68
CA PHE A 584 25.29 -12.71 21.01
C PHE A 584 25.11 -12.87 19.50
N VAL A 585 24.67 -11.82 18.84
CA VAL A 585 24.56 -11.82 17.38
C VAL A 585 25.93 -11.51 16.79
N GLY A 586 26.31 -12.26 15.76
CA GLY A 586 27.66 -12.21 15.23
C GLY A 586 28.50 -13.35 15.75
N TRP A 587 29.72 -13.44 15.22
CA TRP A 587 30.59 -14.55 15.55
C TRP A 587 32.04 -14.12 15.44
N SER A 588 32.89 -14.72 16.27
CA SER A 588 34.33 -14.50 16.19
C SER A 588 34.91 -15.50 15.19
N THR A 589 35.68 -14.99 14.24
CA THR A 589 36.29 -15.82 13.21
C THR A 589 37.53 -16.56 13.69
N ASP A 590 37.85 -16.49 14.97
CA ASP A 590 39.07 -17.09 15.51
C ASP A 590 38.81 -18.38 16.29
N TRP A 591 37.63 -18.54 16.86
CA TRP A 591 37.34 -19.74 17.63
C TRP A 591 37.15 -20.93 16.70
N SER A 592 37.74 -22.05 17.06
CA SER A 592 37.62 -23.29 16.31
C SER A 592 37.45 -24.44 17.30
N PRO A 593 36.73 -25.49 16.90
CA PRO A 593 36.54 -26.64 17.81
C PRO A 593 37.83 -27.36 18.15
N TYR A 594 38.93 -27.08 17.46
CA TYR A 594 40.22 -27.72 17.70
C TYR A 594 41.17 -26.71 18.34
N ALA A 595 42.39 -27.17 18.63
CA ALA A 595 43.41 -26.33 19.23
C ALA A 595 44.80 -26.74 18.76
N SER B 1 10.78 47.26 36.39
CA SER B 1 10.82 46.86 34.99
C SER B 1 9.41 46.81 34.41
N THR B 2 9.25 47.39 33.21
CA THR B 2 7.94 47.38 32.55
C THR B 2 7.51 45.96 32.21
N GLU B 3 8.44 45.08 31.85
CA GLU B 3 8.09 43.69 31.60
C GLU B 3 7.66 42.97 32.87
N ASP B 4 8.18 43.38 34.03
CA ASP B 4 7.70 42.82 35.28
C ASP B 4 6.33 43.38 35.65
N LEU B 5 5.98 44.57 35.15
CA LEU B 5 4.64 45.11 35.36
C LEU B 5 3.62 44.36 34.50
N VAL B 6 3.98 44.10 33.24
CA VAL B 6 3.07 43.38 32.34
C VAL B 6 2.81 41.96 32.81
N ASN B 7 3.81 41.33 33.44
CA ASN B 7 3.62 39.98 33.95
C ASN B 7 2.53 39.94 35.01
N THR B 8 2.58 40.89 35.96
CA THR B 8 1.53 40.96 36.98
C THR B 8 0.21 41.46 36.39
N PHE B 9 0.28 42.25 35.32
CA PHE B 9 -0.94 42.75 34.69
C PHE B 9 -1.68 41.65 33.93
N LEU B 10 -0.95 40.88 33.11
CA LEU B 10 -1.59 39.82 32.34
C LEU B 10 -2.09 38.69 33.23
N GLU B 11 -1.39 38.42 34.35
CA GLU B 11 -1.82 37.38 35.27
C GLU B 11 -3.14 37.72 35.96
N LYS B 12 -3.49 39.01 36.01
CA LYS B 12 -4.82 39.39 36.47
C LYS B 12 -5.83 39.30 35.34
N PHE B 13 -5.42 39.65 34.12
CA PHE B 13 -6.28 39.52 32.95
C PHE B 13 -6.65 38.07 32.69
N ASN B 14 -5.66 37.16 32.82
CA ASN B 14 -5.89 35.75 32.49
C ASN B 14 -6.89 35.08 33.42
N TYR B 15 -6.91 35.47 34.70
CA TYR B 15 -7.79 34.80 35.66
C TYR B 15 -9.17 35.42 35.75
N GLU B 16 -9.30 36.73 35.53
CA GLU B 16 -10.63 37.31 35.44
C GLU B 16 -11.30 36.98 34.11
N ALA B 17 -10.49 36.71 33.08
CA ALA B 17 -11.05 36.24 31.81
C ALA B 17 -11.64 34.85 31.94
N GLU B 18 -10.95 33.96 32.68
CA GLU B 18 -11.47 32.62 32.91
C GLU B 18 -12.90 32.64 33.42
N GLU B 19 -13.21 33.61 34.29
CA GLU B 19 -14.56 33.70 34.85
C GLU B 19 -15.55 34.20 33.80
N LEU B 20 -15.29 35.38 33.23
CA LEU B 20 -16.27 36.01 32.35
C LEU B 20 -16.38 35.28 31.01
N SER B 21 -15.29 34.70 30.51
CA SER B 21 -15.36 33.95 29.26
C SER B 21 -16.14 32.66 29.43
N TYR B 22 -15.98 31.99 30.58
CA TYR B 22 -16.71 30.75 30.82
C TYR B 22 -18.19 30.99 31.04
N GLN B 23 -18.55 32.12 31.66
CA GLN B 23 -19.96 32.41 31.87
C GLN B 23 -20.66 32.80 30.58
N SER B 24 -19.98 33.57 29.73
CA SER B 24 -20.56 33.89 28.42
C SER B 24 -20.63 32.65 27.53
N SER B 25 -19.70 31.71 27.71
CA SER B 25 -19.75 30.46 26.94
C SER B 25 -20.80 29.51 27.50
N LEU B 26 -20.93 29.46 28.83
CA LEU B 26 -21.99 28.65 29.43
C LEU B 26 -23.37 29.20 29.07
N ALA B 27 -23.51 30.52 29.08
CA ALA B 27 -24.79 31.12 28.71
C ALA B 27 -25.07 30.97 27.22
N SER B 28 -24.04 31.07 26.39
CA SER B 28 -24.24 30.87 24.96
C SER B 28 -24.65 29.44 24.65
N TRP B 29 -24.14 28.47 25.41
CA TRP B 29 -24.54 27.09 25.20
C TRP B 29 -26.01 26.87 25.56
N ASN B 30 -26.46 27.48 26.66
CA ASN B 30 -27.84 27.30 27.10
C ASN B 30 -28.82 27.87 26.08
N TYR B 31 -28.44 28.95 25.39
CA TYR B 31 -29.30 29.47 24.33
C TYR B 31 -29.30 28.55 23.12
N ASN B 32 -28.12 28.05 22.72
CA ASN B 32 -28.03 27.14 21.59
C ASN B 32 -28.66 25.79 21.87
N THR B 33 -28.95 25.47 23.13
CA THR B 33 -29.72 24.28 23.46
C THR B 33 -31.17 24.70 23.64
N ASN B 34 -31.54 25.08 24.86
CA ASN B 34 -32.88 25.58 25.12
C ASN B 34 -33.00 26.98 24.49
N ILE B 35 -33.68 27.06 23.34
CA ILE B 35 -33.87 28.33 22.65
C ILE B 35 -35.12 28.99 23.24
N THR B 36 -34.91 29.91 24.18
CA THR B 36 -35.98 30.66 24.81
C THR B 36 -35.50 32.08 25.09
N GLU B 37 -36.39 33.06 24.92
CA GLU B 37 -36.05 34.45 25.19
C GLU B 37 -35.48 34.62 26.60
N GLU B 38 -35.89 33.76 27.53
CA GLU B 38 -35.25 33.70 28.84
C GLU B 38 -33.75 33.48 28.70
N ASN B 39 -33.36 32.51 27.87
CA ASN B 39 -31.94 32.23 27.67
C ASN B 39 -31.26 33.25 26.77
N VAL B 40 -32.00 33.86 25.84
CA VAL B 40 -31.43 34.87 24.96
C VAL B 40 -30.89 36.05 25.76
N GLN B 41 -31.59 36.42 26.84
CA GLN B 41 -31.15 37.54 27.66
C GLN B 41 -29.91 37.19 28.47
N ASN B 42 -29.87 35.97 29.03
CA ASN B 42 -28.71 35.56 29.81
C ASN B 42 -27.45 35.51 28.95
N MET B 43 -27.56 35.00 27.73
CA MET B 43 -26.42 34.96 26.83
C MET B 43 -25.90 36.37 26.54
N ASN B 44 -26.81 37.30 26.21
CA ASN B 44 -26.39 38.65 25.90
C ASN B 44 -25.82 39.35 27.13
N ASN B 45 -26.46 39.16 28.30
CA ASN B 45 -25.97 39.79 29.52
C ASN B 45 -24.58 39.27 29.89
N ALA B 46 -24.43 37.95 29.95
CA ALA B 46 -23.12 37.36 30.25
C ALA B 46 -22.10 37.75 29.19
N GLY B 47 -22.53 37.87 27.93
CA GLY B 47 -21.64 38.33 26.89
C GLY B 47 -21.24 39.77 27.05
N ASP B 48 -22.14 40.61 27.58
CA ASP B 48 -21.80 42.02 27.79
C ASP B 48 -20.72 42.19 28.85
N LYS B 49 -20.83 41.45 29.96
CA LYS B 49 -19.78 41.51 30.98
C LYS B 49 -18.44 41.05 30.42
N TRP B 50 -18.42 39.89 29.76
CA TRP B 50 -17.19 39.40 29.16
C TRP B 50 -16.69 40.35 28.06
N SER B 51 -17.61 41.01 27.34
CA SER B 51 -17.19 42.01 26.37
C SER B 51 -16.62 43.23 27.07
N ALA B 52 -17.36 43.77 28.05
CA ALA B 52 -16.90 44.96 28.76
C ALA B 52 -15.55 44.75 29.43
N PHE B 53 -15.27 43.51 29.88
CA PHE B 53 -13.94 43.21 30.38
C PHE B 53 -12.90 43.42 29.28
N LEU B 54 -13.14 42.84 28.11
CA LEU B 54 -12.21 43.03 26.99
C LEU B 54 -12.17 44.49 26.54
N LYS B 55 -13.30 45.19 26.65
CA LYS B 55 -13.33 46.60 26.29
C LYS B 55 -12.41 47.41 27.20
N GLU B 56 -12.63 47.32 28.50
CA GLU B 56 -11.85 48.11 29.46
C GLU B 56 -10.40 47.65 29.51
N GLN B 57 -10.17 46.32 29.58
CA GLN B 57 -8.80 45.82 29.74
C GLN B 57 -7.93 46.12 28.53
N SER B 58 -8.49 46.13 27.32
CA SER B 58 -7.70 46.45 26.15
C SER B 58 -7.32 47.93 26.14
N LYS B 59 -8.24 48.79 26.55
CA LYS B 59 -7.92 50.22 26.65
C LYS B 59 -6.88 50.46 27.74
N LEU B 60 -7.01 49.79 28.88
CA LEU B 60 -5.98 49.89 29.92
C LEU B 60 -4.65 49.32 29.42
N ALA B 61 -4.71 48.26 28.61
CA ALA B 61 -3.49 47.66 28.06
C ALA B 61 -2.79 48.63 27.11
N LYS B 62 -3.55 49.51 26.47
CA LYS B 62 -2.97 50.48 25.53
C LYS B 62 -1.99 51.43 26.20
N THR B 63 -2.09 51.61 27.52
CA THR B 63 -1.17 52.50 28.21
C THR B 63 0.27 52.00 28.12
N TYR B 64 0.46 50.71 27.96
CA TYR B 64 1.82 50.20 27.73
C TYR B 64 2.16 50.26 26.25
N PRO B 65 3.38 50.68 25.93
CA PRO B 65 3.78 50.75 24.51
C PRO B 65 3.98 49.35 23.95
N LEU B 66 3.51 49.15 22.72
CA LEU B 66 3.60 47.83 22.09
C LEU B 66 5.04 47.36 22.01
N GLU B 67 5.96 48.24 21.63
CA GLU B 67 7.37 47.90 21.57
C GLU B 67 7.96 47.86 22.98
N GLU B 68 9.27 47.98 23.08
CA GLU B 68 10.00 48.01 24.35
C GLU B 68 9.90 46.69 25.13
N ILE B 69 9.31 45.65 24.54
CA ILE B 69 9.19 44.34 25.15
C ILE B 69 10.20 43.41 24.50
N GLN B 70 10.79 42.52 25.29
CA GLN B 70 11.79 41.58 24.79
C GLN B 70 11.29 40.16 24.62
N ASP B 71 10.67 39.59 25.66
CA ASP B 71 10.13 38.24 25.55
C ASP B 71 9.09 38.16 24.44
N SER B 72 9.39 37.35 23.41
CA SER B 72 8.49 37.24 22.28
C SER B 72 7.11 36.76 22.72
N THR B 73 7.05 35.67 23.49
CA THR B 73 5.76 35.14 23.93
C THR B 73 5.01 36.16 24.78
N VAL B 74 5.73 36.91 25.61
CA VAL B 74 5.07 37.93 26.43
C VAL B 74 4.61 39.09 25.57
N LYS B 75 5.45 39.53 24.63
CA LYS B 75 5.04 40.60 23.70
C LYS B 75 3.81 40.21 22.92
N ARG B 76 3.74 38.96 22.46
CA ARG B 76 2.57 38.50 21.72
C ARG B 76 1.30 38.59 22.56
N GLN B 77 1.41 38.34 23.87
CA GLN B 77 0.24 38.43 24.73
C GLN B 77 -0.23 39.87 24.87
N LEU B 78 0.67 40.78 25.24
CA LEU B 78 0.29 42.18 25.39
C LEU B 78 -0.13 42.78 24.05
N GLN B 79 0.54 42.39 22.96
CA GLN B 79 0.13 42.86 21.64
C GLN B 79 -1.29 42.41 21.34
N ALA B 80 -1.59 41.13 21.59
CA ALA B 80 -2.93 40.61 21.33
C ALA B 80 -3.98 41.39 22.11
N LEU B 81 -3.70 41.72 23.37
CA LEU B 81 -4.66 42.48 24.17
C LEU B 81 -4.87 43.87 23.60
N GLN B 82 -3.78 44.57 23.29
CA GLN B 82 -3.89 45.92 22.73
C GLN B 82 -4.51 45.90 21.34
N GLN B 83 -4.06 44.98 20.48
CA GLN B 83 -4.63 44.87 19.14
C GLN B 83 -6.08 44.41 19.15
N ASN B 84 -6.56 43.86 20.27
CA ASN B 84 -7.92 43.34 20.36
C ASN B 84 -8.92 44.43 20.73
N GLY B 85 -8.47 45.68 20.87
CA GLY B 85 -9.33 46.78 21.27
C GLY B 85 -9.93 47.53 20.12
N SER B 86 -11.18 47.18 19.79
CA SER B 86 -11.94 47.81 18.71
C SER B 86 -13.05 48.70 19.24
N SER B 87 -12.81 49.37 20.37
CA SER B 87 -13.83 50.21 20.98
C SER B 87 -13.79 51.60 20.32
N VAL B 88 -14.19 51.62 19.06
CA VAL B 88 -14.18 52.84 18.26
C VAL B 88 -15.38 52.91 17.32
N LEU B 89 -16.54 53.33 17.85
CA LEU B 89 -17.73 53.47 17.03
C LEU B 89 -18.67 54.45 17.72
N SER B 90 -19.68 54.90 16.95
CA SER B 90 -20.67 55.81 17.49
C SER B 90 -21.69 55.05 18.31
N GLU B 91 -22.12 55.64 19.42
CA GLU B 91 -23.13 54.99 20.26
C GLU B 91 -24.46 54.82 19.54
N ASP B 92 -24.79 55.72 18.61
CA ASP B 92 -26.05 55.63 17.90
C ASP B 92 -25.96 54.69 16.70
N LYS B 93 -24.86 54.75 15.94
CA LYS B 93 -24.72 53.91 14.76
C LYS B 93 -24.50 52.46 15.13
N SER B 94 -23.78 52.21 16.23
CA SER B 94 -23.62 50.83 16.70
C SER B 94 -24.94 50.24 17.14
N LYS B 95 -25.83 51.06 17.72
CA LYS B 95 -27.16 50.58 18.08
C LYS B 95 -27.95 50.14 16.86
N ARG B 96 -27.76 50.82 15.73
CA ARG B 96 -28.44 50.44 14.50
C ARG B 96 -27.79 49.23 13.82
N LEU B 97 -26.46 49.19 13.79
CA LEU B 97 -25.77 48.06 13.18
C LEU B 97 -26.13 46.75 13.86
N ASN B 98 -26.16 46.73 15.19
CA ASN B 98 -26.56 45.54 15.91
C ASN B 98 -28.04 45.22 15.69
N THR B 99 -28.87 46.24 15.45
CA THR B 99 -30.27 45.99 15.14
C THR B 99 -30.41 45.35 13.75
N ILE B 100 -29.64 45.84 12.77
CA ILE B 100 -29.67 45.26 11.44
C ILE B 100 -29.18 43.82 11.47
N LEU B 101 -28.06 43.58 12.15
CA LEU B 101 -27.49 42.23 12.22
C LEU B 101 -28.47 41.23 12.84
N ASN B 102 -29.29 41.68 13.78
CA ASN B 102 -30.27 40.78 14.38
C ASN B 102 -31.45 40.53 13.45
N THR B 103 -31.86 41.54 12.68
CA THR B 103 -32.98 41.37 11.76
C THR B 103 -32.61 40.42 10.62
N MET B 104 -31.42 40.60 10.03
CA MET B 104 -31.00 39.71 8.95
C MET B 104 -30.85 38.28 9.44
N SER B 105 -30.33 38.09 10.64
CA SER B 105 -30.20 36.74 11.19
C SER B 105 -31.57 36.12 11.43
N THR B 106 -32.54 36.92 11.88
CA THR B 106 -33.86 36.39 12.18
C THR B 106 -34.63 36.07 10.89
N ILE B 107 -34.51 36.92 9.87
CA ILE B 107 -35.19 36.65 8.61
C ILE B 107 -34.71 35.35 7.99
N TYR B 108 -33.40 35.10 8.04
CA TYR B 108 -32.86 33.89 7.44
C TYR B 108 -33.31 32.64 8.19
N SER B 109 -33.41 32.72 9.52
CA SER B 109 -33.78 31.55 10.31
C SER B 109 -35.29 31.35 10.40
N THR B 110 -36.07 32.42 10.24
CA THR B 110 -37.53 32.32 10.32
C THR B 110 -38.21 32.43 8.98
N GLY B 111 -37.47 32.73 7.91
CA GLY B 111 -38.04 32.84 6.57
C GLY B 111 -38.76 31.60 6.12
N LYS B 112 -40.01 31.76 5.70
CA LYS B 112 -40.83 30.65 5.24
C LYS B 112 -41.38 30.98 3.86
N VAL B 113 -41.45 29.96 3.01
CA VAL B 113 -42.13 30.07 1.72
C VAL B 113 -43.26 29.04 1.70
N CYS B 114 -44.37 29.42 1.08
CA CYS B 114 -45.57 28.60 1.08
C CYS B 114 -45.85 28.13 -0.35
N ASN B 115 -46.31 26.89 -0.46
CA ASN B 115 -46.62 26.33 -1.77
C ASN B 115 -47.78 27.12 -2.38
N PRO B 116 -47.62 27.67 -3.59
CA PRO B 116 -48.68 28.51 -4.16
C PRO B 116 -50.01 27.80 -4.33
N ASP B 117 -50.02 26.48 -4.45
CA ASP B 117 -51.29 25.77 -4.57
C ASP B 117 -52.04 25.74 -3.24
N ASN B 118 -51.34 25.46 -2.15
CA ASN B 118 -51.93 25.41 -0.81
C ASN B 118 -51.10 26.27 0.14
N PRO B 119 -51.49 27.52 0.37
CA PRO B 119 -50.74 28.36 1.32
C PRO B 119 -50.75 27.83 2.75
N GLN B 120 -51.53 26.80 3.04
CA GLN B 120 -51.46 26.17 4.36
C GLN B 120 -50.12 25.48 4.57
N GLU B 121 -49.58 24.87 3.51
CA GLU B 121 -48.29 24.19 3.58
C GLU B 121 -47.21 25.22 3.28
N CYS B 122 -46.57 25.72 4.33
CA CYS B 122 -45.45 26.64 4.22
C CYS B 122 -44.18 25.93 4.66
N LEU B 123 -43.14 26.00 3.82
CA LEU B 123 -41.89 25.31 4.06
C LEU B 123 -40.81 26.33 4.36
N LEU B 124 -40.07 26.11 5.44
CA LEU B 124 -38.88 26.88 5.73
C LEU B 124 -37.66 26.22 5.10
N LEU B 125 -36.48 26.83 5.32
CA LEU B 125 -35.26 26.34 4.69
C LEU B 125 -34.94 24.91 5.13
N GLU B 126 -34.69 24.72 6.43
CA GLU B 126 -34.34 23.43 6.99
C GLU B 126 -35.49 22.89 7.81
N PRO B 127 -35.96 21.66 7.53
CA PRO B 127 -35.52 20.74 6.47
C PRO B 127 -36.32 20.90 5.18
N GLY B 128 -37.27 21.83 5.16
CA GLY B 128 -38.14 22.05 4.02
C GLY B 128 -37.46 22.22 2.68
N LEU B 129 -37.09 23.46 2.36
CA LEU B 129 -36.46 23.76 1.08
C LEU B 129 -35.16 22.98 0.86
N ASN B 130 -34.43 22.69 1.92
CA ASN B 130 -33.17 21.96 1.76
C ASN B 130 -33.38 20.52 1.31
N GLU B 131 -34.47 19.87 1.74
CA GLU B 131 -34.74 18.52 1.27
C GLU B 131 -35.07 18.51 -0.22
N ILE B 132 -35.70 19.57 -0.73
CA ILE B 132 -36.01 19.65 -2.14
C ILE B 132 -34.74 19.82 -2.97
N MET B 133 -33.88 20.75 -2.58
CA MET B 133 -32.68 21.06 -3.36
C MET B 133 -31.68 19.91 -3.39
N ALA B 134 -31.78 18.95 -2.47
CA ALA B 134 -30.80 17.88 -2.38
C ALA B 134 -31.29 16.55 -2.92
N ASN B 135 -32.59 16.34 -3.04
CA ASN B 135 -33.13 15.06 -3.48
C ASN B 135 -34.04 15.14 -4.69
N SER B 136 -34.73 16.25 -4.90
CA SER B 136 -35.71 16.34 -5.97
C SER B 136 -35.02 16.34 -7.34
N LEU B 137 -35.63 15.63 -8.29
CA LEU B 137 -35.15 15.58 -9.67
C LEU B 137 -36.11 16.31 -10.62
N ASP B 138 -37.00 17.12 -10.08
CA ASP B 138 -37.98 17.86 -10.87
C ASP B 138 -37.45 19.27 -11.12
N TYR B 139 -37.29 19.63 -12.39
CA TYR B 139 -36.76 20.94 -12.73
C TYR B 139 -37.62 22.06 -12.14
N ASN B 140 -38.94 21.93 -12.26
CA ASN B 140 -39.82 22.99 -11.78
C ASN B 140 -39.85 23.06 -10.26
N GLU B 141 -39.87 21.90 -9.59
CA GLU B 141 -39.90 21.89 -8.13
C GLU B 141 -38.65 22.54 -7.55
N ARG B 142 -37.47 22.20 -8.10
CA ARG B 142 -36.24 22.83 -7.65
C ARG B 142 -36.22 24.32 -8.00
N LEU B 143 -36.71 24.67 -9.19
CA LEU B 143 -36.76 26.08 -9.58
C LEU B 143 -37.64 26.89 -8.65
N TRP B 144 -38.77 26.31 -8.22
CA TRP B 144 -39.67 27.02 -7.31
C TRP B 144 -38.97 27.33 -5.99
N ALA B 145 -38.43 26.30 -5.34
CA ALA B 145 -37.75 26.51 -4.06
C ALA B 145 -36.57 27.46 -4.20
N TRP B 146 -35.80 27.32 -5.28
CA TRP B 146 -34.65 28.19 -5.49
C TRP B 146 -35.08 29.64 -5.63
N GLU B 147 -36.11 29.89 -6.46
CA GLU B 147 -36.55 31.27 -6.70
C GLU B 147 -37.31 31.81 -5.49
N SER B 148 -38.10 30.97 -4.82
CA SER B 148 -38.88 31.44 -3.68
C SER B 148 -37.97 31.94 -2.55
N TRP B 149 -36.94 31.14 -2.21
CA TRP B 149 -36.03 31.54 -1.14
C TRP B 149 -35.33 32.85 -1.44
N ARG B 150 -35.10 33.16 -2.71
CA ARG B 150 -34.45 34.41 -3.09
C ARG B 150 -35.43 35.54 -3.37
N SER B 151 -36.70 35.22 -3.63
CA SER B 151 -37.70 36.25 -3.88
C SER B 151 -38.38 36.71 -2.59
N GLU B 152 -38.43 35.86 -1.57
CA GLU B 152 -39.01 36.25 -0.29
C GLU B 152 -37.93 36.77 0.65
N VAL B 153 -37.20 35.86 1.30
CA VAL B 153 -36.18 36.27 2.25
C VAL B 153 -35.04 37.01 1.55
N GLY B 154 -34.82 36.72 0.26
CA GLY B 154 -33.75 37.41 -0.45
C GLY B 154 -34.03 38.89 -0.63
N LYS B 155 -35.27 39.23 -1.01
CA LYS B 155 -35.61 40.64 -1.22
C LYS B 155 -35.67 41.40 0.10
N GLN B 156 -36.15 40.75 1.17
CA GLN B 156 -36.22 41.41 2.47
C GLN B 156 -34.84 41.80 2.98
N LEU B 157 -33.81 41.01 2.66
CA LEU B 157 -32.46 41.29 3.12
C LEU B 157 -31.73 42.32 2.25
N ARG B 158 -32.31 42.71 1.12
CA ARG B 158 -31.63 43.68 0.25
C ARG B 158 -31.41 45.04 0.90
N PRO B 159 -32.44 45.73 1.41
CA PRO B 159 -32.16 47.03 2.05
C PRO B 159 -31.34 46.92 3.31
N LEU B 160 -31.53 45.86 4.10
CA LEU B 160 -30.77 45.69 5.33
C LEU B 160 -29.29 45.49 5.04
N TYR B 161 -28.96 44.70 4.01
CA TYR B 161 -27.56 44.47 3.69
C TYR B 161 -26.89 45.70 3.13
N GLU B 162 -27.65 46.58 2.48
CA GLU B 162 -27.08 47.83 1.97
C GLU B 162 -26.59 48.72 3.10
N GLU B 163 -27.45 48.94 4.10
CA GLU B 163 -27.04 49.72 5.26
C GLU B 163 -26.00 48.97 6.10
N TYR B 164 -26.02 47.64 6.02
CA TYR B 164 -25.01 46.84 6.71
C TYR B 164 -23.61 47.15 6.20
N VAL B 165 -23.47 47.40 4.90
CA VAL B 165 -22.15 47.67 4.33
C VAL B 165 -21.61 49.01 4.81
N VAL B 166 -22.45 50.06 4.79
CA VAL B 166 -21.98 51.39 5.17
C VAL B 166 -21.58 51.43 6.64
N LEU B 167 -22.40 50.85 7.52
CA LEU B 167 -22.10 50.89 8.94
C LEU B 167 -20.86 50.06 9.26
N LYS B 168 -20.71 48.92 8.58
CA LYS B 168 -19.50 48.12 8.77
C LYS B 168 -18.27 48.83 8.22
N ASN B 169 -18.41 49.48 7.06
CA ASN B 169 -17.28 50.21 6.49
C ASN B 169 -16.91 51.41 7.35
N GLU B 170 -17.90 52.10 7.92
CA GLU B 170 -17.60 53.15 8.88
C GLU B 170 -16.91 52.59 10.11
N MET B 171 -17.34 51.40 10.55
CA MET B 171 -16.67 50.73 11.66
C MET B 171 -15.23 50.36 11.30
N ALA B 172 -15.02 49.87 10.07
CA ALA B 172 -13.69 49.46 9.66
C ALA B 172 -12.73 50.64 9.61
N ARG B 173 -13.14 51.74 8.94
CA ARG B 173 -12.27 52.90 8.85
C ARG B 173 -11.96 53.51 10.21
N ALA B 174 -12.80 53.30 11.22
CA ALA B 174 -12.49 53.79 12.55
C ALA B 174 -11.33 53.04 13.19
N ASN B 175 -11.03 51.83 12.69
CA ASN B 175 -9.87 51.06 13.14
C ASN B 175 -8.71 51.15 12.15
N HIS B 176 -8.63 52.23 11.37
CA HIS B 176 -7.56 52.44 10.39
C HIS B 176 -7.57 51.37 9.29
N TYR B 177 -8.72 50.78 9.01
CA TYR B 177 -8.87 49.81 7.93
C TYR B 177 -9.45 50.50 6.71
N GLU B 178 -9.13 49.96 5.53
CA GLU B 178 -9.66 50.52 4.30
C GLU B 178 -11.15 50.30 4.18
N ASP B 179 -11.61 49.05 4.38
CA ASP B 179 -13.03 48.73 4.34
C ASP B 179 -13.25 47.50 5.21
N TYR B 180 -14.52 47.07 5.28
CA TYR B 180 -14.84 45.86 6.03
C TYR B 180 -14.18 44.63 5.42
N GLY B 181 -13.98 44.63 4.10
CA GLY B 181 -13.24 43.54 3.48
C GLY B 181 -11.79 43.52 3.88
N ASP B 182 -11.16 44.70 3.96
CA ASP B 182 -9.80 44.78 4.47
C ASP B 182 -9.73 44.40 5.94
N TYR B 183 -10.82 44.61 6.68
CA TYR B 183 -10.88 44.20 8.08
C TYR B 183 -10.76 42.69 8.22
N TRP B 184 -11.63 41.95 7.52
CA TRP B 184 -11.58 40.49 7.58
C TRP B 184 -10.23 39.96 7.11
N ARG B 185 -9.63 40.61 6.11
CA ARG B 185 -8.34 40.18 5.59
C ARG B 185 -7.22 40.33 6.61
N GLY B 186 -7.45 41.08 7.69
CA GLY B 186 -6.45 41.25 8.73
C GLY B 186 -6.16 40.01 9.54
N ASP B 187 -7.01 38.97 9.43
CA ASP B 187 -6.79 37.75 10.19
C ASP B 187 -5.55 37.00 9.73
N TYR B 188 -5.03 37.30 8.54
CA TYR B 188 -3.80 36.70 8.04
C TYR B 188 -2.62 37.66 8.10
N GLU B 189 -2.83 38.91 8.50
CA GLU B 189 -1.76 39.89 8.49
C GLU B 189 -0.79 39.63 9.63
N VAL B 190 0.49 39.52 9.30
CA VAL B 190 1.56 39.35 10.27
C VAL B 190 2.54 40.50 10.04
N ASN B 191 2.36 41.60 10.77
CA ASN B 191 3.31 42.70 10.71
C ASN B 191 4.17 42.69 11.98
N GLY B 192 5.17 41.81 11.96
CA GLY B 192 5.95 41.55 13.16
C GLY B 192 7.23 40.81 12.89
N VAL B 193 7.16 39.47 12.90
CA VAL B 193 8.37 38.66 12.77
C VAL B 193 8.93 38.83 11.36
N ASP B 194 10.15 39.35 11.27
CA ASP B 194 10.75 39.58 9.97
C ASP B 194 11.08 38.25 9.31
N GLY B 195 10.87 38.20 7.99
CA GLY B 195 11.01 36.97 7.23
C GLY B 195 9.78 36.08 7.27
N TYR B 196 8.82 36.37 8.15
CA TYR B 196 7.56 35.62 8.24
C TYR B 196 6.35 36.54 8.14
N ASP B 197 6.52 37.73 7.55
CA ASP B 197 5.46 38.71 7.47
C ASP B 197 4.43 38.33 6.41
N TYR B 198 3.32 39.06 6.42
CA TYR B 198 2.23 38.87 5.47
C TYR B 198 1.31 40.08 5.53
N SER B 199 0.80 40.50 4.38
CA SER B 199 0.01 41.71 4.28
C SER B 199 -1.44 41.38 3.96
N ARG B 200 -2.32 42.37 4.21
CA ARG B 200 -3.74 42.23 3.92
C ARG B 200 -4.05 42.30 2.42
N GLY B 201 -3.05 42.58 1.58
CA GLY B 201 -3.29 42.60 0.15
C GLY B 201 -2.61 41.44 -0.53
N GLN B 202 -1.55 40.91 0.09
CA GLN B 202 -0.89 39.73 -0.45
C GLN B 202 -1.83 38.52 -0.49
N LEU B 203 -2.79 38.46 0.44
CA LEU B 203 -3.76 37.37 0.43
C LEU B 203 -4.60 37.40 -0.85
N ILE B 204 -5.05 38.59 -1.26
CA ILE B 204 -5.80 38.70 -2.50
C ILE B 204 -4.97 38.19 -3.68
N GLU B 205 -3.70 38.56 -3.73
CA GLU B 205 -2.84 38.11 -4.81
C GLU B 205 -2.59 36.61 -4.73
N ASP B 206 -2.35 36.08 -3.53
CA ASP B 206 -2.03 34.67 -3.40
C ASP B 206 -3.27 33.79 -3.62
N VAL B 207 -4.44 34.25 -3.18
CA VAL B 207 -5.66 33.47 -3.40
C VAL B 207 -5.98 33.40 -4.89
N GLU B 208 -5.92 34.53 -5.59
CA GLU B 208 -6.21 34.53 -7.02
C GLU B 208 -5.14 33.80 -7.82
N HIS B 209 -3.87 33.92 -7.40
CA HIS B 209 -2.80 33.24 -8.12
C HIS B 209 -2.93 31.73 -7.99
N THR B 210 -3.12 31.23 -6.77
CA THR B 210 -3.30 29.79 -6.56
C THR B 210 -4.57 29.29 -7.23
N PHE B 211 -5.61 30.14 -7.31
CA PHE B 211 -6.86 29.73 -7.95
C PHE B 211 -6.69 29.54 -9.45
N GLU B 212 -5.76 30.27 -10.07
CA GLU B 212 -5.54 30.12 -11.51
C GLU B 212 -5.09 28.71 -11.87
N GLU B 213 -4.38 28.04 -10.97
CA GLU B 213 -3.97 26.67 -11.22
C GLU B 213 -5.09 25.66 -10.99
N ILE B 214 -6.16 26.08 -10.30
CA ILE B 214 -7.32 25.21 -10.10
C ILE B 214 -8.30 25.26 -11.27
N LYS B 215 -8.25 26.31 -12.08
CA LYS B 215 -9.14 26.43 -13.25
C LYS B 215 -9.16 25.21 -14.15
N PRO B 216 -8.02 24.63 -14.56
CA PRO B 216 -8.10 23.44 -15.44
C PRO B 216 -8.83 22.27 -14.81
N LEU B 217 -8.56 21.98 -13.54
CA LEU B 217 -9.26 20.88 -12.87
C LEU B 217 -10.75 21.15 -12.76
N TYR B 218 -11.11 22.39 -12.42
CA TYR B 218 -12.53 22.72 -12.29
C TYR B 218 -13.24 22.72 -13.64
N GLU B 219 -12.54 23.15 -14.70
CA GLU B 219 -13.15 23.16 -16.02
C GLU B 219 -13.56 21.76 -16.47
N HIS B 220 -12.74 20.77 -16.17
CA HIS B 220 -13.06 19.40 -16.57
C HIS B 220 -14.11 18.77 -15.66
N LEU B 221 -14.08 19.10 -14.36
CA LEU B 221 -15.16 18.65 -13.48
C LEU B 221 -16.48 19.27 -13.88
N HIS B 222 -16.46 20.54 -14.28
CA HIS B 222 -17.67 21.21 -14.74
C HIS B 222 -18.21 20.53 -16.00
N ALA B 223 -17.34 20.24 -16.96
CA ALA B 223 -17.78 19.60 -18.19
C ALA B 223 -18.35 18.21 -17.93
N TYR B 224 -17.69 17.44 -17.07
CA TYR B 224 -18.19 16.10 -16.74
C TYR B 224 -19.54 16.17 -16.03
N VAL B 225 -19.66 17.07 -15.06
CA VAL B 225 -20.92 17.22 -14.34
C VAL B 225 -22.03 17.68 -15.28
N ARG B 226 -21.72 18.65 -16.15
CA ARG B 226 -22.73 19.15 -17.08
C ARG B 226 -23.25 18.03 -17.97
N ALA B 227 -22.35 17.21 -18.51
CA ALA B 227 -22.78 16.10 -19.35
C ALA B 227 -23.65 15.12 -18.58
N LYS B 228 -23.27 14.80 -17.35
CA LYS B 228 -24.07 13.89 -16.54
C LYS B 228 -25.41 14.51 -16.17
N LEU B 229 -25.43 15.83 -15.93
CA LEU B 229 -26.68 16.50 -15.60
C LEU B 229 -27.59 16.67 -16.81
N MET B 230 -27.04 16.64 -18.02
CA MET B 230 -27.88 16.70 -19.21
C MET B 230 -28.74 15.45 -19.36
N ASN B 231 -28.23 14.30 -18.91
CA ASN B 231 -29.03 13.08 -18.95
C ASN B 231 -30.10 13.08 -17.85
N ALA B 232 -29.82 13.74 -16.73
CA ALA B 232 -30.78 13.77 -15.62
C ALA B 232 -31.89 14.77 -15.87
N TYR B 233 -31.56 15.94 -16.42
CA TYR B 233 -32.53 16.99 -16.75
C TYR B 233 -32.45 17.23 -18.25
N PRO B 234 -33.00 16.33 -19.06
CA PRO B 234 -32.87 16.47 -20.52
C PRO B 234 -33.57 17.73 -21.03
N SER B 235 -32.98 18.35 -22.05
CA SER B 235 -33.49 19.53 -22.72
C SER B 235 -33.44 20.79 -21.86
N TYR B 236 -32.87 20.74 -20.66
CA TYR B 236 -32.81 21.90 -19.79
C TYR B 236 -31.43 22.54 -19.69
N ILE B 237 -30.37 21.83 -20.06
CA ILE B 237 -29.00 22.33 -19.93
C ILE B 237 -28.36 22.35 -21.31
N SER B 238 -27.62 23.42 -21.60
CA SER B 238 -26.91 23.51 -22.87
C SER B 238 -25.53 22.88 -22.76
N PRO B 239 -25.07 22.19 -23.80
CA PRO B 239 -23.73 21.57 -23.74
C PRO B 239 -22.59 22.57 -23.74
N ILE B 240 -22.86 23.85 -24.01
CA ILE B 240 -21.83 24.87 -23.98
C ILE B 240 -22.10 25.97 -22.96
N GLY B 241 -23.26 25.97 -22.30
CA GLY B 241 -23.61 26.99 -21.34
C GLY B 241 -23.28 26.61 -19.91
N CYS B 242 -23.57 27.54 -19.01
CA CYS B 242 -23.33 27.32 -17.60
C CYS B 242 -24.38 26.39 -17.02
N LEU B 243 -24.14 25.95 -15.79
CA LEU B 243 -25.08 25.09 -15.07
C LEU B 243 -26.12 25.94 -14.37
N PRO B 244 -27.41 25.63 -14.52
CA PRO B 244 -28.43 26.36 -13.74
C PRO B 244 -28.18 26.19 -12.25
N ALA B 245 -28.43 27.28 -11.50
CA ALA B 245 -28.07 27.31 -10.10
C ALA B 245 -28.90 26.33 -9.28
N HIS B 246 -30.15 26.11 -9.67
CA HIS B 246 -31.06 25.25 -8.91
C HIS B 246 -30.84 23.76 -9.15
N LEU B 247 -29.81 23.39 -9.92
CA LEU B 247 -29.52 22.00 -10.23
C LEU B 247 -28.21 21.52 -9.62
N LEU B 248 -27.69 22.22 -8.63
CA LEU B 248 -26.33 22.00 -8.15
C LEU B 248 -26.26 21.18 -6.86
N GLY B 249 -27.39 20.75 -6.31
CA GLY B 249 -27.41 19.87 -5.16
C GLY B 249 -27.81 20.52 -3.85
N ASP B 250 -27.74 21.84 -3.75
CA ASP B 250 -28.22 22.54 -2.56
C ASP B 250 -28.86 23.85 -3.00
N MET B 251 -29.20 24.69 -2.01
CA MET B 251 -29.93 25.92 -2.29
C MET B 251 -29.09 26.91 -3.08
N TRP B 252 -27.77 26.87 -2.94
CA TRP B 252 -26.89 27.86 -3.53
C TRP B 252 -25.86 27.30 -4.49
N GLY B 253 -25.61 25.99 -4.46
CA GLY B 253 -24.51 25.42 -5.22
C GLY B 253 -23.18 25.44 -4.48
N ARG B 254 -23.19 25.66 -3.18
CA ARG B 254 -21.95 25.70 -2.41
C ARG B 254 -21.21 24.37 -2.47
N PHE B 255 -21.94 23.26 -2.52
CA PHE B 255 -21.35 21.93 -2.60
C PHE B 255 -22.07 21.12 -3.66
N TRP B 256 -21.32 20.35 -4.43
CA TRP B 256 -21.86 19.42 -5.40
C TRP B 256 -21.97 18.00 -4.85
N THR B 257 -22.04 17.86 -3.53
CA THR B 257 -22.04 16.54 -2.91
C THR B 257 -23.24 15.72 -3.33
N ASN B 258 -24.43 16.33 -3.36
CA ASN B 258 -25.66 15.61 -3.66
C ASN B 258 -25.77 15.23 -5.12
N LEU B 259 -24.82 15.63 -5.97
CA LEU B 259 -24.80 15.24 -7.37
C LEU B 259 -24.09 13.91 -7.60
N TYR B 260 -23.58 13.28 -6.53
CA TYR B 260 -22.84 12.02 -6.69
C TYR B 260 -23.72 10.92 -7.25
N SER B 261 -24.98 10.83 -6.79
CA SER B 261 -25.89 9.83 -7.32
C SER B 261 -26.15 10.04 -8.81
N LEU B 262 -26.06 11.28 -9.28
CA LEU B 262 -26.27 11.58 -10.69
C LEU B 262 -24.99 11.60 -11.51
N THR B 263 -23.83 11.72 -10.86
CA THR B 263 -22.56 11.85 -11.58
C THR B 263 -21.54 10.78 -11.17
N VAL B 264 -21.98 9.71 -10.55
CA VAL B 264 -21.05 8.65 -10.13
C VAL B 264 -20.45 8.01 -11.38
N PRO B 265 -19.12 7.86 -11.46
CA PRO B 265 -18.53 7.26 -12.67
C PRO B 265 -18.97 5.83 -12.91
N PHE B 266 -18.80 4.95 -11.92
CA PHE B 266 -19.15 3.54 -12.04
C PHE B 266 -20.09 3.20 -10.89
N GLY B 267 -21.40 3.40 -11.10
CA GLY B 267 -22.36 3.20 -10.03
C GLY B 267 -22.58 1.75 -9.64
N GLN B 268 -22.22 0.81 -10.51
CA GLN B 268 -22.42 -0.61 -10.21
C GLN B 268 -21.37 -1.16 -9.25
N LYS B 269 -20.21 -0.51 -9.15
CA LYS B 269 -19.21 -0.90 -8.17
C LYS B 269 -19.78 -0.66 -6.77
N PRO B 270 -19.32 -1.40 -5.77
CA PRO B 270 -19.84 -1.16 -4.41
C PRO B 270 -19.53 0.26 -3.98
N ASN B 271 -20.37 0.79 -3.11
CA ASN B 271 -20.42 2.22 -2.86
C ASN B 271 -19.46 2.66 -1.75
N ILE B 272 -18.77 3.78 -2.02
CA ILE B 272 -17.99 4.44 -0.98
C ILE B 272 -18.90 5.24 -0.06
N ASP B 273 -20.14 5.50 -0.50
CA ASP B 273 -21.14 6.22 0.29
C ASP B 273 -21.71 5.20 1.28
N VAL B 274 -21.06 5.10 2.43
CA VAL B 274 -21.41 4.07 3.40
C VAL B 274 -22.63 4.47 4.21
N THR B 275 -23.37 5.48 3.74
CA THR B 275 -24.62 5.87 4.39
C THR B 275 -25.54 4.67 4.56
N ASP B 276 -25.70 3.88 3.50
CA ASP B 276 -26.54 2.68 3.56
C ASP B 276 -25.98 1.68 4.55
N ALA B 277 -24.68 1.38 4.45
CA ALA B 277 -24.07 0.41 5.35
C ALA B 277 -24.10 0.87 6.79
N MET B 278 -24.08 2.18 7.03
CA MET B 278 -24.20 2.65 8.40
C MET B 278 -25.62 2.46 8.93
N VAL B 279 -26.60 2.50 8.04
CA VAL B 279 -27.98 2.21 8.43
C VAL B 279 -28.20 0.70 8.57
N ASP B 280 -27.63 -0.09 7.66
CA ASP B 280 -27.80 -1.54 7.73
C ASP B 280 -27.18 -2.13 8.99
N GLN B 281 -26.06 -1.58 9.45
CA GLN B 281 -25.50 -1.98 10.74
C GLN B 281 -26.06 -1.16 11.91
N ALA B 282 -27.29 -0.67 11.78
CA ALA B 282 -27.98 0.15 12.76
C ALA B 282 -27.07 1.01 13.65
N TRP B 283 -26.29 1.91 13.06
CA TRP B 283 -25.46 2.76 13.87
C TRP B 283 -26.31 3.82 14.57
N ASP B 284 -25.63 4.70 15.30
CA ASP B 284 -26.26 5.89 15.86
C ASP B 284 -25.18 6.94 16.09
N ALA B 285 -25.60 8.09 16.62
CA ALA B 285 -24.65 9.16 16.93
C ALA B 285 -23.62 8.71 17.95
N GLN B 286 -24.01 7.82 18.87
CA GLN B 286 -23.04 7.33 19.86
C GLN B 286 -21.92 6.54 19.20
N ARG B 287 -22.24 5.78 18.15
CA ARG B 287 -21.19 5.04 17.44
C ARG B 287 -20.36 5.97 16.57
N ILE B 288 -20.99 6.97 15.95
CA ILE B 288 -20.26 7.88 15.08
C ILE B 288 -19.17 8.63 15.85
N PHE B 289 -19.53 9.16 17.02
CA PHE B 289 -18.57 9.93 17.81
C PHE B 289 -17.60 9.03 18.58
N LYS B 290 -18.05 7.85 19.01
CA LYS B 290 -17.12 6.90 19.62
C LYS B 290 -16.11 6.38 18.62
N GLU B 291 -16.53 6.20 17.36
CA GLU B 291 -15.61 5.77 16.32
C GLU B 291 -14.59 6.86 16.00
N ALA B 292 -15.05 8.11 15.90
CA ALA B 292 -14.15 9.22 15.66
C ALA B 292 -13.15 9.38 16.81
N GLU B 293 -13.60 9.14 18.04
CA GLU B 293 -12.70 9.20 19.18
C GLU B 293 -11.59 8.16 19.04
N LYS B 294 -11.94 6.94 18.65
CA LYS B 294 -10.95 5.89 18.48
C LYS B 294 -9.91 6.27 17.43
N PHE B 295 -10.33 7.07 16.44
CA PHE B 295 -9.40 7.52 15.42
C PHE B 295 -8.28 8.35 16.03
N PHE B 296 -8.63 9.38 16.80
CA PHE B 296 -7.62 10.25 17.39
C PHE B 296 -6.78 9.52 18.43
N VAL B 297 -7.37 8.57 19.15
CA VAL B 297 -6.62 7.81 20.14
C VAL B 297 -5.55 6.96 19.47
N SER B 298 -5.89 6.34 18.33
CA SER B 298 -4.92 5.52 17.61
C SER B 298 -3.73 6.34 17.14
N VAL B 299 -3.96 7.60 16.77
CA VAL B 299 -2.88 8.48 16.32
C VAL B 299 -2.04 9.00 17.46
N GLY B 300 -2.47 8.81 18.71
CA GLY B 300 -1.72 9.24 19.87
C GLY B 300 -2.29 10.43 20.62
N LEU B 301 -3.52 10.83 20.33
CA LEU B 301 -4.18 11.95 20.98
C LEU B 301 -5.08 11.45 22.10
N PRO B 302 -5.39 12.29 23.07
CA PRO B 302 -6.12 11.82 24.26
C PRO B 302 -7.58 11.51 23.95
N ASN B 303 -8.18 10.75 24.85
CA ASN B 303 -9.61 10.48 24.78
C ASN B 303 -10.41 11.73 25.09
N MET B 304 -11.69 11.69 24.76
CA MET B 304 -12.58 12.79 25.08
C MET B 304 -12.87 12.78 26.57
N THR B 305 -13.00 13.98 27.14
CA THR B 305 -13.26 14.11 28.56
C THR B 305 -14.66 13.60 28.88
N GLN B 306 -14.87 13.24 30.15
CA GLN B 306 -16.21 12.85 30.58
C GLN B 306 -17.20 14.00 30.40
N GLY B 307 -16.74 15.23 30.65
CA GLY B 307 -17.60 16.37 30.42
C GLY B 307 -18.05 16.50 28.97
N PHE B 308 -17.20 16.10 28.03
CA PHE B 308 -17.60 16.09 26.63
C PHE B 308 -18.74 15.10 26.40
N TRP B 309 -18.62 13.90 26.98
CA TRP B 309 -19.62 12.85 26.78
C TRP B 309 -20.88 13.06 27.60
N GLU B 310 -20.86 13.99 28.56
CA GLU B 310 -22.01 14.26 29.41
C GLU B 310 -22.70 15.59 29.13
N ASN B 311 -21.96 16.60 28.68
CA ASN B 311 -22.49 17.95 28.59
C ASN B 311 -22.65 18.43 27.15
N SER B 312 -22.52 17.56 26.16
CA SER B 312 -22.60 17.96 24.77
C SER B 312 -23.88 17.44 24.15
N MET B 313 -24.39 18.17 23.16
CA MET B 313 -25.60 17.81 22.44
C MET B 313 -25.19 17.13 21.14
N LEU B 314 -25.32 15.81 21.09
CA LEU B 314 -24.96 15.04 19.91
C LEU B 314 -26.17 14.61 19.09
N THR B 315 -27.38 14.97 19.51
CA THR B 315 -28.59 14.61 18.77
C THR B 315 -29.66 15.66 19.02
N GLU B 316 -30.42 15.96 17.97
CA GLU B 316 -31.53 16.89 18.03
C GLU B 316 -32.61 16.40 19.00
N PRO B 317 -32.89 17.11 20.10
CA PRO B 317 -33.85 16.60 21.08
C PRO B 317 -35.28 16.81 20.58
N SER B 318 -36.09 15.75 20.71
CA SER B 318 -37.48 15.79 20.25
C SER B 318 -38.39 16.55 21.22
N ASP B 319 -38.45 16.10 22.48
CA ASP B 319 -39.29 16.73 23.50
C ASP B 319 -39.14 18.24 23.50
N SER B 320 -39.90 18.89 22.62
CA SER B 320 -39.83 20.34 22.41
C SER B 320 -38.41 20.77 22.12
N TRP B 321 -37.80 21.46 23.08
CA TRP B 321 -36.50 22.12 23.00
C TRP B 321 -36.14 22.51 21.57
N LYS B 322 -36.43 23.74 21.17
CA LYS B 322 -35.97 24.20 19.86
C LYS B 322 -34.45 24.36 19.93
N VAL B 323 -33.78 24.07 18.82
CA VAL B 323 -32.33 23.96 18.82
C VAL B 323 -31.79 24.33 17.46
N VAL B 324 -30.73 25.13 17.45
CA VAL B 324 -30.01 25.40 16.21
C VAL B 324 -29.12 24.20 15.91
N CYS B 325 -29.18 23.72 14.68
CA CYS B 325 -28.59 22.45 14.30
C CYS B 325 -27.27 22.60 13.55
N HIS B 326 -26.74 23.80 13.49
CA HIS B 326 -25.45 24.00 12.82
C HIS B 326 -24.37 23.30 13.63
N PRO B 327 -23.46 22.56 12.98
CA PRO B 327 -22.41 21.86 13.73
C PRO B 327 -21.34 22.84 14.21
N THR B 328 -21.08 22.82 15.52
CA THR B 328 -20.09 23.69 16.12
C THR B 328 -19.36 22.92 17.21
N ALA B 329 -18.07 23.20 17.35
CA ALA B 329 -17.28 22.70 18.47
C ALA B 329 -17.11 23.81 19.49
N TRP B 330 -17.25 23.46 20.77
CA TRP B 330 -17.30 24.43 21.85
C TRP B 330 -16.12 24.22 22.78
N ASP B 331 -15.36 25.29 23.01
CA ASP B 331 -14.29 25.33 24.00
C ASP B 331 -14.69 26.42 25.00
N LEU B 332 -15.50 26.04 25.98
CA LEU B 332 -16.04 27.02 26.92
C LEU B 332 -14.99 27.56 27.88
N GLY B 333 -13.91 26.82 28.11
CA GLY B 333 -12.92 27.19 29.09
C GLY B 333 -13.03 26.33 30.34
N ARG B 334 -12.00 26.45 31.19
CA ARG B 334 -11.91 25.67 32.42
C ARG B 334 -12.02 24.17 32.16
N GLY B 335 -11.50 23.72 31.02
CA GLY B 335 -11.52 22.32 30.67
C GLY B 335 -12.84 21.82 30.13
N ASP B 336 -13.78 22.70 29.83
CA ASP B 336 -15.10 22.31 29.35
C ASP B 336 -15.08 22.27 27.82
N PHE B 337 -15.13 21.06 27.27
CA PHE B 337 -15.11 20.83 25.84
C PHE B 337 -16.38 20.08 25.46
N ARG B 338 -17.14 20.63 24.52
CA ARG B 338 -18.38 20.00 24.08
C ARG B 338 -18.50 20.16 22.56
N ILE B 339 -19.43 19.40 21.99
CA ILE B 339 -19.77 19.48 20.58
C ILE B 339 -21.28 19.55 20.47
N LYS B 340 -21.78 20.49 19.68
CA LYS B 340 -23.21 20.60 19.41
C LYS B 340 -23.41 20.31 17.93
N MET B 341 -24.17 19.24 17.64
CA MET B 341 -24.39 18.83 16.27
C MET B 341 -25.62 17.94 16.23
N CYS B 342 -26.58 18.30 15.38
CA CYS B 342 -27.76 17.48 15.15
C CYS B 342 -27.31 16.38 14.21
N THR B 343 -27.04 15.20 14.75
CA THR B 343 -26.38 14.14 13.99
C THR B 343 -27.42 13.17 13.48
N LYS B 344 -27.28 12.80 12.20
CA LYS B 344 -28.08 11.75 11.60
C LYS B 344 -27.18 10.55 11.31
N VAL B 345 -27.76 9.55 10.65
CA VAL B 345 -27.00 8.35 10.30
C VAL B 345 -26.62 8.37 8.83
N THR B 346 -25.92 9.41 8.40
CA THR B 346 -25.40 9.50 7.04
C THR B 346 -23.88 9.39 7.08
N MET B 347 -23.22 9.73 5.97
CA MET B 347 -21.77 9.74 5.92
C MET B 347 -21.20 11.15 6.01
N ASP B 348 -21.95 12.15 5.56
CA ASP B 348 -21.53 13.53 5.76
C ASP B 348 -21.47 13.87 7.24
N ASP B 349 -22.35 13.26 8.05
CA ASP B 349 -22.25 13.42 9.50
C ASP B 349 -21.16 12.56 10.12
N PHE B 350 -20.90 11.38 9.54
CA PHE B 350 -19.77 10.57 10.00
C PHE B 350 -18.45 11.29 9.75
N LEU B 351 -18.34 11.98 8.61
CA LEU B 351 -17.15 12.78 8.34
C LEU B 351 -17.11 14.05 9.16
N THR B 352 -18.26 14.73 9.30
CA THR B 352 -18.29 15.96 10.08
C THR B 352 -18.00 15.70 11.56
N ALA B 353 -18.39 14.53 12.07
CA ALA B 353 -18.06 14.20 13.46
C ALA B 353 -16.56 14.14 13.66
N HIS B 354 -15.82 13.54 12.71
CA HIS B 354 -14.37 13.59 12.76
C HIS B 354 -13.86 15.02 12.59
N HIS B 355 -14.57 15.83 11.80
CA HIS B 355 -14.17 17.22 11.61
C HIS B 355 -14.35 18.02 12.89
N GLU B 356 -15.53 17.95 13.50
CA GLU B 356 -15.79 18.73 14.71
C GLU B 356 -14.93 18.26 15.88
N MET B 357 -14.70 16.94 15.98
CA MET B 357 -13.81 16.45 17.02
C MET B 357 -12.37 16.86 16.76
N GLY B 358 -12.01 17.11 15.50
CA GLY B 358 -10.72 17.69 15.21
C GLY B 358 -10.56 19.09 15.79
N HIS B 359 -11.63 19.88 15.77
CA HIS B 359 -11.61 21.18 16.42
C HIS B 359 -11.39 21.02 17.92
N ILE B 360 -11.94 19.98 18.52
CA ILE B 360 -11.81 19.77 19.97
C ILE B 360 -10.37 19.38 20.32
N GLN B 361 -9.76 18.49 19.53
CA GLN B 361 -8.37 18.14 19.75
C GLN B 361 -7.46 19.37 19.64
N TYR B 362 -7.77 20.25 18.69
CA TYR B 362 -7.03 21.51 18.57
C TYR B 362 -7.23 22.37 19.81
N ASP B 363 -8.47 22.50 20.26
CA ASP B 363 -8.75 23.31 21.45
C ASP B 363 -8.12 22.71 22.70
N MET B 364 -8.11 21.37 22.80
CA MET B 364 -7.50 20.72 23.95
C MET B 364 -5.98 20.94 23.96
N ALA B 365 -5.35 20.91 22.79
CA ALA B 365 -3.89 20.92 22.73
C ALA B 365 -3.32 22.26 23.18
N TYR B 366 -3.87 23.36 22.68
CA TYR B 366 -3.35 24.68 23.02
C TYR B 366 -3.91 25.24 24.33
N ALA B 367 -4.54 24.41 25.14
CA ALA B 367 -5.02 24.88 26.44
C ALA B 367 -3.87 25.21 27.38
N ALA B 368 -2.67 24.67 27.13
CA ALA B 368 -1.52 24.99 27.95
C ALA B 368 -1.00 26.40 27.68
N GLN B 369 -1.22 26.91 26.48
CA GLN B 369 -0.82 28.26 26.14
C GLN B 369 -1.56 29.25 27.04
N PRO B 370 -1.00 30.43 27.27
CA PRO B 370 -1.72 31.46 28.04
C PRO B 370 -3.04 31.82 27.37
N PHE B 371 -3.88 32.52 28.15
CA PHE B 371 -5.26 32.75 27.73
C PHE B 371 -5.34 33.47 26.39
N LEU B 372 -4.55 34.53 26.23
CA LEU B 372 -4.60 35.32 25.01
C LEU B 372 -4.12 34.57 23.78
N LEU B 373 -3.50 33.41 23.95
CA LEU B 373 -2.92 32.64 22.86
C LEU B 373 -3.69 31.34 22.58
N ARG B 374 -4.91 31.23 23.11
CA ARG B 374 -5.71 30.01 22.96
C ARG B 374 -6.65 30.17 21.77
N ASN B 375 -6.08 30.03 20.57
CA ASN B 375 -6.83 30.09 19.33
C ASN B 375 -5.95 29.54 18.22
N GLY B 376 -6.58 29.13 17.12
CA GLY B 376 -5.85 28.69 15.96
C GLY B 376 -4.95 29.79 15.40
N ALA B 377 -3.95 29.36 14.62
CA ALA B 377 -3.00 30.31 14.05
C ALA B 377 -3.71 31.38 13.21
N ASN B 378 -4.67 30.96 12.40
CA ASN B 378 -5.56 31.88 11.70
C ASN B 378 -6.94 31.25 11.61
N GLU B 379 -7.85 31.89 10.88
CA GLU B 379 -9.21 31.37 10.75
C GLU B 379 -9.24 30.06 9.98
N GLY B 380 -8.35 29.89 9.00
CA GLY B 380 -8.35 28.68 8.21
C GLY B 380 -7.63 27.51 8.82
N PHE B 381 -6.90 27.72 9.92
CA PHE B 381 -6.15 26.63 10.53
C PHE B 381 -7.09 25.64 11.22
N HIS B 382 -8.14 26.14 11.86
CA HIS B 382 -9.08 25.26 12.54
C HIS B 382 -9.83 24.38 11.55
N GLU B 383 -10.36 24.98 10.48
CA GLU B 383 -11.09 24.21 9.48
C GLU B 383 -10.18 23.21 8.77
N ALA B 384 -8.91 23.57 8.57
CA ALA B 384 -7.96 22.64 7.94
C ALA B 384 -7.68 21.44 8.83
N VAL B 385 -7.61 21.66 10.15
CA VAL B 385 -7.34 20.57 11.08
C VAL B 385 -8.45 19.53 11.05
N GLY B 386 -9.70 20.00 11.07
CA GLY B 386 -10.82 19.06 11.03
C GLY B 386 -10.97 18.37 9.70
N GLU B 387 -10.53 19.02 8.62
CA GLU B 387 -10.70 18.45 7.29
C GLU B 387 -9.74 17.30 7.03
N ILE B 388 -8.51 17.36 7.56
CA ILE B 388 -7.59 16.26 7.36
C ILE B 388 -8.05 15.02 8.10
N MET B 389 -8.89 15.18 9.13
CA MET B 389 -9.48 14.03 9.80
C MET B 389 -10.50 13.34 8.89
N SER B 390 -11.45 14.12 8.37
CA SER B 390 -12.40 13.58 7.40
C SER B 390 -11.72 13.16 6.10
N LEU B 391 -10.52 13.68 5.82
CA LEU B 391 -9.79 13.25 4.63
C LEU B 391 -9.28 11.82 4.79
N SER B 392 -8.83 11.47 5.99
CA SER B 392 -8.35 10.10 6.23
C SER B 392 -9.50 9.16 6.55
N ALA B 393 -10.51 9.64 7.27
CA ALA B 393 -11.64 8.80 7.67
C ALA B 393 -12.61 8.53 6.55
N ALA B 394 -12.38 9.08 5.35
CA ALA B 394 -13.26 8.84 4.21
C ALA B 394 -12.68 7.87 3.20
N THR B 395 -11.40 7.50 3.34
CA THR B 395 -10.80 6.57 2.40
C THR B 395 -11.44 5.19 2.54
N PRO B 396 -11.54 4.45 1.44
CA PRO B 396 -12.13 3.10 1.53
C PRO B 396 -11.38 2.16 2.45
N LYS B 397 -10.06 2.30 2.57
CA LYS B 397 -9.30 1.44 3.47
C LYS B 397 -9.70 1.69 4.91
N HIS B 398 -9.80 2.96 5.32
CA HIS B 398 -10.28 3.28 6.66
C HIS B 398 -11.67 2.75 6.89
N LEU B 399 -12.56 2.92 5.90
CA LEU B 399 -13.93 2.45 6.02
C LEU B 399 -13.97 0.93 6.17
N LYS B 400 -12.99 0.21 5.60
CA LYS B 400 -12.92 -1.22 5.80
C LYS B 400 -12.62 -1.57 7.25
N SER B 401 -11.61 -0.91 7.84
CA SER B 401 -11.20 -1.24 9.20
C SER B 401 -12.28 -0.88 10.22
N ILE B 402 -13.08 0.14 9.92
CA ILE B 402 -14.16 0.53 10.81
C ILE B 402 -15.28 -0.50 10.83
N GLY B 403 -15.40 -1.31 9.78
CA GLY B 403 -16.49 -2.25 9.63
C GLY B 403 -17.63 -1.77 8.77
N LEU B 404 -17.45 -0.68 8.02
CA LEU B 404 -18.50 -0.16 7.15
C LEU B 404 -18.40 -0.75 5.75
N LEU B 405 -17.19 -0.85 5.21
CA LEU B 405 -16.98 -1.54 3.95
C LEU B 405 -16.62 -2.99 4.25
N SER B 406 -16.95 -3.86 3.30
CA SER B 406 -16.72 -5.29 3.49
C SER B 406 -15.24 -5.53 3.79
N PRO B 407 -14.92 -6.45 4.70
CA PRO B 407 -13.50 -6.73 5.00
C PRO B 407 -12.71 -7.22 3.80
N ASP B 408 -13.39 -7.74 2.77
CA ASP B 408 -12.70 -8.14 1.56
C ASP B 408 -13.15 -7.23 0.42
N PHE B 409 -12.97 -5.92 0.61
CA PHE B 409 -13.29 -4.94 -0.41
C PHE B 409 -12.15 -4.87 -1.42
N GLN B 410 -12.52 -4.76 -2.69
CA GLN B 410 -11.56 -4.72 -3.79
C GLN B 410 -11.40 -3.28 -4.25
N GLU B 411 -10.19 -2.75 -4.15
CA GLU B 411 -9.91 -1.36 -4.52
C GLU B 411 -9.37 -1.35 -5.95
N ASP B 412 -10.31 -1.46 -6.90
CA ASP B 412 -9.99 -1.34 -8.30
C ASP B 412 -9.62 0.10 -8.64
N ASN B 413 -9.11 0.31 -9.85
CA ASN B 413 -8.91 1.68 -10.31
C ASN B 413 -10.23 2.39 -10.59
N GLU B 414 -11.34 1.65 -10.66
CA GLU B 414 -12.65 2.28 -10.82
C GLU B 414 -13.18 2.81 -9.50
N THR B 415 -12.97 2.07 -8.40
CA THR B 415 -13.32 2.57 -7.09
C THR B 415 -12.47 3.76 -6.68
N GLU B 416 -11.27 3.88 -7.28
CA GLU B 416 -10.44 5.05 -7.04
C GLU B 416 -11.05 6.29 -7.68
N ILE B 417 -11.59 6.15 -8.89
CA ILE B 417 -12.22 7.28 -9.57
C ILE B 417 -13.52 7.67 -8.87
N ASN B 418 -14.32 6.66 -8.48
CA ASN B 418 -15.56 6.94 -7.75
C ASN B 418 -15.27 7.73 -6.47
N PHE B 419 -14.23 7.35 -5.75
CA PHE B 419 -13.88 8.05 -4.51
C PHE B 419 -13.39 9.46 -4.79
N LEU B 420 -12.47 9.60 -5.75
CA LEU B 420 -11.94 10.92 -6.08
C LEU B 420 -13.05 11.83 -6.62
N LEU B 421 -13.95 11.28 -7.43
CA LEU B 421 -15.07 12.07 -7.93
C LEU B 421 -15.95 12.56 -6.78
N LYS B 422 -16.24 11.68 -5.81
CA LYS B 422 -17.02 12.09 -4.65
C LYS B 422 -16.31 13.16 -3.86
N GLN B 423 -14.98 13.03 -3.71
CA GLN B 423 -14.22 14.05 -3.00
C GLN B 423 -14.22 15.37 -3.77
N ALA B 424 -14.08 15.30 -5.10
CA ALA B 424 -14.00 16.52 -5.90
C ALA B 424 -15.31 17.30 -5.88
N LEU B 425 -16.45 16.61 -5.80
CA LEU B 425 -17.73 17.31 -5.76
C LEU B 425 -17.83 18.21 -4.53
N THR B 426 -17.17 17.83 -3.44
CA THR B 426 -17.19 18.60 -2.20
C THR B 426 -15.97 19.51 -2.05
N ILE B 427 -14.78 19.02 -2.35
CA ILE B 427 -13.56 19.76 -2.05
C ILE B 427 -13.25 20.78 -3.14
N VAL B 428 -13.23 20.35 -4.40
CA VAL B 428 -12.87 21.27 -5.48
C VAL B 428 -14.08 22.03 -6.02
N GLY B 429 -15.28 21.45 -5.94
CA GLY B 429 -16.45 22.13 -6.44
C GLY B 429 -16.80 23.40 -5.68
N THR B 430 -16.40 23.49 -4.41
CA THR B 430 -16.71 24.64 -3.58
C THR B 430 -15.70 25.76 -3.72
N LEU B 431 -14.54 25.52 -4.34
CA LEU B 431 -13.53 26.57 -4.43
C LEU B 431 -13.95 27.73 -5.31
N PRO B 432 -14.45 27.54 -6.53
CA PRO B 432 -14.95 28.70 -7.29
C PRO B 432 -16.13 29.39 -6.64
N PHE B 433 -17.02 28.62 -6.00
CA PHE B 433 -18.14 29.24 -5.29
C PHE B 433 -17.65 30.11 -4.14
N THR B 434 -16.66 29.64 -3.39
CA THR B 434 -16.16 30.39 -2.25
C THR B 434 -15.41 31.64 -2.69
N TYR B 435 -14.49 31.49 -3.64
CA TYR B 435 -13.69 32.63 -4.10
C TYR B 435 -14.57 33.71 -4.72
N MET B 436 -15.50 33.30 -5.59
CA MET B 436 -16.36 34.28 -6.26
C MET B 436 -17.24 35.02 -5.25
N LEU B 437 -17.69 34.32 -4.20
CA LEU B 437 -18.52 34.97 -3.19
C LEU B 437 -17.74 36.02 -2.41
N GLU B 438 -16.52 35.67 -1.98
CA GLU B 438 -15.69 36.64 -1.26
C GLU B 438 -15.20 37.75 -2.18
N LYS B 439 -14.91 37.42 -3.44
CA LYS B 439 -14.49 38.45 -4.39
C LYS B 439 -15.60 39.48 -4.59
N TRP B 440 -16.86 39.03 -4.55
CA TRP B 440 -17.97 39.98 -4.68
C TRP B 440 -18.11 40.84 -3.42
N ARG B 441 -18.01 40.22 -2.25
CA ARG B 441 -18.14 40.99 -1.01
C ARG B 441 -16.95 41.92 -0.81
N TRP B 442 -15.76 41.49 -1.22
CA TRP B 442 -14.59 42.37 -1.15
C TRP B 442 -14.81 43.60 -2.02
N MET B 443 -15.28 43.41 -3.25
CA MET B 443 -15.53 44.54 -4.15
C MET B 443 -16.68 45.42 -3.66
N VAL B 444 -17.67 44.82 -3.00
CA VAL B 444 -18.77 45.61 -2.46
C VAL B 444 -18.29 46.49 -1.31
N PHE B 445 -17.52 45.91 -0.38
CA PHE B 445 -16.99 46.70 0.73
C PHE B 445 -16.03 47.77 0.25
N LYS B 446 -15.21 47.46 -0.75
CA LYS B 446 -14.28 48.44 -1.32
C LYS B 446 -14.98 49.51 -2.14
N GLY B 447 -16.29 49.41 -2.34
CA GLY B 447 -17.00 50.39 -3.14
C GLY B 447 -16.81 50.27 -4.63
N GLU B 448 -16.46 49.09 -5.12
CA GLU B 448 -16.24 48.87 -6.55
C GLU B 448 -17.50 48.39 -7.27
N ILE B 449 -18.56 48.06 -6.54
CA ILE B 449 -19.82 47.63 -7.13
C ILE B 449 -20.90 48.63 -6.76
N PRO B 450 -21.41 49.42 -7.70
CA PRO B 450 -22.48 50.35 -7.38
C PRO B 450 -23.73 49.61 -6.92
N LYS B 451 -24.55 50.30 -6.11
CA LYS B 451 -25.74 49.67 -5.55
C LYS B 451 -26.71 49.22 -6.63
N ASP B 452 -26.77 49.96 -7.75
CA ASP B 452 -27.65 49.59 -8.86
C ASP B 452 -27.04 48.53 -9.77
N GLN B 453 -25.94 47.89 -9.36
CA GLN B 453 -25.35 46.81 -10.14
C GLN B 453 -24.87 45.65 -9.26
N TRP B 454 -25.40 45.51 -8.04
CA TRP B 454 -25.00 44.41 -7.17
C TRP B 454 -25.33 43.07 -7.80
N MET B 455 -26.62 42.81 -8.06
CA MET B 455 -27.02 41.53 -8.62
C MET B 455 -26.57 41.38 -10.07
N LYS B 456 -26.42 42.49 -10.80
CA LYS B 456 -25.93 42.41 -12.17
C LYS B 456 -24.48 41.93 -12.20
N LYS B 457 -23.65 42.45 -11.31
CA LYS B 457 -22.25 42.00 -11.25
C LYS B 457 -22.12 40.67 -10.51
N TRP B 458 -23.01 40.37 -9.58
CA TRP B 458 -22.95 39.11 -8.86
C TRP B 458 -23.11 37.92 -9.81
N TRP B 459 -24.12 37.96 -10.68
CA TRP B 459 -24.34 36.87 -11.61
C TRP B 459 -23.37 36.88 -12.79
N GLU B 460 -22.81 38.05 -13.13
CA GLU B 460 -21.75 38.08 -14.13
C GLU B 460 -20.53 37.31 -13.66
N MET B 461 -20.28 37.29 -12.35
CA MET B 461 -19.17 36.51 -11.81
C MET B 461 -19.55 35.05 -11.64
N LYS B 462 -20.83 34.77 -11.34
CA LYS B 462 -21.28 33.39 -11.28
C LYS B 462 -21.10 32.68 -12.61
N ARG B 463 -21.42 33.37 -13.71
CA ARG B 463 -21.31 32.78 -15.04
C ARG B 463 -19.87 32.68 -15.51
N GLU B 464 -19.02 33.65 -15.15
CA GLU B 464 -17.64 33.64 -15.59
C GLU B 464 -16.76 32.77 -14.69
N ILE B 465 -16.79 33.03 -13.39
CA ILE B 465 -15.90 32.33 -12.46
C ILE B 465 -16.42 30.94 -12.13
N VAL B 466 -17.65 30.87 -11.64
CA VAL B 466 -18.20 29.59 -11.19
C VAL B 466 -18.76 28.77 -12.34
N GLY B 467 -19.14 29.40 -13.44
CA GLY B 467 -19.80 28.67 -14.51
C GLY B 467 -21.22 28.28 -14.16
N VAL B 468 -21.95 29.15 -13.46
CA VAL B 468 -23.31 28.89 -13.04
C VAL B 468 -24.18 30.07 -13.49
N VAL B 469 -25.29 29.76 -14.15
CA VAL B 469 -26.19 30.77 -14.70
C VAL B 469 -27.47 30.78 -13.87
N GLU B 470 -28.05 31.97 -13.71
CA GLU B 470 -29.31 32.08 -12.99
C GLU B 470 -30.43 31.48 -13.83
N PRO B 471 -31.41 30.82 -13.21
CA PRO B 471 -32.51 30.26 -13.97
C PRO B 471 -33.52 31.31 -14.42
N VAL B 472 -33.73 32.32 -13.59
CA VAL B 472 -34.60 33.44 -13.93
C VAL B 472 -33.87 34.75 -13.66
N PRO B 473 -34.09 35.80 -14.44
CA PRO B 473 -33.35 37.05 -14.22
C PRO B 473 -33.76 37.71 -12.92
N HIS B 474 -32.77 38.28 -12.23
CA HIS B 474 -32.96 38.97 -10.96
C HIS B 474 -32.55 40.41 -11.11
N ASP B 475 -33.47 41.33 -10.82
CA ASP B 475 -33.16 42.76 -10.82
C ASP B 475 -32.53 43.14 -9.50
N GLU B 476 -32.35 44.44 -9.26
CA GLU B 476 -31.69 44.90 -8.04
C GLU B 476 -32.57 44.81 -6.80
N THR B 477 -33.81 44.33 -6.94
CA THR B 477 -34.64 44.07 -5.77
C THR B 477 -34.23 42.80 -5.04
N TYR B 478 -33.61 41.86 -5.76
CA TYR B 478 -33.13 40.64 -5.14
C TYR B 478 -31.81 40.89 -4.41
N CYS B 479 -31.42 39.94 -3.57
CA CYS B 479 -30.14 39.95 -2.86
C CYS B 479 -29.74 38.50 -2.60
N ASP B 480 -29.45 37.79 -3.69
CA ASP B 480 -29.11 36.37 -3.59
C ASP B 480 -27.92 36.06 -2.70
N PRO B 481 -26.86 36.86 -2.65
CA PRO B 481 -25.80 36.59 -1.65
C PRO B 481 -26.34 36.48 -0.23
N ALA B 482 -27.22 37.39 0.18
CA ALA B 482 -27.78 37.33 1.53
C ALA B 482 -28.63 36.09 1.78
N SER B 483 -29.04 35.39 0.72
CA SER B 483 -29.78 34.15 0.89
C SER B 483 -28.92 33.00 1.39
N LEU B 484 -27.65 33.25 1.70
CA LEU B 484 -26.77 32.26 2.29
C LEU B 484 -26.50 32.65 3.74
N PHE B 485 -26.29 31.63 4.58
CA PHE B 485 -26.11 31.87 6.02
C PHE B 485 -24.93 32.78 6.29
N HIS B 486 -23.77 32.46 5.74
CA HIS B 486 -22.55 33.18 6.08
C HIS B 486 -22.61 34.65 5.66
N VAL B 487 -23.38 34.96 4.62
CA VAL B 487 -23.46 36.34 4.15
C VAL B 487 -24.41 37.16 5.01
N SER B 488 -25.62 36.65 5.26
CA SER B 488 -26.61 37.39 6.04
C SER B 488 -26.34 37.36 7.54
N ASN B 489 -25.55 36.40 8.01
CA ASN B 489 -25.23 36.31 9.43
C ASN B 489 -23.85 36.85 9.76
N ASP B 490 -23.21 37.56 8.83
CA ASP B 490 -21.97 38.30 9.06
C ASP B 490 -20.83 37.37 9.48
N TYR B 491 -20.39 36.58 8.50
CA TYR B 491 -19.25 35.68 8.69
C TYR B 491 -18.35 35.76 7.46
N SER B 492 -17.05 35.86 7.68
CA SER B 492 -16.10 35.80 6.58
C SER B 492 -16.17 34.43 5.92
N PHE B 493 -15.92 34.40 4.61
CA PHE B 493 -16.08 33.18 3.82
C PHE B 493 -14.80 32.67 3.18
N ILE B 494 -13.74 33.48 3.11
CA ILE B 494 -12.49 33.05 2.49
C ILE B 494 -11.80 31.95 3.29
N ARG B 495 -12.25 31.72 4.53
CA ARG B 495 -11.66 30.67 5.36
C ARG B 495 -11.80 29.29 4.72
N TYR B 496 -12.88 29.07 3.97
CA TYR B 496 -13.11 27.76 3.37
C TYR B 496 -12.18 27.52 2.18
N TYR B 497 -11.72 28.59 1.53
CA TYR B 497 -10.73 28.43 0.46
C TYR B 497 -9.35 28.16 1.02
N THR B 498 -8.94 28.94 2.02
CA THR B 498 -7.60 28.77 2.58
C THR B 498 -7.44 27.42 3.26
N ARG B 499 -8.46 26.99 4.02
CA ARG B 499 -8.39 25.70 4.69
C ARG B 499 -8.30 24.55 3.69
N THR B 500 -8.91 24.72 2.51
CA THR B 500 -8.86 23.65 1.50
C THR B 500 -7.45 23.45 0.98
N LEU B 501 -6.71 24.55 0.78
CA LEU B 501 -5.31 24.42 0.39
C LEU B 501 -4.45 23.95 1.56
N TYR B 502 -4.73 24.44 2.77
CA TYR B 502 -3.98 24.03 3.95
C TYR B 502 -4.11 22.54 4.20
N GLN B 503 -5.32 21.99 4.09
CA GLN B 503 -5.58 20.62 4.51
C GLN B 503 -4.75 19.62 3.71
N PHE B 504 -4.45 19.91 2.46
CA PHE B 504 -3.64 19.00 1.67
C PHE B 504 -2.15 19.16 1.93
N GLN B 505 -1.71 20.38 2.27
CA GLN B 505 -0.34 20.55 2.73
C GLN B 505 -0.11 19.81 4.04
N PHE B 506 -1.07 19.90 4.97
CA PHE B 506 -0.97 19.17 6.23
C PHE B 506 -0.96 17.67 6.00
N GLN B 507 -1.92 17.18 5.19
CA GLN B 507 -2.00 15.74 4.93
C GLN B 507 -0.73 15.23 4.26
N GLU B 508 -0.18 16.01 3.32
CA GLU B 508 1.08 15.62 2.70
C GLU B 508 2.20 15.50 3.72
N ALA B 509 2.26 16.44 4.67
CA ALA B 509 3.29 16.39 5.70
C ALA B 509 3.06 15.22 6.66
N LEU B 510 1.80 15.01 7.06
CA LEU B 510 1.51 13.94 8.02
C LEU B 510 1.69 12.56 7.41
N CYS B 511 1.42 12.42 6.10
CA CYS B 511 1.60 11.13 5.46
C CYS B 511 3.08 10.83 5.23
N GLN B 512 3.90 11.87 5.05
CA GLN B 512 5.34 11.65 5.01
C GLN B 512 5.88 11.26 6.38
N ALA B 513 5.33 11.85 7.45
CA ALA B 513 5.69 11.44 8.80
C ALA B 513 5.21 10.02 9.09
N ALA B 514 4.07 9.62 8.53
CA ALA B 514 3.58 8.26 8.64
C ALA B 514 4.26 7.30 7.69
N LYS B 515 5.21 7.79 6.88
CA LYS B 515 5.91 6.96 5.90
C LYS B 515 4.92 6.26 4.97
N HIS B 516 3.92 7.00 4.52
CA HIS B 516 2.96 6.47 3.55
C HIS B 516 3.68 6.16 2.24
N GLU B 517 3.22 5.11 1.56
CA GLU B 517 3.89 4.60 0.37
C GLU B 517 3.27 5.14 -0.92
N GLY B 518 1.98 4.88 -1.13
CA GLY B 518 1.35 5.17 -2.39
C GLY B 518 0.92 6.62 -2.56
N PRO B 519 -0.15 6.83 -3.34
CA PRO B 519 -0.61 8.20 -3.59
C PRO B 519 -1.19 8.84 -2.35
N LEU B 520 -1.30 10.18 -2.41
CA LEU B 520 -1.78 10.94 -1.26
C LEU B 520 -3.25 10.64 -0.96
N HIS B 521 -4.06 10.39 -2.00
CA HIS B 521 -5.48 10.12 -1.79
C HIS B 521 -5.73 8.76 -1.16
N LYS B 522 -4.72 7.89 -1.11
CA LYS B 522 -4.85 6.59 -0.48
C LYS B 522 -4.26 6.57 0.93
N CYS B 523 -3.88 7.73 1.47
CA CYS B 523 -3.23 7.78 2.77
C CYS B 523 -4.25 7.88 3.89
N ASP B 524 -3.98 7.17 4.98
CA ASP B 524 -4.79 7.22 6.20
C ASP B 524 -3.83 7.25 7.37
N ILE B 525 -3.82 8.35 8.12
CA ILE B 525 -2.85 8.54 9.18
C ILE B 525 -3.31 7.85 10.46
N SER B 526 -4.24 6.91 10.34
CA SER B 526 -4.66 6.13 11.49
C SER B 526 -3.51 5.25 11.95
N ASN B 527 -3.46 4.99 13.25
CA ASN B 527 -2.45 4.13 13.86
C ASN B 527 -1.03 4.67 13.71
N SER B 528 -0.87 5.96 13.39
CA SER B 528 0.43 6.55 13.13
C SER B 528 0.75 7.55 14.24
N THR B 529 1.43 7.06 15.28
CA THR B 529 1.85 7.95 16.36
C THR B 529 2.83 9.00 15.88
N GLU B 530 3.59 8.70 14.82
CA GLU B 530 4.50 9.70 14.26
C GLU B 530 3.74 10.85 13.63
N ALA B 531 2.64 10.55 12.93
CA ALA B 531 1.82 11.61 12.35
C ALA B 531 1.11 12.41 13.43
N GLY B 532 0.71 11.76 14.52
CA GLY B 532 0.06 12.49 15.60
C GLY B 532 1.02 13.38 16.36
N GLN B 533 2.26 12.92 16.56
CA GLN B 533 3.25 13.74 17.25
C GLN B 533 3.58 14.99 16.45
N LYS B 534 3.69 14.86 15.13
CA LYS B 534 3.94 16.03 14.29
C LYS B 534 2.75 16.97 14.29
N LEU B 535 1.54 16.42 14.25
CA LEU B 535 0.34 17.24 14.30
C LEU B 535 0.18 17.92 15.65
N PHE B 536 0.44 17.17 16.73
CA PHE B 536 0.26 17.73 18.08
C PHE B 536 1.23 18.88 18.33
N ASN B 537 2.45 18.78 17.81
CA ASN B 537 3.42 19.87 17.95
C ASN B 537 2.95 21.15 17.28
N MET B 538 2.00 21.05 16.35
CA MET B 538 1.40 22.19 15.69
C MET B 538 0.12 22.65 16.39
N LEU B 539 -0.69 21.72 16.89
CA LEU B 539 -1.92 22.09 17.56
C LEU B 539 -1.66 22.81 18.87
N ARG B 540 -0.61 22.42 19.60
CA ARG B 540 -0.37 22.98 20.93
C ARG B 540 0.17 24.40 20.89
N LEU B 541 0.68 24.87 19.73
CA LEU B 541 1.24 26.21 19.67
C LEU B 541 0.18 27.28 19.81
N GLY B 542 -1.02 27.04 19.31
CA GLY B 542 -2.06 28.05 19.36
C GLY B 542 -1.73 29.26 18.50
N LYS B 543 -2.18 30.42 18.96
CA LYS B 543 -1.95 31.69 18.30
C LYS B 543 -0.64 32.35 18.70
N SER B 544 0.26 31.61 19.35
CA SER B 544 1.53 32.17 19.78
C SER B 544 2.37 32.62 18.59
N GLU B 545 2.91 31.67 17.84
CA GLU B 545 3.68 31.99 16.65
C GLU B 545 2.75 32.37 15.50
N PRO B 546 3.22 33.20 14.57
CA PRO B 546 2.40 33.56 13.41
C PRO B 546 2.03 32.34 12.58
N TRP B 547 0.97 32.49 11.79
CA TRP B 547 0.49 31.36 11.00
C TRP B 547 1.50 30.94 9.93
N THR B 548 2.29 31.89 9.43
CA THR B 548 3.32 31.53 8.44
C THR B 548 4.39 30.64 9.05
N LEU B 549 4.77 30.90 10.30
CA LEU B 549 5.80 30.09 10.94
C LEU B 549 5.24 28.73 11.35
N ALA B 550 4.05 28.71 11.94
CA ALA B 550 3.44 27.44 12.34
C ALA B 550 3.20 26.53 11.14
N LEU B 551 2.83 27.12 10.00
CA LEU B 551 2.69 26.32 8.78
C LEU B 551 4.03 25.75 8.34
N GLU B 552 5.11 26.53 8.46
CA GLU B 552 6.42 26.04 8.05
C GLU B 552 6.92 24.92 8.95
N ASN B 553 6.52 24.92 10.22
CA ASN B 553 7.00 23.91 11.16
C ASN B 553 6.53 22.51 10.79
N VAL B 554 5.41 22.39 10.08
CA VAL B 554 4.84 21.11 9.71
C VAL B 554 5.06 20.78 8.24
N VAL B 555 4.67 21.69 7.35
CA VAL B 555 4.75 21.41 5.92
C VAL B 555 6.06 21.91 5.30
N GLY B 556 6.67 22.94 5.89
CA GLY B 556 7.91 23.48 5.36
C GLY B 556 7.75 24.65 4.42
N ALA B 557 6.61 25.33 4.44
CA ALA B 557 6.37 26.48 3.59
C ALA B 557 5.76 27.61 4.41
N LYS B 558 5.95 28.84 3.93
CA LYS B 558 5.46 30.03 4.61
C LYS B 558 4.19 30.59 3.99
N ASN B 559 3.51 29.83 3.13
CA ASN B 559 2.33 30.33 2.44
C ASN B 559 1.55 29.14 1.88
N MET B 560 0.39 29.43 1.30
CA MET B 560 -0.43 28.40 0.69
C MET B 560 0.29 27.77 -0.50
N ASN B 561 -0.14 26.56 -0.85
CA ASN B 561 0.44 25.83 -1.97
C ASN B 561 -0.66 25.01 -2.63
N VAL B 562 -0.85 25.21 -3.93
CA VAL B 562 -1.87 24.45 -4.65
C VAL B 562 -1.36 23.08 -5.08
N ARG B 563 -0.04 22.90 -5.15
CA ARG B 563 0.50 21.63 -5.61
C ARG B 563 0.03 20.42 -4.80
N PRO B 564 0.00 20.45 -3.47
CA PRO B 564 -0.54 19.28 -2.74
C PRO B 564 -1.98 18.95 -3.10
N LEU B 565 -2.82 19.97 -3.30
CA LEU B 565 -4.19 19.72 -3.69
C LEU B 565 -4.28 19.11 -5.09
N LEU B 566 -3.50 19.63 -6.04
CA LEU B 566 -3.56 19.14 -7.41
C LEU B 566 -3.02 17.73 -7.54
N ASN B 567 -2.02 17.36 -6.74
CA ASN B 567 -1.52 15.99 -6.78
C ASN B 567 -2.53 15.00 -6.20
N TYR B 568 -3.36 15.46 -5.25
CA TYR B 568 -4.36 14.59 -4.65
C TYR B 568 -5.39 14.16 -5.69
N PHE B 569 -5.80 15.07 -6.58
CA PHE B 569 -6.82 14.82 -7.58
C PHE B 569 -6.25 14.52 -8.96
N GLU B 570 -4.96 14.25 -9.07
CA GLU B 570 -4.35 14.01 -10.37
C GLU B 570 -4.86 12.75 -11.06
N PRO B 571 -5.06 11.62 -10.36
CA PRO B 571 -5.68 10.47 -11.01
C PRO B 571 -7.05 10.77 -11.58
N LEU B 572 -7.83 11.62 -10.91
CA LEU B 572 -9.13 12.03 -11.44
C LEU B 572 -9.00 13.05 -12.56
N PHE B 573 -8.02 13.94 -12.48
CA PHE B 573 -7.87 14.99 -13.48
C PHE B 573 -7.56 14.42 -14.86
N THR B 574 -6.66 13.42 -14.91
CA THR B 574 -6.36 12.80 -16.20
C THR B 574 -7.54 11.97 -16.69
N TRP B 575 -8.29 11.34 -15.78
CA TRP B 575 -9.45 10.56 -16.20
C TRP B 575 -10.56 11.46 -16.75
N LEU B 576 -10.71 12.66 -16.19
CA LEU B 576 -11.72 13.58 -16.70
C LEU B 576 -11.37 14.06 -18.10
N LYS B 577 -10.08 14.27 -18.37
CA LYS B 577 -9.67 14.72 -19.70
C LYS B 577 -10.04 13.70 -20.78
N ASP B 578 -9.99 12.41 -20.45
CA ASP B 578 -10.39 11.40 -21.42
C ASP B 578 -11.91 11.31 -21.53
N GLN B 579 -12.61 11.48 -20.41
CA GLN B 579 -14.07 11.44 -20.43
C GLN B 579 -14.68 12.63 -21.18
N ASN B 580 -13.94 13.72 -21.32
CA ASN B 580 -14.46 14.93 -21.95
C ASN B 580 -14.04 15.06 -23.41
N LYS B 581 -13.44 14.01 -23.99
CA LYS B 581 -13.02 14.09 -25.38
C LYS B 581 -14.21 14.24 -26.31
N ASN B 582 -15.38 13.73 -25.91
CA ASN B 582 -16.61 13.90 -26.67
C ASN B 582 -17.54 14.91 -26.03
N SER B 583 -17.07 15.69 -25.07
CA SER B 583 -17.82 16.76 -24.45
C SER B 583 -17.23 18.11 -24.86
N PHE B 584 -17.63 19.16 -24.16
CA PHE B 584 -17.12 20.51 -24.39
C PHE B 584 -16.64 21.08 -23.06
N VAL B 585 -15.33 21.24 -22.92
CA VAL B 585 -14.76 21.85 -21.72
C VAL B 585 -14.83 23.37 -21.86
N GLY B 586 -15.22 24.04 -20.78
CA GLY B 586 -15.50 25.45 -20.79
C GLY B 586 -16.99 25.73 -20.90
N TRP B 587 -17.33 27.02 -20.82
CA TRP B 587 -18.73 27.42 -20.81
C TRP B 587 -18.88 28.82 -21.39
N SER B 588 -20.00 29.04 -22.08
CA SER B 588 -20.37 30.34 -22.61
C SER B 588 -21.15 31.12 -21.57
N THR B 589 -20.73 32.36 -21.31
CA THR B 589 -21.38 33.21 -20.32
C THR B 589 -22.67 33.85 -20.85
N ASP B 590 -23.13 33.47 -22.04
CA ASP B 590 -24.30 34.11 -22.64
C ASP B 590 -25.56 33.26 -22.58
N TRP B 591 -25.44 31.93 -22.54
CA TRP B 591 -26.62 31.09 -22.51
C TRP B 591 -27.30 31.16 -21.15
N SER B 592 -28.62 31.31 -21.15
CA SER B 592 -29.44 31.32 -19.96
C SER B 592 -30.72 30.56 -20.25
N PRO B 593 -31.29 29.90 -19.23
CA PRO B 593 -32.54 29.15 -19.45
C PRO B 593 -33.74 30.03 -19.82
N TYR B 594 -33.64 31.34 -19.66
CA TYR B 594 -34.74 32.26 -19.93
C TYR B 594 -34.45 33.07 -21.20
N ALA B 595 -35.40 33.92 -21.55
CA ALA B 595 -35.26 34.79 -22.72
C ALA B 595 -36.00 36.10 -22.50
N LEU C 17 -23.53 -39.33 -55.96
CA LEU C 17 -22.98 -39.64 -57.27
C LEU C 17 -21.58 -39.06 -57.41
N CYS C 18 -21.29 -38.02 -56.63
CA CYS C 18 -20.00 -37.36 -56.70
C CYS C 18 -18.94 -38.18 -55.98
N PRO C 19 -17.76 -38.38 -56.57
CA PRO C 19 -16.70 -39.17 -55.91
C PRO C 19 -16.03 -38.41 -54.78
N PHE C 20 -16.78 -38.20 -53.69
CA PHE C 20 -16.24 -37.51 -52.53
C PHE C 20 -15.43 -38.45 -51.65
N GLY C 21 -15.88 -39.70 -51.50
CA GLY C 21 -15.12 -40.65 -50.70
C GLY C 21 -13.76 -40.95 -51.27
N GLU C 22 -13.60 -40.83 -52.59
CA GLU C 22 -12.30 -41.05 -53.20
C GLU C 22 -11.30 -39.97 -52.82
N VAL C 23 -11.76 -38.83 -52.32
CA VAL C 23 -10.89 -37.73 -51.89
C VAL C 23 -10.68 -37.74 -50.38
N PHE C 24 -11.77 -37.88 -49.62
CA PHE C 24 -11.66 -37.84 -48.16
C PHE C 24 -11.10 -39.14 -47.61
N ASN C 25 -11.75 -40.27 -47.92
CA ASN C 25 -11.31 -41.58 -47.48
C ASN C 25 -10.18 -42.16 -48.32
N ALA C 26 -9.44 -41.32 -49.04
CA ALA C 26 -8.34 -41.80 -49.85
C ALA C 26 -7.19 -42.29 -48.96
N THR C 27 -6.51 -43.33 -49.43
CA THR C 27 -5.45 -43.95 -48.64
C THR C 27 -4.25 -43.01 -48.50
N LYS C 28 -3.54 -42.76 -49.60
CA LYS C 28 -2.35 -41.92 -49.56
C LYS C 28 -2.74 -40.48 -49.84
N PHE C 29 -2.22 -39.57 -49.02
CA PHE C 29 -2.44 -38.14 -49.19
C PHE C 29 -1.14 -37.45 -49.57
N PRO C 30 -1.19 -36.45 -50.45
CA PRO C 30 0.04 -35.87 -50.96
C PRO C 30 0.65 -34.85 -50.00
N SER C 31 1.92 -34.55 -50.26
CA SER C 31 2.59 -33.49 -49.51
C SER C 31 1.99 -32.14 -49.88
N VAL C 32 2.13 -31.18 -48.97
CA VAL C 32 1.52 -29.87 -49.19
C VAL C 32 2.21 -29.13 -50.32
N TYR C 33 3.52 -29.31 -50.46
CA TYR C 33 4.23 -28.64 -51.55
C TYR C 33 3.80 -29.19 -52.91
N ALA C 34 3.47 -30.47 -52.98
CA ALA C 34 2.99 -31.08 -54.21
C ALA C 34 1.54 -31.52 -54.06
N TRP C 35 0.67 -30.60 -53.64
CA TRP C 35 -0.73 -30.93 -53.41
C TRP C 35 -1.40 -31.36 -54.71
N GLU C 36 -2.40 -32.22 -54.57
CA GLU C 36 -3.13 -32.76 -55.71
C GLU C 36 -4.45 -32.03 -55.90
N ARG C 37 -5.00 -32.18 -57.10
CA ARG C 37 -6.25 -31.53 -57.47
C ARG C 37 -7.14 -32.55 -58.16
N LYS C 38 -8.42 -32.58 -57.79
CA LYS C 38 -9.39 -33.44 -58.43
C LYS C 38 -10.55 -32.58 -58.90
N LYS C 39 -10.96 -32.76 -60.14
CA LYS C 39 -12.02 -31.98 -60.75
C LYS C 39 -13.28 -32.83 -60.83
N ILE C 40 -14.34 -32.39 -60.14
CA ILE C 40 -15.59 -33.12 -60.05
C ILE C 40 -16.65 -32.34 -60.79
N SER C 41 -17.44 -33.03 -61.60
CA SER C 41 -18.50 -32.39 -62.36
C SER C 41 -19.54 -33.44 -62.74
N ASN C 42 -20.77 -32.97 -62.93
CA ASN C 42 -21.90 -33.80 -63.35
C ASN C 42 -22.13 -34.95 -62.37
N CYS C 43 -22.73 -34.65 -61.23
CA CYS C 43 -23.07 -35.66 -60.23
C CYS C 43 -24.09 -35.07 -59.27
N VAL C 44 -24.46 -35.85 -58.27
CA VAL C 44 -25.37 -35.42 -57.22
C VAL C 44 -24.59 -35.37 -55.92
N ALA C 45 -24.27 -34.15 -55.47
CA ALA C 45 -23.46 -33.96 -54.28
C ALA C 45 -24.31 -34.18 -53.03
N ASP C 46 -23.79 -34.96 -52.09
CA ASP C 46 -24.42 -35.15 -50.79
C ASP C 46 -23.47 -34.57 -49.74
N TYR C 47 -23.58 -33.26 -49.50
CA TYR C 47 -22.74 -32.61 -48.51
C TYR C 47 -23.12 -32.97 -47.08
N SER C 48 -24.19 -33.73 -46.87
CA SER C 48 -24.56 -34.15 -45.52
C SER C 48 -23.55 -35.13 -44.93
N VAL C 49 -22.78 -35.82 -45.76
CA VAL C 49 -21.74 -36.72 -45.25
C VAL C 49 -20.66 -35.93 -44.52
N LEU C 50 -20.49 -34.66 -44.87
CA LEU C 50 -19.39 -33.86 -44.34
C LEU C 50 -19.73 -33.16 -43.03
N TYR C 51 -20.82 -32.40 -42.99
CA TYR C 51 -21.11 -31.57 -41.82
C TYR C 51 -21.82 -32.31 -40.69
N ASN C 52 -22.21 -33.56 -40.91
CA ASN C 52 -22.84 -34.38 -39.87
C ASN C 52 -21.85 -35.38 -39.28
N SER C 53 -20.63 -34.95 -39.00
CA SER C 53 -19.54 -35.85 -38.65
C SER C 53 -18.63 -35.21 -37.62
N THR C 54 -18.34 -35.97 -36.56
CA THR C 54 -17.26 -35.60 -35.64
C THR C 54 -15.90 -35.91 -36.23
N PHE C 55 -15.86 -36.53 -37.41
CA PHE C 55 -14.60 -36.86 -38.06
C PHE C 55 -13.80 -35.60 -38.37
N PHE C 56 -14.43 -34.63 -39.01
CA PHE C 56 -13.77 -33.37 -39.32
C PHE C 56 -13.58 -32.54 -38.05
N SER C 57 -12.41 -31.92 -37.91
CA SER C 57 -12.10 -31.12 -36.74
C SER C 57 -12.09 -29.62 -37.00
N THR C 58 -12.14 -29.19 -38.25
CA THR C 58 -12.14 -27.76 -38.57
C THR C 58 -13.42 -27.39 -39.31
N PHE C 59 -13.44 -27.61 -40.62
CA PHE C 59 -14.59 -27.32 -41.47
C PHE C 59 -15.01 -25.85 -41.38
N LYS C 60 -14.26 -24.98 -42.05
CA LYS C 60 -14.55 -23.55 -42.10
C LYS C 60 -14.86 -23.18 -43.54
N CYS C 61 -16.08 -22.75 -43.80
CA CYS C 61 -16.56 -22.42 -45.15
C CYS C 61 -16.47 -20.92 -45.36
N TYR C 62 -15.58 -20.50 -46.25
CA TYR C 62 -15.41 -19.09 -46.58
C TYR C 62 -16.18 -18.77 -47.85
N GLY C 63 -17.03 -17.74 -47.78
CA GLY C 63 -17.82 -17.31 -48.91
C GLY C 63 -19.22 -17.89 -48.97
N VAL C 64 -19.42 -19.10 -48.46
CA VAL C 64 -20.72 -19.76 -48.45
C VAL C 64 -21.00 -20.25 -47.03
N SER C 65 -22.25 -20.67 -46.81
CA SER C 65 -22.65 -21.21 -45.52
C SER C 65 -22.49 -22.72 -45.51
N ALA C 66 -21.94 -23.25 -44.42
CA ALA C 66 -21.66 -24.67 -44.35
C ALA C 66 -22.93 -25.53 -44.42
N THR C 67 -24.07 -24.97 -44.02
CA THR C 67 -25.33 -25.69 -44.07
C THR C 67 -26.17 -25.38 -45.31
N LYS C 68 -26.20 -24.12 -45.73
CA LYS C 68 -27.05 -23.72 -46.85
C LYS C 68 -26.54 -24.23 -48.20
N LEU C 69 -25.28 -24.63 -48.29
CA LEU C 69 -24.73 -25.09 -49.56
C LEU C 69 -25.39 -26.36 -50.07
N ASN C 70 -26.12 -27.09 -49.22
CA ASN C 70 -26.71 -28.35 -49.67
C ASN C 70 -27.84 -28.13 -50.68
N ASP C 71 -28.57 -27.02 -50.59
CA ASP C 71 -29.61 -26.70 -51.57
C ASP C 71 -29.15 -25.63 -52.56
N LEU C 72 -27.92 -25.73 -53.04
CA LEU C 72 -27.33 -24.76 -53.96
C LEU C 72 -26.67 -25.51 -55.10
N CYS C 73 -26.70 -24.91 -56.29
CA CYS C 73 -26.10 -25.51 -57.47
C CYS C 73 -24.87 -24.72 -57.92
N PHE C 74 -23.85 -25.45 -58.35
CA PHE C 74 -22.58 -24.89 -58.81
C PHE C 74 -22.24 -25.51 -60.16
N SER C 75 -21.10 -25.09 -60.70
CA SER C 75 -20.61 -25.58 -62.00
C SER C 75 -19.61 -26.72 -61.86
N ASN C 76 -18.65 -26.60 -60.96
CA ASN C 76 -17.69 -27.67 -60.70
C ASN C 76 -17.02 -27.41 -59.37
N VAL C 77 -16.52 -28.49 -58.77
CA VAL C 77 -15.88 -28.45 -57.46
C VAL C 77 -14.47 -28.99 -57.61
N TYR C 78 -13.50 -28.26 -57.05
CA TYR C 78 -12.10 -28.63 -57.10
C TYR C 78 -11.65 -29.00 -55.68
N ALA C 79 -11.43 -30.29 -55.45
CA ALA C 79 -11.01 -30.78 -54.14
C ALA C 79 -9.50 -30.88 -54.11
N ASP C 80 -8.87 -30.06 -53.26
CA ASP C 80 -7.43 -30.04 -53.10
C ASP C 80 -7.05 -30.80 -51.84
N SER C 81 -6.15 -31.76 -51.97
CA SER C 81 -5.73 -32.59 -50.84
C SER C 81 -4.26 -32.35 -50.56
N PHE C 82 -3.91 -32.36 -49.28
CA PHE C 82 -2.53 -32.22 -48.81
C PHE C 82 -2.53 -32.48 -47.30
N VAL C 83 -1.33 -32.47 -46.72
CA VAL C 83 -1.14 -32.77 -45.30
C VAL C 83 -0.23 -31.71 -44.69
N VAL C 84 -0.67 -31.13 -43.57
CA VAL C 84 0.14 -30.18 -42.81
C VAL C 84 -0.03 -30.49 -41.33
N LYS C 85 0.90 -29.98 -40.52
CA LYS C 85 0.79 -30.14 -39.08
C LYS C 85 -0.37 -29.31 -38.54
N GLY C 86 -0.72 -29.57 -37.28
CA GLY C 86 -1.86 -28.90 -36.68
C GLY C 86 -1.72 -27.38 -36.66
N ASP C 87 -0.52 -26.90 -36.34
CA ASP C 87 -0.29 -25.45 -36.28
C ASP C 87 -0.26 -24.82 -37.67
N ASP C 88 -0.09 -25.61 -38.73
CA ASP C 88 -0.09 -25.10 -40.09
C ASP C 88 -1.48 -25.08 -40.71
N VAL C 89 -2.51 -25.54 -40.00
CA VAL C 89 -3.85 -25.58 -40.59
C VAL C 89 -4.44 -24.18 -40.67
N ARG C 90 -4.12 -23.31 -39.71
CA ARG C 90 -4.66 -21.95 -39.71
C ARG C 90 -4.19 -21.13 -40.90
N GLN C 91 -3.17 -21.58 -41.63
CA GLN C 91 -2.71 -20.86 -42.81
C GLN C 91 -3.54 -21.16 -44.04
N ILE C 92 -4.31 -22.25 -44.04
CA ILE C 92 -5.18 -22.58 -45.16
C ILE C 92 -6.45 -21.76 -45.07
N ALA C 93 -6.32 -20.45 -45.29
CA ALA C 93 -7.43 -19.52 -45.18
C ALA C 93 -7.10 -18.29 -46.01
N PRO C 94 -8.11 -17.55 -46.46
CA PRO C 94 -7.83 -16.34 -47.24
C PRO C 94 -7.06 -15.31 -46.43
N GLY C 95 -5.99 -14.78 -47.02
CA GLY C 95 -5.17 -13.77 -46.37
C GLY C 95 -4.33 -14.31 -45.23
N GLN C 96 -3.34 -15.14 -45.56
CA GLN C 96 -2.40 -15.66 -44.57
C GLN C 96 -0.99 -15.58 -45.16
N THR C 97 0.00 -15.45 -44.27
CA THR C 97 1.39 -15.23 -44.69
C THR C 97 2.35 -16.05 -43.83
N GLY C 98 2.14 -17.36 -43.77
CA GLY C 98 3.08 -18.23 -43.10
C GLY C 98 4.09 -18.81 -44.07
N VAL C 99 4.46 -20.07 -43.88
CA VAL C 99 5.31 -20.77 -44.83
C VAL C 99 4.48 -21.65 -45.77
N ILE C 100 3.46 -22.32 -45.24
CA ILE C 100 2.55 -23.10 -46.08
C ILE C 100 1.78 -22.17 -47.01
N ALA C 101 1.27 -21.06 -46.47
CA ALA C 101 0.47 -20.15 -47.27
C ALA C 101 1.30 -19.31 -48.24
N ASP C 102 2.61 -19.23 -48.04
CA ASP C 102 3.46 -18.44 -48.93
C ASP C 102 4.14 -19.28 -50.01
N TYR C 103 4.59 -20.49 -49.67
CA TYR C 103 5.40 -21.28 -50.58
C TYR C 103 4.76 -22.61 -50.97
N ASN C 104 3.59 -22.94 -50.44
CA ASN C 104 3.02 -24.26 -50.70
C ASN C 104 1.60 -24.19 -51.24
N TYR C 105 0.71 -23.46 -50.55
CA TYR C 105 -0.70 -23.43 -50.93
C TYR C 105 -1.30 -22.11 -50.42
N LYS C 106 -1.51 -21.17 -51.35
CA LYS C 106 -2.09 -19.87 -51.03
C LYS C 106 -3.53 -19.82 -51.52
N LEU C 107 -4.46 -19.55 -50.60
CA LEU C 107 -5.83 -19.34 -51.04
C LEU C 107 -6.04 -17.88 -51.42
N PRO C 108 -6.87 -17.62 -52.43
CA PRO C 108 -7.12 -16.25 -52.85
C PRO C 108 -7.92 -15.48 -51.82
N ASP C 109 -7.79 -14.15 -51.86
CA ASP C 109 -8.54 -13.29 -50.96
C ASP C 109 -10.04 -13.42 -51.20
N ASP C 110 -10.44 -13.72 -52.43
CA ASP C 110 -11.84 -13.93 -52.78
C ASP C 110 -12.19 -15.42 -52.89
N PHE C 111 -11.66 -16.23 -51.97
CA PHE C 111 -11.93 -17.66 -51.98
C PHE C 111 -13.39 -17.93 -51.66
N MET C 112 -13.98 -18.90 -52.37
CA MET C 112 -15.39 -19.25 -52.24
C MET C 112 -15.49 -20.76 -52.08
N GLY C 113 -15.17 -21.24 -50.89
CA GLY C 113 -15.24 -22.67 -50.64
C GLY C 113 -15.14 -22.98 -49.16
N CYS C 114 -14.87 -24.25 -48.87
CA CYS C 114 -14.74 -24.75 -47.51
C CYS C 114 -13.41 -25.45 -47.34
N VAL C 115 -12.82 -25.30 -46.16
CA VAL C 115 -11.55 -25.94 -45.80
C VAL C 115 -11.86 -26.95 -44.70
N LEU C 116 -11.69 -28.23 -44.99
CA LEU C 116 -11.94 -29.30 -44.04
C LEU C 116 -10.64 -29.98 -43.67
N ALA C 117 -10.46 -30.26 -42.38
CA ALA C 117 -9.26 -30.91 -41.89
C ALA C 117 -9.60 -31.79 -40.70
N TRP C 118 -8.78 -32.81 -40.48
CA TRP C 118 -8.99 -33.73 -39.37
C TRP C 118 -7.68 -34.37 -38.99
N ASN C 119 -7.57 -34.78 -37.72
CA ASN C 119 -6.34 -35.36 -37.21
C ASN C 119 -6.15 -36.76 -37.75
N THR C 120 -4.92 -37.07 -38.16
CA THR C 120 -4.56 -38.37 -38.72
C THR C 120 -3.26 -38.87 -38.11
N ARG C 121 -3.14 -38.80 -36.79
CA ARG C 121 -1.92 -39.27 -36.14
C ARG C 121 -1.79 -40.78 -36.23
N ASN C 122 -2.88 -41.51 -36.01
CA ASN C 122 -2.84 -42.97 -36.08
C ASN C 122 -2.54 -43.47 -37.49
N ILE C 123 -2.71 -42.63 -38.51
CA ILE C 123 -2.54 -43.02 -39.89
C ILE C 123 -1.26 -42.45 -40.49
N ASP C 124 -0.95 -41.19 -40.19
CA ASP C 124 0.17 -40.49 -40.82
C ASP C 124 1.35 -40.28 -39.90
N ALA C 125 1.35 -40.88 -38.71
CA ALA C 125 2.46 -40.76 -37.77
C ALA C 125 2.86 -42.14 -37.29
N THR C 126 4.15 -42.46 -37.38
CA THR C 126 4.70 -43.72 -36.93
C THR C 126 5.68 -43.48 -35.78
N SER C 127 5.86 -44.49 -34.94
CA SER C 127 6.77 -44.36 -33.81
C SER C 127 8.21 -44.12 -34.27
N THR C 128 8.59 -44.70 -35.40
CA THR C 128 9.92 -44.45 -35.95
C THR C 128 10.04 -43.07 -36.58
N GLY C 129 8.91 -42.42 -36.89
CA GLY C 129 8.94 -41.11 -37.49
C GLY C 129 8.54 -41.13 -38.96
N ASN C 130 7.46 -40.42 -39.28
CA ASN C 130 6.99 -40.33 -40.67
C ASN C 130 7.59 -39.08 -41.29
N TYR C 131 8.66 -39.27 -42.06
CA TYR C 131 9.35 -38.19 -42.74
C TYR C 131 8.94 -38.05 -44.20
N ASN C 132 7.86 -38.73 -44.60
CA ASN C 132 7.47 -38.72 -46.00
C ASN C 132 6.88 -37.37 -46.40
N TYR C 133 6.02 -36.80 -45.57
CA TYR C 133 5.37 -35.54 -45.89
C TYR C 133 6.38 -34.40 -45.84
N LYS C 134 6.50 -33.67 -46.95
CA LYS C 134 7.47 -32.59 -47.07
C LYS C 134 6.75 -31.28 -47.40
N TYR C 135 7.47 -30.18 -47.22
CA TYR C 135 6.96 -28.85 -47.54
C TYR C 135 8.10 -27.96 -48.01
N ARG C 136 7.76 -26.98 -48.84
CA ARG C 136 8.75 -26.05 -49.36
C ARG C 136 9.03 -24.97 -48.32
N LEU C 137 10.29 -24.83 -47.95
CA LEU C 137 10.70 -23.85 -46.94
C LEU C 137 11.22 -22.55 -47.53
N PHE C 138 11.86 -22.59 -48.71
CA PHE C 138 12.44 -21.40 -49.30
C PHE C 138 11.94 -21.24 -50.74
N ARG C 139 11.68 -19.99 -51.12
CA ARG C 139 11.26 -19.68 -52.48
C ARG C 139 11.60 -18.22 -52.76
N LYS C 140 11.90 -17.92 -54.02
CA LYS C 140 12.25 -16.56 -54.39
C LYS C 140 11.09 -15.60 -54.16
N SER C 141 9.99 -15.80 -54.89
CA SER C 141 8.78 -15.00 -54.70
C SER C 141 7.72 -15.84 -54.00
N ASN C 142 6.59 -15.22 -53.70
CA ASN C 142 5.47 -15.93 -53.11
C ASN C 142 4.64 -16.63 -54.19
N LEU C 143 3.68 -17.42 -53.74
CA LEU C 143 2.82 -18.18 -54.64
C LEU C 143 1.56 -17.40 -54.91
N LYS C 144 1.21 -17.25 -56.19
CA LYS C 144 -0.07 -16.70 -56.56
C LYS C 144 -1.16 -17.70 -56.14
N PRO C 145 -2.39 -17.22 -55.96
CA PRO C 145 -3.46 -18.12 -55.51
C PRO C 145 -3.58 -19.37 -56.39
N PHE C 146 -3.62 -20.53 -55.73
CA PHE C 146 -3.76 -21.84 -56.37
C PHE C 146 -2.56 -22.23 -57.23
N GLU C 147 -1.39 -21.68 -56.96
CA GLU C 147 -0.19 -22.05 -57.71
C GLU C 147 0.47 -23.27 -57.07
N ARG C 148 1.30 -23.95 -57.86
CA ARG C 148 1.97 -25.16 -57.42
C ARG C 148 3.42 -25.12 -57.87
N ASP C 149 4.30 -25.71 -57.06
CA ASP C 149 5.73 -25.67 -57.32
C ASP C 149 6.35 -27.00 -56.88
N ILE C 150 6.92 -27.74 -57.83
CA ILE C 150 7.55 -29.02 -57.58
C ILE C 150 9.06 -28.95 -57.79
N SER C 151 9.60 -27.76 -58.00
CA SER C 151 11.03 -27.62 -58.28
C SER C 151 11.86 -27.99 -57.06
N THR C 152 12.90 -28.79 -57.28
CA THR C 152 13.86 -29.15 -56.25
C THR C 152 15.23 -28.52 -56.49
N GLU C 153 15.25 -27.38 -57.16
CA GLU C 153 16.50 -26.69 -57.45
C GLU C 153 17.03 -26.04 -56.18
N ILE C 154 18.34 -26.13 -55.97
CA ILE C 154 18.94 -25.61 -54.74
C ILE C 154 18.67 -24.11 -54.65
N TYR C 155 17.96 -23.71 -53.59
CA TYR C 155 17.68 -22.30 -53.35
C TYR C 155 18.97 -21.56 -53.05
N GLN C 156 19.14 -20.40 -53.69
CA GLN C 156 20.32 -19.56 -53.52
C GLN C 156 19.87 -18.29 -52.83
N ALA C 157 20.31 -18.10 -51.59
CA ALA C 157 19.96 -16.90 -50.84
C ALA C 157 21.00 -15.80 -50.98
N GLY C 158 22.26 -16.17 -51.25
CA GLY C 158 23.32 -15.20 -51.40
C GLY C 158 23.61 -14.92 -52.87
N SER C 159 24.80 -14.36 -53.11
CA SER C 159 25.25 -13.98 -54.44
C SER C 159 26.09 -15.06 -55.11
N THR C 160 26.96 -15.71 -54.36
CA THR C 160 27.81 -16.76 -54.93
C THR C 160 26.94 -17.87 -55.50
N PRO C 161 27.26 -18.37 -56.70
CA PRO C 161 26.42 -19.39 -57.32
C PRO C 161 26.47 -20.71 -56.55
N CYS C 162 25.41 -21.50 -56.74
CA CYS C 162 25.26 -22.75 -56.02
C CYS C 162 25.42 -23.97 -56.90
N ASN C 163 25.56 -23.80 -58.21
CA ASN C 163 25.84 -24.90 -59.14
C ASN C 163 24.71 -25.92 -59.00
N GLY C 164 24.97 -27.13 -58.55
CA GLY C 164 23.91 -28.05 -58.18
C GLY C 164 24.16 -28.59 -56.78
N VAL C 165 25.36 -28.35 -56.28
CA VAL C 165 25.78 -28.81 -54.96
C VAL C 165 25.24 -27.85 -53.90
N GLU C 166 25.06 -28.38 -52.68
CA GLU C 166 24.61 -27.60 -51.55
C GLU C 166 25.82 -26.93 -50.89
N GLY C 167 25.56 -26.18 -49.81
CA GLY C 167 26.65 -25.51 -49.12
C GLY C 167 26.34 -24.13 -48.57
N PHE C 168 27.32 -23.24 -48.62
CA PHE C 168 27.20 -21.93 -48.00
C PHE C 168 26.10 -21.12 -48.69
N ASN C 169 25.05 -20.79 -47.93
CA ASN C 169 23.93 -20.00 -48.42
C ASN C 169 23.21 -20.65 -49.59
N CYS C 170 23.45 -21.94 -49.77
CA CYS C 170 22.81 -22.77 -50.78
C CYS C 170 22.07 -23.88 -50.03
N TYR C 171 20.74 -23.82 -50.02
CA TYR C 171 19.94 -24.73 -49.22
C TYR C 171 18.95 -25.46 -50.11
N PHE C 172 18.76 -26.75 -49.83
CA PHE C 172 17.71 -27.51 -50.50
C PHE C 172 16.36 -26.92 -50.10
N PRO C 173 15.43 -26.78 -51.03
CA PRO C 173 14.19 -26.04 -50.72
C PRO C 173 13.21 -26.83 -49.89
N LEU C 174 13.13 -28.15 -50.10
CA LEU C 174 12.14 -28.98 -49.46
C LEU C 174 12.62 -29.44 -48.08
N GLN C 175 11.76 -29.25 -47.08
CA GLN C 175 11.94 -29.84 -45.76
C GLN C 175 10.79 -30.78 -45.48
N SER C 176 11.03 -31.76 -44.60
CA SER C 176 10.09 -32.83 -44.33
C SER C 176 9.57 -32.74 -42.90
N TYR C 177 8.26 -32.95 -42.74
CA TYR C 177 7.67 -33.02 -41.41
C TYR C 177 8.17 -34.26 -40.67
N GLY C 178 8.18 -34.16 -39.34
CA GLY C 178 8.48 -35.30 -38.50
C GLY C 178 7.29 -35.72 -37.68
N PHE C 179 6.60 -36.78 -38.11
CA PHE C 179 5.32 -37.20 -37.53
C PHE C 179 5.53 -38.46 -36.69
N GLN C 180 5.73 -38.25 -35.39
CA GLN C 180 5.77 -39.28 -34.36
C GLN C 180 4.54 -39.16 -33.46
N PRO C 181 4.07 -40.27 -32.88
CA PRO C 181 2.82 -40.22 -32.11
C PRO C 181 2.92 -39.48 -30.79
N THR C 182 4.11 -39.13 -30.35
CA THR C 182 4.28 -38.38 -29.10
C THR C 182 4.30 -36.87 -29.30
N ASN C 183 4.14 -36.40 -30.53
CA ASN C 183 4.12 -34.96 -30.79
C ASN C 183 2.84 -34.35 -30.23
N GLY C 184 2.94 -33.07 -29.87
CA GLY C 184 1.77 -32.33 -29.44
C GLY C 184 0.77 -32.16 -30.57
N VAL C 185 -0.42 -31.69 -30.19
CA VAL C 185 -1.49 -31.51 -31.17
C VAL C 185 -1.07 -30.53 -32.26
N GLY C 186 -0.30 -29.50 -31.89
CA GLY C 186 0.18 -28.54 -32.87
C GLY C 186 1.13 -29.14 -33.88
N TYR C 187 1.79 -30.24 -33.55
CA TYR C 187 2.74 -30.90 -34.43
C TYR C 187 2.28 -32.27 -34.88
N GLN C 188 0.95 -32.53 -34.84
CA GLN C 188 0.43 -33.81 -35.31
C GLN C 188 -0.07 -33.68 -36.75
N PRO C 189 -0.03 -34.76 -37.53
CA PRO C 189 -0.42 -34.65 -38.94
C PRO C 189 -1.93 -34.51 -39.08
N TYR C 190 -2.35 -33.53 -39.88
CA TYR C 190 -3.75 -33.28 -40.19
C TYR C 190 -3.92 -33.30 -41.70
N ARG C 191 -4.91 -34.05 -42.17
CA ARG C 191 -5.21 -34.11 -43.59
C ARG C 191 -6.25 -33.04 -43.93
N VAL C 192 -5.93 -32.22 -44.93
CA VAL C 192 -6.75 -31.07 -45.31
C VAL C 192 -7.33 -31.32 -46.69
N VAL C 193 -8.62 -31.02 -46.86
CA VAL C 193 -9.30 -31.09 -48.14
C VAL C 193 -9.95 -29.73 -48.37
N VAL C 194 -9.48 -29.01 -49.38
CA VAL C 194 -9.94 -27.66 -49.67
C VAL C 194 -10.95 -27.76 -50.81
N LEU C 195 -12.24 -27.79 -50.47
CA LEU C 195 -13.29 -27.77 -51.47
C LEU C 195 -13.42 -26.36 -52.01
N SER C 196 -13.18 -26.18 -53.31
CA SER C 196 -13.23 -24.88 -53.96
C SER C 196 -14.44 -24.85 -54.89
N PHE C 197 -15.37 -23.96 -54.60
CA PHE C 197 -16.58 -23.80 -55.40
C PHE C 197 -16.43 -22.62 -56.36
N GLU C 198 -17.03 -22.76 -57.54
CA GLU C 198 -17.00 -21.69 -58.54
C GLU C 198 -18.18 -21.85 -59.46
N LEU C 199 -18.50 -20.77 -60.18
CA LEU C 199 -19.59 -20.75 -61.14
C LEU C 199 -19.12 -19.98 -62.37
N LEU C 200 -19.03 -20.68 -63.51
CA LEU C 200 -18.63 -20.04 -64.76
C LEU C 200 -19.81 -19.32 -65.39
N ASN C 201 -19.92 -19.38 -66.72
CA ASN C 201 -21.10 -18.87 -67.39
C ASN C 201 -22.25 -19.87 -67.34
N ALA C 202 -21.94 -21.16 -67.38
CA ALA C 202 -22.93 -22.20 -67.09
C ALA C 202 -22.91 -22.49 -65.60
N PRO C 203 -24.00 -22.24 -64.87
CA PRO C 203 -23.97 -22.33 -63.40
C PRO C 203 -24.45 -23.64 -62.79
N ALA C 204 -24.91 -24.61 -63.58
CA ALA C 204 -25.52 -25.82 -63.03
C ALA C 204 -24.90 -27.06 -63.66
N THR C 205 -24.15 -27.82 -62.86
CA THR C 205 -23.60 -29.10 -63.30
C THR C 205 -23.54 -30.08 -62.14
N VAL C 206 -23.31 -29.56 -60.94
CA VAL C 206 -23.35 -30.34 -59.70
C VAL C 206 -24.21 -29.61 -58.68
N CYS C 207 -25.09 -30.34 -58.01
CA CYS C 207 -26.06 -29.72 -57.12
C CYS C 207 -26.61 -30.74 -56.15
N GLY C 208 -27.18 -30.24 -55.06
CA GLY C 208 -27.78 -31.08 -54.04
C GLY C 208 -29.27 -31.25 -54.27
N PRO C 209 -29.77 -32.48 -54.08
CA PRO C 209 -31.17 -32.81 -54.34
C PRO C 209 -32.09 -32.26 -53.25
N ASN D 13 -8.46 6.80 81.24
CA ASN D 13 -7.45 5.79 80.92
C ASN D 13 -7.85 5.01 79.66
N ILE D 14 -8.94 5.46 79.04
CA ILE D 14 -9.43 4.80 77.82
C ILE D 14 -8.43 5.00 76.69
N THR D 15 -8.17 3.91 75.95
CA THR D 15 -7.31 4.00 74.77
C THR D 15 -7.98 4.92 73.75
N ASN D 16 -7.82 6.23 73.92
CA ASN D 16 -8.47 7.19 73.06
C ASN D 16 -8.03 6.99 71.60
N LEU D 17 -9.01 6.83 70.72
CA LEU D 17 -8.69 6.66 69.32
C LEU D 17 -8.31 8.00 68.70
N CYS D 18 -7.55 7.93 67.61
CA CYS D 18 -7.06 9.14 66.95
C CYS D 18 -8.18 9.77 66.14
N PRO D 19 -8.38 11.08 66.24
CA PRO D 19 -9.46 11.75 65.47
C PRO D 19 -9.11 11.93 63.99
N PHE D 20 -9.08 10.81 63.27
CA PHE D 20 -8.78 10.87 61.84
C PHE D 20 -10.03 11.20 61.03
N GLY D 21 -11.18 10.63 61.41
CA GLY D 21 -12.41 10.94 60.71
C GLY D 21 -12.83 12.39 60.85
N GLU D 22 -12.49 13.02 61.97
CA GLU D 22 -12.82 14.42 62.18
C GLU D 22 -12.09 15.35 61.23
N VAL D 23 -11.03 14.87 60.58
CA VAL D 23 -10.25 15.67 59.63
C VAL D 23 -10.68 15.39 58.19
N PHE D 24 -10.83 14.11 57.84
CA PHE D 24 -11.19 13.75 56.48
C PHE D 24 -12.68 14.00 56.22
N ASN D 25 -13.54 13.45 57.08
CA ASN D 25 -14.99 13.63 56.94
C ASN D 25 -15.48 14.98 57.47
N ALA D 26 -14.61 15.97 57.58
CA ALA D 26 -15.03 17.29 58.05
C ALA D 26 -15.90 17.96 57.00
N THR D 27 -16.91 18.70 57.47
CA THR D 27 -17.87 19.36 56.59
C THR D 27 -17.23 20.49 55.79
N LYS D 28 -16.89 21.58 56.47
CA LYS D 28 -16.34 22.76 55.81
C LYS D 28 -14.83 22.68 55.75
N PHE D 29 -14.26 22.97 54.58
CA PHE D 29 -12.83 23.03 54.34
C PHE D 29 -12.42 24.46 54.01
N PRO D 30 -11.26 24.90 54.50
CA PRO D 30 -10.87 26.30 54.31
C PRO D 30 -10.25 26.53 52.94
N SER D 31 -10.13 27.81 52.58
CA SER D 31 -9.42 28.18 51.37
C SER D 31 -7.93 27.90 51.52
N VAL D 32 -7.26 27.72 50.39
CA VAL D 32 -5.84 27.35 50.42
C VAL D 32 -4.99 28.49 50.95
N TYR D 33 -5.34 29.74 50.64
CA TYR D 33 -4.56 30.86 51.14
C TYR D 33 -4.66 31.00 52.65
N ALA D 34 -5.82 30.64 53.22
CA ALA D 34 -6.01 30.68 54.66
C ALA D 34 -6.21 29.27 55.20
N TRP D 35 -5.27 28.38 54.89
CA TRP D 35 -5.38 26.99 55.30
C TRP D 35 -5.37 26.86 56.82
N GLU D 36 -6.05 25.84 57.32
CA GLU D 36 -6.18 25.59 58.75
C GLU D 36 -5.21 24.50 59.20
N ARG D 37 -5.00 24.44 60.51
CA ARG D 37 -4.04 23.53 61.13
C ARG D 37 -4.69 22.84 62.32
N LYS D 38 -4.46 21.54 62.45
CA LYS D 38 -4.96 20.75 63.57
C LYS D 38 -3.79 20.07 64.28
N LYS D 39 -3.78 20.16 65.60
CA LYS D 39 -2.73 19.58 66.44
C LYS D 39 -3.30 18.36 67.15
N ILE D 40 -2.76 17.19 66.83
CA ILE D 40 -3.23 15.92 67.37
C ILE D 40 -2.14 15.29 68.21
N SER D 41 -2.52 14.75 69.37
CA SER D 41 -1.58 14.10 70.27
C SER D 41 -2.34 13.13 71.17
N ASN D 42 -1.63 12.11 71.64
CA ASN D 42 -2.17 11.13 72.58
C ASN D 42 -3.38 10.38 72.03
N CYS D 43 -3.13 9.34 71.23
CA CYS D 43 -4.20 8.52 70.68
C CYS D 43 -3.64 7.16 70.28
N VAL D 44 -4.51 6.33 69.72
CA VAL D 44 -4.17 5.02 69.16
C VAL D 44 -4.41 5.11 67.66
N ALA D 45 -3.35 5.14 66.88
CA ALA D 45 -3.48 5.35 65.44
C ALA D 45 -4.00 4.10 64.74
N ASP D 46 -5.00 4.30 63.89
CA ASP D 46 -5.52 3.27 63.00
C ASP D 46 -5.24 3.77 61.59
N TYR D 47 -4.05 3.47 61.08
CA TYR D 47 -3.65 3.91 59.75
C TYR D 47 -4.45 3.22 58.64
N SER D 48 -5.36 2.32 58.99
CA SER D 48 -6.23 1.69 58.01
C SER D 48 -7.17 2.68 57.35
N VAL D 49 -7.40 3.84 57.98
CA VAL D 49 -8.24 4.87 57.38
C VAL D 49 -7.63 5.37 56.07
N LEU D 50 -6.31 5.24 55.91
CA LEU D 50 -5.61 5.78 54.76
C LEU D 50 -5.58 4.82 53.58
N TYR D 51 -5.15 3.58 53.80
CA TYR D 51 -4.92 2.66 52.69
C TYR D 51 -6.19 1.94 52.21
N ASN D 52 -7.34 2.19 52.82
CA ASN D 52 -8.57 1.52 52.42
C ASN D 52 -9.45 2.34 51.50
N SER D 53 -9.47 3.66 51.63
CA SER D 53 -10.44 4.47 50.90
C SER D 53 -10.07 4.54 49.42
N THR D 54 -11.04 4.21 48.56
CA THR D 54 -10.91 4.48 47.13
C THR D 54 -11.18 5.92 46.77
N PHE D 55 -11.63 6.74 47.72
CA PHE D 55 -11.91 8.14 47.46
C PHE D 55 -10.66 8.91 47.07
N PHE D 56 -9.56 8.68 47.79
CA PHE D 56 -8.34 9.43 47.54
C PHE D 56 -7.79 9.14 46.15
N SER D 57 -7.35 10.21 45.48
CA SER D 57 -6.81 10.12 44.12
C SER D 57 -5.30 10.32 44.05
N THR D 58 -4.66 10.72 45.15
CA THR D 58 -3.22 10.94 45.12
C THR D 58 -2.49 9.99 46.06
N PHE D 59 -2.44 10.33 47.35
CA PHE D 59 -1.78 9.53 48.37
C PHE D 59 -0.29 9.32 48.02
N LYS D 60 0.46 10.40 48.18
CA LYS D 60 1.90 10.42 47.93
C LYS D 60 2.60 10.73 49.25
N CYS D 61 3.37 9.77 49.75
CA CYS D 61 4.07 9.91 51.03
C CYS D 61 5.52 10.30 50.76
N TYR D 62 5.88 11.52 51.12
CA TYR D 62 7.22 12.05 50.93
C TYR D 62 8.00 11.95 52.23
N GLY D 63 9.20 11.35 52.16
CA GLY D 63 10.08 11.22 53.29
C GLY D 63 9.92 9.92 54.06
N VAL D 64 8.72 9.35 54.07
CA VAL D 64 8.44 8.10 54.75
C VAL D 64 7.74 7.16 53.77
N SER D 65 7.63 5.90 54.16
CA SER D 65 6.95 4.90 53.34
C SER D 65 5.50 4.78 53.77
N ALA D 66 4.60 4.69 52.78
CA ALA D 66 3.18 4.60 53.06
C ALA D 66 2.84 3.36 53.90
N THR D 67 3.69 2.34 53.86
CA THR D 67 3.49 1.13 54.64
C THR D 67 4.25 1.18 55.97
N LYS D 68 5.46 1.77 55.98
CA LYS D 68 6.27 1.78 57.18
C LYS D 68 5.69 2.68 58.26
N LEU D 69 4.85 3.66 57.90
CA LEU D 69 4.23 4.49 58.92
C LEU D 69 3.22 3.73 59.76
N ASN D 70 2.73 2.59 59.25
CA ASN D 70 1.77 1.79 60.01
C ASN D 70 2.42 1.12 61.20
N ASP D 71 3.69 0.75 61.08
CA ASP D 71 4.47 0.17 62.17
C ASP D 71 5.42 1.19 62.79
N LEU D 72 4.97 2.43 62.97
CA LEU D 72 5.82 3.50 63.47
C LEU D 72 5.09 4.31 64.53
N CYS D 73 5.86 4.83 65.47
CA CYS D 73 5.37 5.71 66.52
C CYS D 73 5.94 7.10 66.29
N PHE D 74 5.13 8.13 66.54
CA PHE D 74 5.53 9.50 66.27
C PHE D 74 5.33 10.35 67.53
N SER D 75 5.68 11.63 67.43
CA SER D 75 5.56 12.58 68.54
C SER D 75 4.30 13.44 68.44
N ASN D 76 4.03 13.98 67.25
CA ASN D 76 2.82 14.75 67.01
C ASN D 76 2.60 14.89 65.51
N VAL D 77 1.35 15.07 65.11
CA VAL D 77 0.95 15.14 63.70
C VAL D 77 0.22 16.46 63.47
N TYR D 78 0.60 17.16 62.40
CA TYR D 78 -0.05 18.40 61.99
C TYR D 78 -0.76 18.16 60.67
N ALA D 79 -2.09 18.12 60.70
CA ALA D 79 -2.91 17.89 59.53
C ALA D 79 -3.36 19.23 58.96
N ASP D 80 -2.93 19.53 57.74
CA ASP D 80 -3.29 20.77 57.07
C ASP D 80 -4.35 20.48 56.01
N SER D 81 -5.46 21.21 56.08
CA SER D 81 -6.60 21.03 55.18
C SER D 81 -6.80 22.28 54.34
N PHE D 82 -7.20 22.09 53.09
CA PHE D 82 -7.52 23.17 52.16
C PHE D 82 -8.14 22.55 50.92
N VAL D 83 -8.55 23.41 49.98
CA VAL D 83 -9.21 22.99 48.76
C VAL D 83 -8.57 23.71 47.59
N VAL D 84 -8.18 22.94 46.56
CA VAL D 84 -7.62 23.47 45.34
C VAL D 84 -8.21 22.71 44.16
N LYS D 85 -8.06 23.28 42.97
CA LYS D 85 -8.53 22.62 41.76
C LYS D 85 -7.66 21.40 41.47
N GLY D 86 -8.13 20.57 40.55
CA GLY D 86 -7.42 19.33 40.24
C GLY D 86 -6.01 19.57 39.73
N ASP D 87 -5.84 20.57 38.86
CA ASP D 87 -4.53 20.87 38.31
C ASP D 87 -3.60 21.52 39.32
N ASP D 88 -4.12 22.06 40.42
CA ASP D 88 -3.29 22.68 41.46
C ASP D 88 -2.82 21.70 42.52
N VAL D 89 -3.22 20.43 42.44
CA VAL D 89 -2.83 19.46 43.47
C VAL D 89 -1.36 19.08 43.34
N ARG D 90 -0.82 19.08 42.12
CA ARG D 90 0.57 18.69 41.91
C ARG D 90 1.57 19.62 42.58
N GLN D 91 1.13 20.81 43.02
CA GLN D 91 2.04 21.73 43.69
C GLN D 91 2.25 21.39 45.17
N ILE D 92 1.38 20.58 45.76
CA ILE D 92 1.53 20.19 47.15
C ILE D 92 2.56 19.07 47.24
N ALA D 93 3.82 19.42 46.98
CA ALA D 93 4.91 18.46 46.97
C ALA D 93 6.22 19.23 47.19
N PRO D 94 7.26 18.57 47.68
CA PRO D 94 8.53 19.26 47.89
C PRO D 94 9.10 19.75 46.56
N GLY D 95 9.53 21.01 46.54
CA GLY D 95 10.11 21.61 45.35
C GLY D 95 9.12 21.86 44.24
N GLN D 96 8.24 22.85 44.44
CA GLN D 96 7.30 23.26 43.41
C GLN D 96 7.27 24.78 43.35
N THR D 97 6.94 25.30 42.17
CA THR D 97 6.99 26.74 41.93
C THR D 97 5.79 27.20 41.10
N GLY D 98 4.58 26.88 41.57
CA GLY D 98 3.38 27.38 40.95
C GLY D 98 2.87 28.63 41.63
N VAL D 99 1.55 28.77 41.75
CA VAL D 99 0.95 29.85 42.52
C VAL D 99 0.55 29.37 43.91
N ILE D 100 -0.01 28.17 44.01
CA ILE D 100 -0.35 27.60 45.31
C ILE D 100 0.92 27.37 46.13
N ALA D 101 1.96 26.81 45.50
CA ALA D 101 3.19 26.51 46.20
C ALA D 101 4.03 27.74 46.49
N ASP D 102 3.78 28.86 45.81
CA ASP D 102 4.55 30.08 46.04
C ASP D 102 3.87 31.05 46.99
N TYR D 103 2.55 31.21 46.91
CA TYR D 103 1.85 32.23 47.66
C TYR D 103 0.80 31.69 48.62
N ASN D 104 0.59 30.38 48.67
CA ASN D 104 -0.48 29.82 49.49
C ASN D 104 0.00 28.76 50.46
N TYR D 105 0.72 27.75 49.96
CA TYR D 105 1.13 26.62 50.81
C TYR D 105 2.37 25.99 50.17
N LYS D 106 3.53 26.26 50.76
CA LYS D 106 4.80 25.73 50.28
C LYS D 106 5.25 24.62 51.22
N LEU D 107 5.45 23.44 50.67
CA LEU D 107 6.03 22.36 51.46
C LEU D 107 7.55 22.42 51.37
N PRO D 108 8.25 22.05 52.44
CA PRO D 108 9.72 22.09 52.40
C PRO D 108 10.27 21.03 51.47
N ASP D 109 11.50 21.27 51.01
CA ASP D 109 12.16 20.30 50.15
C ASP D 109 12.41 18.99 50.89
N ASP D 110 12.57 19.05 52.21
CA ASP D 110 12.73 17.88 53.05
C ASP D 110 11.44 17.52 53.79
N PHE D 111 10.30 17.62 53.10
CA PHE D 111 9.02 17.32 53.72
C PHE D 111 8.94 15.85 54.10
N MET D 112 8.34 15.58 55.27
CA MET D 112 8.26 14.23 55.84
C MET D 112 6.82 13.94 56.22
N GLY D 113 6.00 13.66 55.21
CA GLY D 113 4.62 13.33 55.47
C GLY D 113 3.96 12.76 54.23
N CYS D 114 2.62 12.72 54.26
CA CYS D 114 1.83 12.22 53.14
C CYS D 114 0.81 13.28 52.76
N VAL D 115 0.55 13.39 51.45
CA VAL D 115 -0.42 14.34 50.91
C VAL D 115 -1.56 13.54 50.31
N LEU D 116 -2.74 13.65 50.89
CA LEU D 116 -3.92 12.96 50.41
C LEU D 116 -4.93 13.97 49.86
N ALA D 117 -5.53 13.64 48.72
CA ALA D 117 -6.50 14.51 48.08
C ALA D 117 -7.54 13.66 47.36
N TRP D 118 -8.72 14.23 47.19
CA TRP D 118 -9.82 13.51 46.54
C TRP D 118 -10.79 14.52 45.93
N ASN D 119 -11.49 14.08 44.90
CA ASN D 119 -12.42 14.95 44.19
C ASN D 119 -13.67 15.20 45.02
N THR D 120 -14.10 16.47 45.06
CA THR D 120 -15.29 16.89 45.80
C THR D 120 -16.15 17.80 44.94
N ARG D 121 -16.41 17.39 43.71
CA ARG D 121 -17.24 18.19 42.82
C ARG D 121 -18.69 18.22 43.29
N ASN D 122 -19.23 17.07 43.70
CA ASN D 122 -20.61 17.01 44.16
C ASN D 122 -20.84 17.76 45.46
N ILE D 123 -19.78 18.08 46.20
CA ILE D 123 -19.89 18.72 47.51
C ILE D 123 -19.46 20.18 47.46
N ASP D 124 -18.39 20.49 46.73
CA ASP D 124 -17.81 21.83 46.74
C ASP D 124 -18.05 22.60 45.45
N ALA D 125 -18.89 22.10 44.55
CA ALA D 125 -19.19 22.79 43.30
C ALA D 125 -20.70 22.83 43.10
N THR D 126 -21.23 24.02 42.83
CA THR D 126 -22.64 24.22 42.57
C THR D 126 -22.82 24.73 41.14
N SER D 127 -24.01 24.46 40.58
CA SER D 127 -24.29 24.87 39.21
C SER D 127 -24.26 26.39 39.06
N THR D 128 -24.67 27.14 40.08
CA THR D 128 -24.58 28.59 40.03
C THR D 128 -23.15 29.08 40.19
N GLY D 129 -22.25 28.23 40.70
CA GLY D 129 -20.87 28.61 40.88
C GLY D 129 -20.49 28.80 42.33
N ASN D 130 -19.55 28.00 42.82
CA ASN D 130 -19.06 28.09 44.20
C ASN D 130 -17.80 28.96 44.17
N TYR D 131 -17.97 30.24 44.51
CA TYR D 131 -16.88 31.21 44.51
C TYR D 131 -16.28 31.43 45.90
N ASN D 132 -16.61 30.57 46.87
CA ASN D 132 -16.15 30.78 48.23
C ASN D 132 -14.65 30.52 48.37
N TYR D 133 -14.16 29.42 47.78
CA TYR D 133 -12.76 29.06 47.92
C TYR D 133 -11.89 30.06 47.17
N LYS D 134 -10.93 30.66 47.88
CA LYS D 134 -10.07 31.69 47.32
C LYS D 134 -8.61 31.27 47.44
N TYR D 135 -7.76 31.97 46.70
CA TYR D 135 -6.32 31.72 46.75
C TYR D 135 -5.58 33.03 46.52
N ARG D 136 -4.37 33.11 47.08
CA ARG D 136 -3.56 34.31 46.93
C ARG D 136 -2.84 34.27 45.58
N LEU D 137 -3.06 35.31 44.77
CA LEU D 137 -2.46 35.39 43.45
C LEU D 137 -1.20 36.24 43.42
N PHE D 138 -1.11 37.27 44.26
CA PHE D 138 0.02 38.19 44.27
C PHE D 138 0.61 38.26 45.67
N ARG D 139 1.93 38.32 45.74
CA ARG D 139 2.64 38.45 47.01
C ARG D 139 4.00 39.06 46.73
N LYS D 140 4.52 39.80 47.72
CA LYS D 140 5.82 40.44 47.59
C LYS D 140 6.92 39.41 47.37
N SER D 141 7.15 38.57 48.38
CA SER D 141 8.10 37.47 48.31
C SER D 141 7.33 36.15 48.24
N ASN D 142 8.09 35.05 48.11
CA ASN D 142 7.48 33.74 48.13
C ASN D 142 7.27 33.28 49.58
N LEU D 143 6.60 32.14 49.74
CA LEU D 143 6.30 31.61 51.06
C LEU D 143 7.36 30.60 51.48
N LYS D 144 7.92 30.81 52.66
CA LYS D 144 8.77 29.81 53.27
C LYS D 144 7.93 28.60 53.67
N PRO D 145 8.55 27.43 53.82
CA PRO D 145 7.78 26.22 54.15
C PRO D 145 6.88 26.40 55.37
N PHE D 146 5.61 26.01 55.20
CA PHE D 146 4.59 26.05 56.25
C PHE D 146 4.24 27.46 56.72
N GLU D 147 4.49 28.48 55.90
CA GLU D 147 4.11 29.84 56.25
C GLU D 147 2.69 30.13 55.80
N ARG D 148 2.10 31.15 56.41
CA ARG D 148 0.71 31.52 56.13
C ARG D 148 0.61 33.03 56.00
N ASP D 149 -0.31 33.47 55.14
CA ASP D 149 -0.50 34.88 54.84
C ASP D 149 -1.97 35.14 54.62
N ILE D 150 -2.57 35.96 55.47
CA ILE D 150 -3.99 36.32 55.38
C ILE D 150 -4.17 37.80 55.02
N SER D 151 -3.08 38.49 54.70
CA SER D 151 -3.15 39.92 54.43
C SER D 151 -3.95 40.18 53.15
N THR D 152 -4.84 41.17 53.21
CA THR D 152 -5.61 41.62 52.06
C THR D 152 -5.16 42.99 51.57
N GLU D 153 -3.89 43.33 51.81
CA GLU D 153 -3.38 44.62 51.39
C GLU D 153 -3.16 44.64 49.88
N ILE D 154 -3.51 45.77 49.26
CA ILE D 154 -3.45 45.89 47.80
C ILE D 154 -2.02 45.72 47.34
N TYR D 155 -1.78 44.72 46.49
CA TYR D 155 -0.45 44.49 45.95
C TYR D 155 -0.05 45.67 45.07
N GLN D 156 1.17 46.16 45.28
CA GLN D 156 1.69 47.33 44.57
C GLN D 156 2.88 46.92 43.71
N ALA D 157 2.70 46.94 42.39
CA ALA D 157 3.77 46.66 41.45
C ALA D 157 4.41 47.91 40.87
N GLY D 158 3.68 49.02 40.81
CA GLY D 158 4.13 50.25 40.19
C GLY D 158 4.69 51.26 41.18
N SER D 159 4.70 52.51 40.76
CA SER D 159 5.29 53.58 41.57
C SER D 159 4.27 54.28 42.46
N THR D 160 3.09 54.59 41.95
CA THR D 160 2.08 55.23 42.78
C THR D 160 1.65 54.28 43.90
N PRO D 161 1.60 54.73 45.15
CA PRO D 161 1.22 53.83 46.24
C PRO D 161 -0.24 53.43 46.16
N CYS D 162 -0.54 52.25 46.72
CA CYS D 162 -1.88 51.68 46.68
C CYS D 162 -2.46 51.62 48.09
N ASN D 163 -3.74 51.95 48.21
CA ASN D 163 -4.47 51.78 49.46
C ASN D 163 -5.78 51.03 49.21
N GLY D 164 -6.34 51.20 48.02
CA GLY D 164 -7.47 50.41 47.58
C GLY D 164 -7.18 49.77 46.22
N VAL D 165 -8.20 49.09 45.70
CA VAL D 165 -8.06 48.43 44.41
C VAL D 165 -8.19 49.50 43.32
N GLU D 166 -7.12 50.28 43.14
CA GLU D 166 -7.08 51.34 42.15
C GLU D 166 -6.69 50.79 40.79
N GLY D 167 -6.58 51.68 39.81
CA GLY D 167 -6.23 51.27 38.46
C GLY D 167 -4.84 50.71 38.28
N PHE D 168 -3.89 51.57 37.94
CA PHE D 168 -2.55 51.15 37.54
C PHE D 168 -1.80 50.50 38.69
N ASN D 169 -1.45 49.22 38.51
CA ASN D 169 -0.60 48.46 39.43
C ASN D 169 -1.16 48.32 40.84
N CYS D 170 -2.47 48.51 41.03
CA CYS D 170 -3.10 48.25 42.32
C CYS D 170 -4.15 47.16 42.11
N TYR D 171 -3.84 45.95 42.55
CA TYR D 171 -4.71 44.80 42.35
C TYR D 171 -4.98 44.12 43.69
N PHE D 172 -6.23 43.68 43.88
CA PHE D 172 -6.56 42.88 45.04
C PHE D 172 -5.79 41.56 44.96
N PRO D 173 -5.21 41.10 46.06
CA PRO D 173 -4.32 39.94 45.99
C PRO D 173 -5.06 38.61 45.86
N LEU D 174 -6.22 38.50 46.51
CA LEU D 174 -6.96 37.25 46.56
C LEU D 174 -7.86 37.11 45.34
N GLN D 175 -7.79 35.94 44.70
CA GLN D 175 -8.72 35.55 43.66
C GLN D 175 -9.49 34.32 44.13
N SER D 176 -10.67 34.12 43.57
CA SER D 176 -11.58 33.08 44.01
C SER D 176 -11.75 32.03 42.91
N TYR D 177 -11.74 30.76 43.32
CA TYR D 177 -11.99 29.67 42.40
C TYR D 177 -13.43 29.70 41.91
N GLY D 178 -13.65 29.20 40.71
CA GLY D 178 -14.98 29.02 40.17
C GLY D 178 -15.32 27.56 39.99
N PHE D 179 -16.09 27.00 40.94
CA PHE D 179 -16.35 25.56 40.99
C PHE D 179 -17.79 25.30 40.52
N GLN D 180 -17.93 25.01 39.24
CA GLN D 180 -19.16 24.55 38.62
C GLN D 180 -19.01 23.08 38.20
N PRO D 181 -20.11 22.32 38.17
CA PRO D 181 -19.98 20.88 37.89
C PRO D 181 -19.63 20.55 36.46
N THR D 182 -19.66 21.52 35.55
CA THR D 182 -19.30 21.28 34.15
C THR D 182 -17.83 21.54 33.86
N ASN D 183 -17.05 21.93 34.86
CA ASN D 183 -15.62 22.15 34.65
C ASN D 183 -14.91 20.82 34.42
N GLY D 184 -13.81 20.88 33.69
CA GLY D 184 -12.98 19.71 33.49
C GLY D 184 -12.37 19.23 34.80
N VAL D 185 -11.78 18.04 34.75
CA VAL D 185 -11.18 17.45 35.95
C VAL D 185 -10.10 18.36 36.52
N GLY D 186 -9.35 19.04 35.65
CA GLY D 186 -8.33 19.97 36.10
C GLY D 186 -8.88 21.18 36.84
N TYR D 187 -10.14 21.53 36.62
CA TYR D 187 -10.75 22.70 37.24
C TYR D 187 -11.87 22.33 38.21
N GLN D 188 -11.87 21.09 38.73
CA GLN D 188 -12.85 20.65 39.72
C GLN D 188 -12.29 20.75 41.12
N PRO D 189 -13.14 20.96 42.13
CA PRO D 189 -12.63 21.13 43.50
C PRO D 189 -12.13 19.83 44.09
N TYR D 190 -10.93 19.88 44.67
CA TYR D 190 -10.32 18.75 45.35
C TYR D 190 -9.97 19.16 46.78
N ARG D 191 -10.34 18.32 47.75
CA ARG D 191 -10.00 18.55 49.15
C ARG D 191 -8.68 17.85 49.47
N VAL D 192 -7.74 18.60 50.01
CA VAL D 192 -6.40 18.11 50.31
C VAL D 192 -6.19 18.10 51.81
N VAL D 193 -5.61 17.01 52.32
CA VAL D 193 -5.23 16.88 53.73
C VAL D 193 -3.77 16.49 53.76
N VAL D 194 -2.93 17.38 54.27
CA VAL D 194 -1.48 17.18 54.30
C VAL D 194 -1.11 16.69 55.69
N LEU D 195 -0.98 15.36 55.83
CA LEU D 195 -0.53 14.79 57.10
C LEU D 195 0.98 15.01 57.24
N SER D 196 1.36 15.77 58.26
CA SER D 196 2.76 16.10 58.51
C SER D 196 3.22 15.40 59.79
N PHE D 197 4.19 14.51 59.66
CA PHE D 197 4.75 13.79 60.79
C PHE D 197 6.04 14.47 61.24
N GLU D 198 6.28 14.45 62.54
CA GLU D 198 7.49 15.05 63.11
C GLU D 198 7.84 14.41 64.44
N ALA D 202 13.37 15.14 72.93
CA ALA D 202 12.01 15.19 72.41
C ALA D 202 11.43 13.78 72.27
N PRO D 203 10.36 13.50 73.02
CA PRO D 203 9.82 12.13 73.05
C PRO D 203 8.68 11.96 72.05
N ALA D 204 7.88 10.91 72.22
CA ALA D 204 6.83 10.54 71.27
C ALA D 204 5.54 10.32 72.04
N THR D 205 4.55 11.23 71.84
CA THR D 205 3.22 11.11 72.45
C THR D 205 2.16 11.61 71.48
N VAL D 206 1.88 10.82 70.44
CA VAL D 206 0.73 11.14 69.58
C VAL D 206 -0.14 9.93 69.31
N CYS D 207 0.34 8.98 68.51
CA CYS D 207 -0.53 7.90 68.05
C CYS D 207 0.33 6.74 67.55
N GLY D 208 -0.30 5.57 67.53
CA GLY D 208 0.34 4.36 67.06
C GLY D 208 -0.46 3.13 67.41
N PRO D 209 -0.61 2.20 66.45
CA PRO D 209 -1.42 0.98 66.65
C PRO D 209 -0.72 -0.03 67.56
#